data_9K29
#
_entry.id   9K29
#
_cell.length_a   1.00
_cell.length_b   1.00
_cell.length_c   1.00
_cell.angle_alpha   90.00
_cell.angle_beta   90.00
_cell.angle_gamma   90.00
#
_symmetry.space_group_name_H-M   'P 1'
#
loop_
_entity.id
_entity.type
_entity.pdbx_description
1 polymer 'Flagellar biosynthetic protein FliP'
2 polymer 'Flagellar biosynthetic protein FliR'
3 polymer 'Flagellar biosynthetic protein FliQ'
#
loop_
_entity_poly.entity_id
_entity_poly.type
_entity_poly.pdbx_seq_one_letter_code
_entity_poly.pdbx_strand_id
1 'polypeptide(L)'
;MRRLLFLSLAGLWLFSPAAAAQLPGLISQPLAGGGQSWSLSVQTLVFITSLTFLPAILLMMTSFTRIIIVFGLLRNALGT
PSAPPNQVLLGLALFLTFFIMSPVIDKIYVDAYQPFSEQKISMQEALDKGAQPLRAFMLRQTREADLALFARLANSGPLQ
GPEAVPMRILLPAYVTSELKTAFQIGFTIFIPFLIIDLVIASVLMALGMMMVPPATIALPFKLMLFVLVDGWQLLMGSLA
QSFYS
;
A,B,C,D,E
2 'polypeptide(L)'
;MIQVTSEQWLYWLHLYFWPLLRVLALISTAPILSERAIPKRVKLGLGIMITLVIAPSLPANDTPLFSIAALWLAMQQILI
GIALGFTMQFAFAAVRTAGEFIGLQMGLSFATFVDPGSHLNMPVLARIMDMLAMLLFLTFNGHLWLISLLVDTFHTLPIG
SNPVNSNAFMALARAGGLIFLNGLMLALPVITLLLTLNLALGLLNRMAPQLSIFVIGFPLTLTVGIMLMAALMPLIAPFC
EHLFSEIFNLLADIVSEMPINNNPHHHHHHHHHH
;
F
3 'polypeptide(L)'
;MTPESVMMMGTEAMKVALALAAPLLLVALITGLIISILQAATQINEMTLSFIPKIVAVFIAIIVAGPWMLNLLLDYVRTL
FSNLPYIIG
;
G,H,I,J
#
# COMPACT_ATOMS: atom_id res chain seq x y z
N TRP A 38 -4.10 -15.66 44.97
CA TRP A 38 -3.82 -16.48 43.80
C TRP A 38 -3.67 -15.60 42.56
N SER A 39 -4.30 -14.43 42.59
CA SER A 39 -4.18 -13.48 41.48
C SER A 39 -2.78 -12.88 41.40
N LEU A 40 -1.98 -13.05 42.45
CA LEU A 40 -0.61 -12.54 42.42
C LEU A 40 0.22 -13.25 41.36
N SER A 41 -0.05 -14.53 41.12
CA SER A 41 0.64 -15.27 40.09
C SER A 41 0.27 -14.84 38.68
N VAL A 42 -0.86 -14.13 38.52
CA VAL A 42 -1.18 -13.53 37.22
C VAL A 42 -0.63 -12.11 37.17
N GLN A 43 -0.58 -11.44 38.32
CA GLN A 43 0.01 -10.10 38.39
C GLN A 43 1.48 -10.14 38.01
N THR A 44 2.19 -11.19 38.46
CA THR A 44 3.61 -11.31 38.11
C THR A 44 3.78 -11.57 36.62
N LEU A 45 2.87 -12.33 36.01
CA LEU A 45 2.95 -12.56 34.56
C LEU A 45 2.70 -11.27 33.80
N VAL A 46 1.72 -10.48 34.24
CA VAL A 46 1.50 -9.16 33.65
C VAL A 46 2.72 -8.27 33.85
N PHE A 47 3.38 -8.36 35.00
CA PHE A 47 4.59 -7.58 35.24
C PHE A 47 5.69 -7.99 34.25
N ILE A 48 5.84 -9.29 34.01
CA ILE A 48 6.83 -9.75 33.03
C ILE A 48 6.49 -9.23 31.64
N THR A 49 5.20 -9.29 31.26
CA THR A 49 4.77 -8.81 29.96
C THR A 49 5.07 -7.32 29.80
N SER A 50 4.81 -6.54 30.85
CA SER A 50 5.13 -5.12 30.84
C SER A 50 6.64 -4.90 30.75
N LEU A 51 7.41 -5.72 31.46
CA LEU A 51 8.86 -5.59 31.48
C LEU A 51 9.46 -5.89 30.10
N THR A 52 8.76 -6.70 29.31
CA THR A 52 9.20 -6.95 27.94
C THR A 52 9.23 -5.66 27.13
N PHE A 53 8.47 -4.65 27.55
CA PHE A 53 8.45 -3.36 26.86
C PHE A 53 9.59 -2.45 27.33
N LEU A 54 10.27 -2.85 28.40
CA LEU A 54 11.35 -2.02 28.95
C LEU A 54 12.48 -1.74 27.98
N PRO A 55 12.99 -2.71 27.18
CA PRO A 55 14.21 -2.45 26.41
C PRO A 55 14.14 -1.27 25.45
N ALA A 56 12.97 -0.65 25.32
CA ALA A 56 12.87 0.60 24.59
C ALA A 56 13.69 1.69 25.27
N ILE A 57 13.70 1.71 26.61
CA ILE A 57 14.47 2.71 27.35
C ILE A 57 15.95 2.56 27.04
N LEU A 58 16.45 1.32 27.09
CA LEU A 58 17.87 1.08 26.83
C LEU A 58 18.23 1.42 25.40
N LEU A 59 17.30 1.24 24.45
CA LEU A 59 17.57 1.62 23.08
C LEU A 59 17.57 3.12 22.90
N MET A 60 16.75 3.84 23.67
CA MET A 60 16.86 5.29 23.72
C MET A 60 18.22 5.72 24.25
N MET A 61 18.71 5.05 25.28
CA MET A 61 20.01 5.40 25.82
C MET A 61 21.17 5.06 24.88
N THR A 62 20.92 4.25 23.85
CA THR A 62 21.94 3.89 22.88
C THR A 62 21.71 4.63 21.56
N SER A 63 22.52 4.29 20.55
CA SER A 63 22.45 4.92 19.24
C SER A 63 21.25 4.48 18.40
N PHE A 64 20.38 3.63 18.93
CA PHE A 64 19.32 3.05 18.12
C PHE A 64 18.40 4.09 17.49
N THR A 65 18.01 5.09 18.28
CA THR A 65 16.99 6.04 17.84
C THR A 65 17.42 6.85 16.62
N ARG A 66 18.73 7.05 16.43
CA ARG A 66 19.20 7.78 15.25
C ARG A 66 19.39 6.83 14.07
N ILE A 67 20.02 5.68 14.33
CA ILE A 67 20.37 4.75 13.26
C ILE A 67 19.12 4.20 12.58
N ILE A 68 18.13 3.80 13.38
CA ILE A 68 16.92 3.21 12.81
C ILE A 68 16.15 4.24 12.00
N ILE A 69 16.16 5.50 12.45
CA ILE A 69 15.46 6.55 11.73
C ILE A 69 16.16 6.84 10.40
N VAL A 70 17.49 6.89 10.42
CA VAL A 70 18.24 7.12 9.18
C VAL A 70 17.97 5.99 8.19
N PHE A 71 17.94 4.75 8.69
CA PHE A 71 17.73 3.63 7.79
C PHE A 71 16.30 3.58 7.27
N GLY A 72 15.32 3.98 8.07
CA GLY A 72 13.97 4.11 7.57
C GLY A 72 13.85 5.19 6.51
N LEU A 73 14.55 6.31 6.71
CA LEU A 73 14.57 7.35 5.69
C LEU A 73 15.20 6.85 4.41
N LEU A 74 16.26 6.05 4.52
CA LEU A 74 16.85 5.44 3.32
C LEU A 74 15.88 4.48 2.64
N ARG A 75 15.13 3.71 3.42
CA ARG A 75 14.12 2.83 2.85
C ARG A 75 13.08 3.62 2.07
N ASN A 76 12.62 4.74 2.63
CA ASN A 76 11.74 5.63 1.88
C ASN A 76 12.44 6.21 0.66
N ALA A 77 13.75 6.43 0.75
CA ALA A 77 14.52 6.99 -0.36
C ALA A 77 14.53 6.06 -1.55
N LEU A 78 14.69 4.76 -1.31
CA LEU A 78 14.78 3.83 -2.43
C LEU A 78 13.47 3.68 -3.19
N GLY A 79 12.40 4.36 -2.75
CA GLY A 79 11.12 4.24 -3.42
C GLY A 79 10.48 2.88 -3.29
N THR A 80 11.02 2.03 -2.42
CA THR A 80 10.51 0.68 -2.21
C THR A 80 10.32 0.44 -0.72
N PRO A 81 9.23 0.96 -0.14
CA PRO A 81 8.99 0.77 1.29
C PRO A 81 8.90 -0.71 1.65
N SER A 82 9.47 -1.04 2.81
CA SER A 82 9.49 -2.40 3.33
C SER A 82 10.10 -3.38 2.33
N ALA A 83 11.12 -2.93 1.60
CA ALA A 83 11.90 -3.87 0.80
C ALA A 83 12.83 -4.70 1.68
N PRO A 84 13.60 -4.11 2.59
CA PRO A 84 14.09 -4.88 3.73
C PRO A 84 13.08 -4.82 4.86
N PRO A 85 12.61 -5.96 5.34
CA PRO A 85 11.57 -5.95 6.38
C PRO A 85 12.04 -5.22 7.64
N ASN A 86 11.08 -4.83 8.46
CA ASN A 86 11.39 -4.11 9.69
C ASN A 86 12.30 -4.95 10.60
N GLN A 87 12.16 -6.27 10.56
CA GLN A 87 13.04 -7.12 11.36
C GLN A 87 14.50 -6.98 10.92
N VAL A 88 14.74 -6.98 9.61
CA VAL A 88 16.11 -6.86 9.10
C VAL A 88 16.69 -5.51 9.48
N LEU A 89 15.93 -4.44 9.28
CA LEU A 89 16.41 -3.10 9.58
C LEU A 89 16.70 -2.95 11.07
N LEU A 90 15.80 -3.47 11.91
CA LEU A 90 15.98 -3.44 13.35
C LEU A 90 17.20 -4.23 13.80
N GLY A 91 17.43 -5.42 13.23
CA GLY A 91 18.59 -6.21 13.60
C GLY A 91 19.90 -5.57 13.20
N LEU A 92 19.95 -5.02 11.99
CA LEU A 92 21.19 -4.35 11.56
C LEU A 92 21.42 -3.07 12.35
N ALA A 93 20.34 -2.35 12.72
CA ALA A 93 20.49 -1.20 13.60
C ALA A 93 21.03 -1.63 14.97
N LEU A 94 20.53 -2.74 15.49
CA LEU A 94 21.04 -3.24 16.77
C LEU A 94 22.52 -3.59 16.68
N PHE A 95 22.92 -4.22 15.58
CA PHE A 95 24.34 -4.56 15.42
C PHE A 95 25.20 -3.31 15.33
N LEU A 96 24.74 -2.30 14.59
CA LEU A 96 25.50 -1.06 14.50
C LEU A 96 25.62 -0.39 15.86
N THR A 97 24.53 -0.38 16.64
CA THR A 97 24.58 0.21 17.97
C THR A 97 25.52 -0.55 18.89
N PHE A 98 25.49 -1.89 18.80
CA PHE A 98 26.40 -2.69 19.62
C PHE A 98 27.86 -2.39 19.26
N PHE A 99 28.14 -2.21 17.97
CA PHE A 99 29.48 -1.79 17.58
C PHE A 99 29.82 -0.42 18.13
N ILE A 100 28.89 0.52 18.06
CA ILE A 100 29.17 1.90 18.48
C ILE A 100 29.26 1.99 19.99
N MET A 101 28.31 1.37 20.70
CA MET A 101 28.18 1.51 22.14
C MET A 101 29.06 0.53 22.92
N SER A 102 29.96 -0.17 22.23
CA SER A 102 30.79 -1.16 22.92
C SER A 102 31.66 -0.58 24.01
N PRO A 103 32.38 0.54 23.81
CA PRO A 103 33.16 1.10 24.94
C PRO A 103 32.28 1.49 26.13
N VAL A 104 31.09 2.04 25.87
CA VAL A 104 30.19 2.40 26.96
C VAL A 104 29.73 1.15 27.70
N ILE A 105 29.41 0.08 26.95
CA ILE A 105 29.02 -1.18 27.57
C ILE A 105 30.16 -1.74 28.41
N ASP A 106 31.40 -1.62 27.92
CA ASP A 106 32.54 -2.10 28.69
C ASP A 106 32.72 -1.32 29.97
N LYS A 107 32.56 0.01 29.90
CA LYS A 107 32.65 0.83 31.11
C LYS A 107 31.58 0.46 32.11
N ILE A 108 30.35 0.25 31.63
CA ILE A 108 29.27 -0.16 32.53
C ILE A 108 29.57 -1.52 33.15
N TYR A 109 30.08 -2.44 32.35
CA TYR A 109 30.46 -3.78 32.80
C TYR A 109 31.49 -3.72 33.91
N VAL A 110 32.55 -2.95 33.71
CA VAL A 110 33.65 -2.91 34.67
C VAL A 110 33.28 -2.04 35.86
N ASP A 111 32.25 -1.21 35.73
CA ASP A 111 31.85 -0.32 36.80
C ASP A 111 30.59 -0.77 37.54
N ALA A 112 29.62 -1.35 36.84
CA ALA A 112 28.33 -1.67 37.44
C ALA A 112 28.02 -3.17 37.47
N TYR A 113 28.21 -3.86 36.35
CA TYR A 113 27.79 -5.26 36.28
C TYR A 113 28.70 -6.17 37.09
N GLN A 114 30.02 -5.99 36.99
CA GLN A 114 30.92 -6.93 37.65
C GLN A 114 30.93 -6.81 39.17
N PRO A 115 30.75 -5.64 39.79
CA PRO A 115 30.66 -5.63 41.26
C PRO A 115 29.28 -5.96 41.79
N PHE A 116 28.30 -6.24 40.93
CA PHE A 116 26.94 -6.45 41.38
C PHE A 116 26.48 -7.88 41.04
N SER A 117 27.16 -8.51 40.09
CA SER A 117 26.83 -9.89 39.75
C SER A 117 27.08 -10.83 40.92
N GLU A 118 28.16 -10.63 41.67
CA GLU A 118 28.49 -11.45 42.83
C GLU A 118 28.12 -10.76 44.14
N GLN A 119 27.30 -9.72 44.06
CA GLN A 119 26.76 -9.02 45.23
C GLN A 119 27.88 -8.41 46.09
N LYS A 120 28.61 -7.49 45.48
CA LYS A 120 29.64 -6.73 46.18
C LYS A 120 29.27 -5.26 46.37
N ILE A 121 28.10 -4.84 45.86
CA ILE A 121 27.74 -3.43 45.85
C ILE A 121 26.23 -3.34 45.77
N SER A 122 25.67 -2.22 46.24
CA SER A 122 24.23 -2.05 46.29
C SER A 122 23.68 -1.67 44.91
N MET A 123 22.40 -1.96 44.71
CA MET A 123 21.75 -1.70 43.43
C MET A 123 21.51 -0.21 43.23
N GLN A 124 21.08 0.49 44.28
CA GLN A 124 20.74 1.90 44.15
C GLN A 124 21.93 2.73 43.71
N GLU A 125 23.14 2.38 44.17
CA GLU A 125 24.34 3.12 43.81
C GLU A 125 25.03 2.54 42.58
N ALA A 126 24.88 1.24 42.31
CA ALA A 126 25.36 0.68 41.06
C ALA A 126 24.61 1.26 39.87
N LEU A 127 23.32 1.58 40.04
CA LEU A 127 22.57 2.26 39.00
C LEU A 127 23.18 3.62 38.69
N ASP A 128 23.60 4.34 39.73
CA ASP A 128 24.30 5.60 39.54
C ASP A 128 25.63 5.37 38.82
N LYS A 129 26.35 4.31 39.21
CA LYS A 129 27.59 3.97 38.53
C LYS A 129 27.37 3.61 37.06
N GLY A 130 26.18 3.08 36.74
CA GLY A 130 25.86 2.73 35.38
C GLY A 130 25.40 3.88 34.51
N ALA A 131 25.39 5.10 35.04
CA ALA A 131 24.93 6.26 34.29
C ALA A 131 26.02 7.27 33.98
N GLN A 132 27.08 7.35 34.78
CA GLN A 132 28.12 8.36 34.54
C GLN A 132 28.76 8.22 33.16
N PRO A 133 29.20 7.04 32.71
CA PRO A 133 29.61 6.93 31.31
C PRO A 133 28.48 7.29 30.36
N LEU A 134 27.26 6.89 30.69
CA LEU A 134 26.11 7.30 29.89
C LEU A 134 25.90 8.80 29.95
N ARG A 135 26.16 9.41 31.11
CA ARG A 135 26.05 10.87 31.22
C ARG A 135 27.01 11.57 30.26
N ALA A 136 28.29 11.17 30.31
CA ALA A 136 29.29 11.77 29.42
C ALA A 136 28.98 11.47 27.96
N PHE A 137 28.38 10.32 27.69
CA PHE A 137 28.03 9.96 26.32
C PHE A 137 26.83 10.78 25.82
N MET A 138 25.88 11.07 26.70
CA MET A 138 24.73 11.89 26.33
C MET A 138 25.15 13.32 26.07
N LEU A 139 25.94 13.90 26.99
CA LEU A 139 26.25 15.32 26.91
C LEU A 139 27.01 15.68 25.65
N ARG A 140 27.67 14.71 25.01
CA ARG A 140 28.43 15.02 23.80
C ARG A 140 27.50 15.17 22.60
N GLN A 141 26.39 14.43 22.56
CA GLN A 141 25.49 14.42 21.42
C GLN A 141 24.23 15.24 21.63
N THR A 142 24.09 15.91 22.78
CA THR A 142 22.88 16.65 23.10
C THR A 142 23.07 18.13 22.77
N ARG A 143 22.13 18.69 22.00
CA ARG A 143 22.19 20.09 21.64
C ARG A 143 21.80 20.98 22.82
N GLU A 144 22.27 22.23 22.77
CA GLU A 144 22.01 23.16 23.85
C GLU A 144 20.55 23.60 23.88
N ALA A 145 19.92 23.71 22.70
CA ALA A 145 18.54 24.19 22.63
C ALA A 145 17.58 23.25 23.34
N ASP A 146 17.74 21.93 23.14
CA ASP A 146 16.86 20.97 23.79
C ASP A 146 17.02 21.02 25.31
N LEU A 147 18.27 21.09 25.79
CA LEU A 147 18.49 21.17 27.22
C LEU A 147 17.89 22.44 27.80
N ALA A 148 18.04 23.57 27.10
CA ALA A 148 17.46 24.82 27.58
C ALA A 148 15.94 24.73 27.63
N LEU A 149 15.32 24.16 26.59
CA LEU A 149 13.87 24.02 26.57
C LEU A 149 13.38 23.16 27.73
N PHE A 150 14.03 22.01 27.94
CA PHE A 150 13.58 21.11 28.99
C PHE A 150 13.87 21.67 30.38
N ALA A 151 14.93 22.45 30.55
CA ALA A 151 15.15 23.15 31.82
C ALA A 151 14.08 24.19 32.06
N ARG A 152 13.69 24.93 31.01
CA ARG A 152 12.64 25.93 31.16
C ARG A 152 11.30 25.30 31.50
N LEU A 153 10.95 24.18 30.86
CA LEU A 153 9.66 23.55 31.09
C LEU A 153 9.66 22.57 32.25
N ALA A 154 10.81 22.28 32.85
CA ALA A 154 10.89 21.41 34.01
C ALA A 154 10.87 22.19 35.33
N ASN A 155 10.82 23.53 35.26
CA ASN A 155 10.80 24.38 36.45
C ASN A 155 11.98 24.09 37.37
N SER A 156 13.15 23.86 36.78
CA SER A 156 14.36 23.58 37.54
C SER A 156 15.14 24.87 37.79
N GLY A 157 15.88 24.89 38.89
CA GLY A 157 16.69 26.03 39.23
C GLY A 157 18.00 26.05 38.48
N PRO A 158 18.78 27.11 38.72
CA PRO A 158 20.10 27.21 38.06
C PRO A 158 21.00 26.06 38.47
N LEU A 159 21.80 25.59 37.52
CA LEU A 159 22.71 24.47 37.72
C LEU A 159 24.15 24.97 37.61
N GLN A 160 24.98 24.60 38.58
CA GLN A 160 26.37 25.01 38.60
C GLN A 160 27.27 24.12 37.76
N GLY A 161 26.95 22.84 37.64
CA GLY A 161 27.78 21.91 36.90
C GLY A 161 26.96 20.99 36.02
N PRO A 162 27.58 20.54 34.91
CA PRO A 162 26.88 19.61 34.02
C PRO A 162 26.50 18.30 34.69
N GLU A 163 27.28 17.84 35.66
CA GLU A 163 26.96 16.59 36.35
C GLU A 163 25.68 16.71 37.15
N ALA A 164 25.29 17.93 37.51
CA ALA A 164 24.06 18.14 38.27
C ALA A 164 22.80 17.89 37.44
N VAL A 165 22.93 17.74 36.13
CA VAL A 165 21.79 17.52 35.24
C VAL A 165 21.24 16.12 35.48
N PRO A 166 19.99 15.97 35.90
CA PRO A 166 19.42 14.65 36.15
C PRO A 166 19.05 13.94 34.85
N MET A 167 18.73 12.65 34.99
CA MET A 167 18.36 11.84 33.83
C MET A 167 17.01 12.26 33.27
N ARG A 168 16.07 12.62 34.13
CA ARG A 168 14.71 12.93 33.68
C ARG A 168 14.68 14.09 32.69
N ILE A 169 15.68 14.96 32.71
CA ILE A 169 15.75 16.08 31.79
C ILE A 169 16.73 15.83 30.66
N LEU A 170 17.79 15.05 30.93
CA LEU A 170 18.80 14.80 29.91
C LEU A 170 18.29 13.82 28.86
N LEU A 171 17.56 12.78 29.29
CA LEU A 171 17.09 11.76 28.35
C LEU A 171 16.16 12.33 27.27
N PRO A 172 15.10 13.07 27.59
CA PRO A 172 14.25 13.57 26.49
C PRO A 172 14.97 14.55 25.58
N ALA A 173 15.84 15.39 26.14
CA ALA A 173 16.62 16.30 25.30
C ALA A 173 17.53 15.53 24.36
N TYR A 174 18.17 14.48 24.88
CA TYR A 174 19.03 13.66 24.03
C TYR A 174 18.22 12.98 22.93
N VAL A 175 17.04 12.46 23.27
CA VAL A 175 16.22 11.79 22.27
C VAL A 175 15.78 12.78 21.19
N THR A 176 15.38 13.98 21.58
CA THR A 176 14.98 14.98 20.60
C THR A 176 16.14 15.40 19.72
N SER A 177 17.32 15.59 20.30
CA SER A 177 18.50 15.94 19.51
C SER A 177 18.87 14.83 18.54
N GLU A 178 18.77 13.58 18.99
CA GLU A 178 19.04 12.44 18.11
C GLU A 178 18.03 12.38 16.98
N LEU A 179 16.76 12.64 17.28
CA LEU A 179 15.74 12.73 16.24
C LEU A 179 16.11 13.79 15.20
N LYS A 180 16.48 14.97 15.67
CA LYS A 180 16.81 16.07 14.76
C LYS A 180 18.01 15.72 13.88
N THR A 181 19.08 15.21 14.48
CA THR A 181 20.27 14.91 13.69
C THR A 181 20.05 13.71 12.77
N ALA A 182 19.24 12.73 13.20
CA ALA A 182 18.92 11.61 12.34
C ALA A 182 18.14 12.07 11.12
N PHE A 183 17.17 12.96 11.32
CA PHE A 183 16.42 13.48 10.18
C PHE A 183 17.30 14.32 9.27
N GLN A 184 18.22 15.10 9.85
CA GLN A 184 19.14 15.87 9.03
C GLN A 184 20.02 14.97 8.17
N ILE A 185 20.59 13.93 8.77
CA ILE A 185 21.41 12.98 8.02
C ILE A 185 20.59 12.30 6.94
N GLY A 186 19.39 11.84 7.30
CA GLY A 186 18.55 11.16 6.34
C GLY A 186 18.18 12.04 5.17
N PHE A 187 17.86 13.31 5.43
CA PHE A 187 17.50 14.22 4.35
C PHE A 187 18.71 14.62 3.51
N THR A 188 19.89 14.74 4.10
CA THR A 188 21.08 14.99 3.29
C THR A 188 21.38 13.83 2.36
N ILE A 189 21.21 12.59 2.84
CA ILE A 189 21.41 11.42 1.99
C ILE A 189 20.23 11.24 1.04
N PHE A 190 19.08 11.81 1.38
CA PHE A 190 17.83 11.53 0.69
C PHE A 190 17.76 12.31 -0.62
N ILE A 191 18.66 13.28 -0.80
CA ILE A 191 18.63 14.13 -1.99
C ILE A 191 18.91 13.36 -3.29
N PRO A 192 20.08 12.70 -3.47
CA PRO A 192 20.42 12.20 -4.81
C PRO A 192 19.39 11.24 -5.38
N PHE A 193 18.71 10.49 -4.51
CA PHE A 193 17.68 9.58 -5.00
C PHE A 193 16.49 10.33 -5.59
N LEU A 194 16.05 11.42 -4.95
CA LEU A 194 15.00 12.22 -5.56
C LEU A 194 15.50 12.98 -6.77
N ILE A 195 16.79 13.34 -6.81
CA ILE A 195 17.35 13.94 -8.02
C ILE A 195 17.24 12.97 -9.17
N ILE A 196 17.59 11.71 -8.94
CA ILE A 196 17.44 10.67 -9.96
C ILE A 196 15.98 10.51 -10.34
N ASP A 197 15.08 10.51 -9.35
CA ASP A 197 13.65 10.39 -9.63
C ASP A 197 13.17 11.50 -10.55
N LEU A 198 13.52 12.75 -10.22
CA LEU A 198 13.09 13.89 -11.01
C LEU A 198 13.67 13.83 -12.42
N VAL A 199 14.96 13.50 -12.53
CA VAL A 199 15.60 13.45 -13.86
C VAL A 199 14.94 12.38 -14.72
N ILE A 200 14.72 11.20 -14.16
CA ILE A 200 14.13 10.11 -14.94
C ILE A 200 12.70 10.43 -15.31
N ALA A 201 11.93 11.01 -14.38
CA ALA A 201 10.56 11.38 -14.69
C ALA A 201 10.51 12.43 -15.80
N SER A 202 11.38 13.43 -15.75
CA SER A 202 11.42 14.45 -16.78
C SER A 202 11.80 13.86 -18.14
N VAL A 203 12.78 12.96 -18.16
CA VAL A 203 13.21 12.36 -19.43
C VAL A 203 12.09 11.51 -20.01
N LEU A 204 11.46 10.68 -19.18
CA LEU A 204 10.37 9.83 -19.64
C LEU A 204 9.21 10.68 -20.16
N MET A 205 8.89 11.78 -19.46
CA MET A 205 7.79 12.62 -19.91
C MET A 205 8.13 13.34 -21.20
N ALA A 206 9.37 13.80 -21.35
CA ALA A 206 9.82 14.40 -22.59
C ALA A 206 9.86 13.42 -23.75
N LEU A 207 9.97 12.13 -23.47
CA LEU A 207 9.85 11.11 -24.50
C LEU A 207 8.41 10.74 -24.79
N GLY A 208 7.45 11.41 -24.16
CA GLY A 208 6.04 11.11 -24.41
C GLY A 208 5.51 9.94 -23.62
N MET A 209 6.34 9.32 -22.77
CA MET A 209 5.96 8.15 -22.00
C MET A 209 5.24 8.61 -20.74
N MET A 210 3.99 9.05 -20.91
CA MET A 210 3.22 9.57 -19.79
C MET A 210 2.71 8.46 -18.87
N MET A 211 2.44 7.27 -19.41
CA MET A 211 1.90 6.18 -18.61
C MET A 211 2.97 5.31 -17.98
N VAL A 212 4.23 5.49 -18.34
CA VAL A 212 5.30 4.70 -17.71
C VAL A 212 5.56 5.25 -16.31
N PRO A 213 5.56 4.41 -15.28
CA PRO A 213 5.78 4.92 -13.93
C PRO A 213 7.26 5.11 -13.66
N PRO A 214 7.68 6.33 -13.31
CA PRO A 214 9.12 6.59 -13.14
C PRO A 214 9.76 5.78 -12.03
N ALA A 215 9.00 5.30 -11.05
CA ALA A 215 9.60 4.59 -9.92
C ALA A 215 10.25 3.28 -10.36
N THR A 216 9.59 2.54 -11.25
CA THR A 216 10.09 1.24 -11.67
C THR A 216 11.39 1.35 -12.46
N ILE A 217 11.65 2.50 -13.09
CA ILE A 217 12.92 2.69 -13.78
C ILE A 217 13.94 3.36 -12.86
N ALA A 218 13.49 4.17 -11.91
CA ALA A 218 14.42 4.86 -11.03
C ALA A 218 15.00 3.92 -9.98
N LEU A 219 14.25 2.91 -9.55
CA LEU A 219 14.76 1.98 -8.56
C LEU A 219 16.01 1.25 -9.03
N PRO A 220 16.06 0.64 -10.22
CA PRO A 220 17.32 0.02 -10.66
C PRO A 220 18.46 1.02 -10.80
N PHE A 221 18.19 2.23 -11.27
CA PHE A 221 19.25 3.22 -11.39
C PHE A 221 19.71 3.70 -10.01
N LYS A 222 18.78 3.86 -9.07
CA LYS A 222 19.14 4.22 -7.71
C LYS A 222 20.03 3.16 -7.08
N LEU A 223 19.66 1.88 -7.25
CA LEU A 223 20.49 0.81 -6.71
C LEU A 223 21.84 0.74 -7.43
N MET A 224 21.86 1.00 -8.74
CA MET A 224 23.12 1.02 -9.46
C MET A 224 24.06 2.09 -8.91
N LEU A 225 23.53 3.29 -8.68
CA LEU A 225 24.36 4.34 -8.10
C LEU A 225 24.80 3.97 -6.68
N PHE A 226 23.88 3.43 -5.88
CA PHE A 226 24.21 3.12 -4.49
C PHE A 226 25.24 2.01 -4.40
N VAL A 227 25.31 1.14 -5.41
CA VAL A 227 26.34 0.11 -5.44
C VAL A 227 27.64 0.67 -6.00
N LEU A 228 27.56 1.53 -7.01
CA LEU A 228 28.75 2.12 -7.61
C LEU A 228 29.52 2.96 -6.62
N VAL A 229 28.81 3.74 -5.81
CA VAL A 229 29.47 4.59 -4.82
C VAL A 229 29.52 3.81 -3.51
N ASP A 230 29.26 2.50 -3.60
CA ASP A 230 29.24 1.54 -2.48
C ASP A 230 28.71 2.20 -1.21
N GLY A 231 27.53 2.83 -1.34
CA GLY A 231 26.99 3.71 -0.33
C GLY A 231 26.73 3.06 1.01
N TRP A 232 26.68 1.73 1.08
CA TRP A 232 26.51 1.07 2.37
C TRP A 232 27.71 1.34 3.27
N GLN A 233 28.93 1.17 2.73
CA GLN A 233 30.14 1.41 3.52
C GLN A 233 30.22 2.86 3.95
N LEU A 234 29.97 3.80 3.04
CA LEU A 234 30.04 5.21 3.39
C LEU A 234 28.99 5.58 4.42
N LEU A 235 27.78 5.01 4.28
CA LEU A 235 26.72 5.31 5.24
C LEU A 235 27.08 4.79 6.63
N MET A 236 27.59 3.56 6.71
CA MET A 236 27.99 3.00 8.00
C MET A 236 29.10 3.84 8.62
N GLY A 237 30.13 4.16 7.83
CA GLY A 237 31.23 4.95 8.36
C GLY A 237 30.81 6.34 8.79
N SER A 238 29.95 6.98 7.98
CA SER A 238 29.48 8.32 8.33
C SER A 238 28.67 8.29 9.62
N LEU A 239 27.76 7.32 9.76
CA LEU A 239 27.02 7.21 11.00
C LEU A 239 27.95 7.01 12.19
N ALA A 240 28.88 6.07 12.09
CA ALA A 240 29.80 5.78 13.19
C ALA A 240 30.66 6.98 13.56
N GLN A 241 31.25 7.66 12.57
CA GLN A 241 32.13 8.78 12.87
C GLN A 241 31.35 9.99 13.38
N SER A 242 30.23 10.33 12.73
CA SER A 242 29.44 11.46 13.17
C SER A 242 28.81 11.22 14.53
N PHE A 243 28.66 9.95 14.93
CA PHE A 243 28.08 9.69 16.24
C PHE A 243 29.17 9.62 17.30
N TYR A 244 30.37 9.19 16.93
CA TYR A 244 31.52 9.30 17.83
C TYR A 244 31.86 10.76 18.13
N SER A 245 31.86 11.60 17.10
CA SER A 245 32.19 13.01 17.26
C SER A 245 30.98 13.81 17.73
N GLN B 22 19.68 -23.51 35.46
CA GLN B 22 19.89 -23.12 34.07
C GLN B 22 19.71 -21.62 33.88
N LEU B 23 18.61 -21.25 33.24
CA LEU B 23 18.34 -19.85 32.96
C LEU B 23 17.99 -19.12 34.27
N PRO B 24 18.28 -17.82 34.38
CA PRO B 24 17.92 -17.08 35.59
C PRO B 24 16.41 -16.90 35.72
N GLY B 25 15.96 -16.36 36.84
CA GLY B 25 14.53 -16.24 37.07
C GLY B 25 14.09 -15.11 37.97
N LEU B 26 12.91 -15.26 38.58
CA LEU B 26 12.30 -14.21 39.39
C LEU B 26 11.82 -14.82 40.69
N ILE B 27 11.84 -14.01 41.76
CA ILE B 27 11.33 -14.40 43.06
C ILE B 27 10.31 -13.34 43.49
N SER B 28 9.19 -13.81 44.03
CA SER B 28 8.10 -12.91 44.41
C SER B 28 7.59 -13.32 45.79
N GLN B 29 7.50 -12.36 46.70
CA GLN B 29 6.95 -12.57 48.04
C GLN B 29 5.94 -11.47 48.35
N PRO B 30 4.74 -11.81 48.79
CA PRO B 30 3.75 -10.77 49.13
C PRO B 30 4.20 -9.94 50.33
N LEU B 31 3.79 -8.68 50.35
CA LEU B 31 4.04 -7.76 51.46
C LEU B 31 2.70 -7.27 51.98
N ALA B 32 2.33 -7.76 53.16
CA ALA B 32 1.08 -7.33 53.82
C ALA B 32 -0.14 -7.67 52.96
N GLY B 33 -1.21 -6.87 53.10
CA GLY B 33 -2.44 -7.11 52.39
C GLY B 33 -2.41 -6.65 50.94
N GLY B 34 -2.60 -7.59 50.02
CA GLY B 34 -2.65 -7.27 48.60
C GLY B 34 -1.38 -6.67 48.04
N GLY B 35 -0.24 -7.24 48.43
CA GLY B 35 1.06 -6.73 47.96
C GLY B 35 1.92 -7.81 47.34
N GLN B 36 2.91 -7.42 46.54
CA GLN B 36 3.82 -8.40 45.89
C GLN B 36 5.18 -7.73 45.64
N SER B 37 6.27 -8.49 45.75
CA SER B 37 7.63 -7.93 45.51
C SER B 37 8.36 -8.80 44.49
N TRP B 38 8.92 -8.18 43.43
CA TRP B 38 9.62 -8.96 42.37
C TRP B 38 11.13 -8.80 42.52
N SER B 39 11.79 -9.78 43.15
CA SER B 39 13.27 -9.75 43.27
C SER B 39 13.89 -10.17 41.93
N LEU B 40 14.88 -9.42 41.43
CA LEU B 40 15.43 -9.72 40.09
C LEU B 40 16.92 -9.39 40.01
N SER B 41 17.70 -10.23 39.34
CA SER B 41 19.12 -9.94 39.12
C SER B 41 19.29 -9.18 37.82
N VAL B 42 20.54 -9.00 37.38
CA VAL B 42 20.81 -8.36 36.10
C VAL B 42 20.75 -9.34 34.94
N GLN B 43 21.21 -10.58 35.14
CA GLN B 43 21.13 -11.57 34.07
C GLN B 43 19.70 -11.84 33.64
N THR B 44 18.78 -12.00 34.61
CA THR B 44 17.39 -12.24 34.25
C THR B 44 16.77 -11.03 33.59
N LEU B 45 17.16 -9.82 34.00
CA LEU B 45 16.62 -8.61 33.39
C LEU B 45 17.07 -8.49 31.93
N VAL B 46 18.37 -8.71 31.67
CA VAL B 46 18.85 -8.64 30.30
C VAL B 46 18.27 -9.78 29.47
N PHE B 47 18.03 -10.94 30.07
CA PHE B 47 17.38 -12.03 29.35
C PHE B 47 15.95 -11.66 28.95
N ILE B 48 15.19 -11.07 29.88
CA ILE B 48 13.83 -10.66 29.56
C ILE B 48 13.82 -9.59 28.48
N THR B 49 14.73 -8.62 28.56
CA THR B 49 14.77 -7.58 27.54
C THR B 49 15.19 -8.14 26.19
N SER B 50 16.04 -9.17 26.18
CA SER B 50 16.58 -9.69 24.93
C SER B 50 15.55 -10.55 24.18
N LEU B 51 14.53 -11.05 24.88
CA LEU B 51 13.58 -11.96 24.24
C LEU B 51 12.84 -11.33 23.08
N THR B 52 12.61 -10.02 23.11
CA THR B 52 11.91 -9.37 22.00
C THR B 52 12.84 -9.04 20.85
N PHE B 53 14.16 -9.09 21.07
CA PHE B 53 15.14 -8.74 20.04
C PHE B 53 15.82 -9.94 19.42
N LEU B 54 16.05 -11.01 20.19
CA LEU B 54 16.88 -12.10 19.69
C LEU B 54 16.30 -12.85 18.50
N PRO B 55 14.97 -12.92 18.28
CA PRO B 55 14.51 -13.50 17.01
C PRO B 55 15.05 -12.78 15.79
N ALA B 56 15.20 -11.46 15.86
CA ALA B 56 15.82 -10.72 14.77
C ALA B 56 17.33 -10.89 14.76
N ILE B 57 17.95 -10.99 15.93
CA ILE B 57 19.41 -11.08 15.99
C ILE B 57 19.88 -12.41 15.39
N LEU B 58 19.22 -13.51 15.75
CA LEU B 58 19.59 -14.81 15.19
C LEU B 58 19.40 -14.84 13.68
N LEU B 59 18.41 -14.11 13.17
CA LEU B 59 18.27 -13.98 11.73
C LEU B 59 19.31 -13.05 11.12
N MET B 60 19.89 -12.17 11.92
CA MET B 60 20.99 -11.36 11.41
C MET B 60 22.30 -12.14 11.34
N MET B 61 22.54 -13.08 12.26
CA MET B 61 23.72 -13.93 12.09
C MET B 61 23.58 -14.86 10.90
N THR B 62 22.36 -15.16 10.46
CA THR B 62 22.17 -16.12 9.38
C THR B 62 22.02 -15.37 8.05
N SER B 63 21.81 -16.12 6.97
CA SER B 63 21.72 -15.58 5.62
C SER B 63 20.39 -14.91 5.26
N PHE B 64 19.56 -14.59 6.25
CA PHE B 64 18.24 -14.03 5.98
C PHE B 64 18.29 -12.71 5.21
N THR B 65 19.23 -11.83 5.56
CA THR B 65 19.22 -10.46 5.05
C THR B 65 19.34 -10.43 3.52
N ARG B 66 20.37 -11.10 2.99
CA ARG B 66 20.60 -11.07 1.55
C ARG B 66 19.42 -11.67 0.80
N ILE B 67 18.93 -12.82 1.25
CA ILE B 67 17.86 -13.52 0.54
C ILE B 67 16.59 -12.67 0.53
N ILE B 68 16.21 -12.12 1.70
CA ILE B 68 14.96 -11.39 1.78
C ILE B 68 15.06 -10.08 0.99
N ILE B 69 16.22 -9.42 1.01
CA ILE B 69 16.35 -8.17 0.26
C ILE B 69 16.32 -8.45 -1.23
N VAL B 70 17.00 -9.51 -1.68
CA VAL B 70 16.99 -9.86 -3.09
C VAL B 70 15.58 -10.20 -3.55
N PHE B 71 14.83 -10.91 -2.72
CA PHE B 71 13.48 -11.30 -3.13
C PHE B 71 12.52 -10.10 -3.12
N GLY B 72 12.68 -9.18 -2.17
CA GLY B 72 11.91 -7.96 -2.23
C GLY B 72 12.22 -7.13 -3.45
N LEU B 73 13.51 -7.05 -3.81
CA LEU B 73 13.90 -6.33 -5.02
C LEU B 73 13.33 -6.99 -6.26
N LEU B 74 13.30 -8.33 -6.29
CA LEU B 74 12.65 -9.03 -7.40
C LEU B 74 11.16 -8.74 -7.46
N ARG B 75 10.49 -8.70 -6.30
CA ARG B 75 9.08 -8.37 -6.26
C ARG B 75 8.82 -6.99 -6.83
N ASN B 76 9.66 -6.02 -6.49
CA ASN B 76 9.56 -4.70 -7.11
C ASN B 76 9.89 -4.75 -8.60
N ALA B 77 10.81 -5.63 -8.99
CA ALA B 77 11.22 -5.73 -10.39
C ALA B 77 10.09 -6.25 -11.26
N LEU B 78 9.26 -7.13 -10.72
CA LEU B 78 8.16 -7.70 -11.50
C LEU B 78 7.11 -6.68 -11.87
N GLY B 79 7.22 -5.45 -11.40
CA GLY B 79 6.23 -4.43 -11.73
C GLY B 79 4.91 -4.60 -11.02
N THR B 80 4.83 -5.56 -10.10
CA THR B 80 3.61 -5.85 -9.35
C THR B 80 3.95 -5.95 -7.86
N PRO B 81 4.16 -4.81 -7.21
CA PRO B 81 4.50 -4.84 -5.79
C PRO B 81 3.41 -5.50 -4.96
N SER B 82 3.84 -6.26 -3.95
CA SER B 82 2.94 -6.99 -3.06
C SER B 82 1.99 -7.91 -3.83
N ALA B 83 2.51 -8.51 -4.91
CA ALA B 83 1.75 -9.57 -5.56
C ALA B 83 1.88 -10.88 -4.79
N PRO B 84 3.06 -11.32 -4.37
CA PRO B 84 3.13 -12.31 -3.30
C PRO B 84 3.16 -11.60 -1.96
N PRO B 85 2.27 -11.97 -1.04
CA PRO B 85 2.20 -11.25 0.25
C PRO B 85 3.52 -11.31 0.99
N ASN B 86 3.72 -10.34 1.89
CA ASN B 86 4.97 -10.24 2.62
C ASN B 86 5.27 -11.50 3.42
N GLN B 87 4.23 -12.14 3.96
CA GLN B 87 4.44 -13.39 4.70
C GLN B 87 4.93 -14.49 3.76
N VAL B 88 4.49 -14.47 2.51
CA VAL B 88 4.97 -15.48 1.55
C VAL B 88 6.47 -15.34 1.33
N LEU B 89 6.92 -14.10 1.07
CA LEU B 89 8.35 -13.87 0.88
C LEU B 89 9.12 -14.21 2.13
N LEU B 90 8.60 -13.82 3.30
CA LEU B 90 9.27 -14.13 4.56
C LEU B 90 9.39 -15.62 4.82
N GLY B 91 8.35 -16.40 4.53
CA GLY B 91 8.42 -17.84 4.72
C GLY B 91 9.35 -18.54 3.76
N LEU B 92 9.30 -18.13 2.48
CA LEU B 92 10.19 -18.78 1.52
C LEU B 92 11.65 -18.39 1.75
N ALA B 93 11.90 -17.16 2.20
CA ALA B 93 13.25 -16.78 2.60
C ALA B 93 13.73 -17.60 3.79
N LEU B 94 12.83 -17.84 4.76
CA LEU B 94 13.19 -18.70 5.89
C LEU B 94 13.53 -20.11 5.43
N PHE B 95 12.74 -20.65 4.49
CA PHE B 95 13.05 -21.98 3.98
C PHE B 95 14.40 -22.02 3.27
N LEU B 96 14.69 -21.00 2.46
CA LEU B 96 15.98 -20.96 1.77
C LEU B 96 17.13 -20.85 2.76
N THR B 97 16.97 -20.03 3.80
CA THR B 97 18.03 -19.92 4.81
C THR B 97 18.21 -21.23 5.56
N PHE B 98 17.10 -21.91 5.88
CA PHE B 98 17.20 -23.20 6.56
C PHE B 98 17.95 -24.20 5.70
N PHE B 99 17.67 -24.22 4.39
CA PHE B 99 18.43 -25.08 3.50
C PHE B 99 19.90 -24.71 3.49
N ILE B 100 20.21 -23.41 3.42
CA ILE B 100 21.60 -22.98 3.34
C ILE B 100 22.33 -23.21 4.66
N MET B 101 21.66 -22.93 5.78
CA MET B 101 22.31 -22.90 7.09
C MET B 101 22.14 -24.20 7.87
N SER B 102 21.62 -25.24 7.23
CA SER B 102 21.45 -26.52 7.92
C SER B 102 22.75 -27.10 8.48
N PRO B 103 23.90 -27.07 7.79
CA PRO B 103 25.12 -27.57 8.45
C PRO B 103 25.50 -26.76 9.69
N VAL B 104 25.41 -25.43 9.61
CA VAL B 104 25.67 -24.61 10.79
C VAL B 104 24.66 -24.91 11.89
N ILE B 105 23.39 -25.08 11.51
CA ILE B 105 22.34 -25.33 12.49
C ILE B 105 22.59 -26.65 13.21
N ASP B 106 22.93 -27.72 12.47
CA ASP B 106 23.13 -28.99 13.13
C ASP B 106 24.44 -29.04 13.91
N LYS B 107 25.46 -28.32 13.46
CA LYS B 107 26.68 -28.20 14.26
C LYS B 107 26.39 -27.49 15.58
N ILE B 108 25.58 -26.44 15.54
CA ILE B 108 25.16 -25.77 16.78
C ILE B 108 24.37 -26.73 17.65
N TYR B 109 23.47 -27.50 17.04
CA TYR B 109 22.65 -28.44 17.79
C TYR B 109 23.50 -29.46 18.53
N VAL B 110 24.46 -30.07 17.82
CA VAL B 110 25.28 -31.11 18.43
C VAL B 110 26.35 -30.53 19.35
N ASP B 111 26.68 -29.24 19.22
CA ASP B 111 27.72 -28.64 20.03
C ASP B 111 27.19 -27.77 21.17
N ALA B 112 26.03 -27.14 20.99
CA ALA B 112 25.48 -26.23 21.98
C ALA B 112 24.18 -26.73 22.60
N TYR B 113 23.18 -27.05 21.79
CA TYR B 113 21.88 -27.42 22.34
C TYR B 113 21.89 -28.79 22.98
N GLN B 114 22.57 -29.77 22.36
CA GLN B 114 22.63 -31.11 22.93
C GLN B 114 23.30 -31.14 24.31
N PRO B 115 24.48 -30.55 24.52
CA PRO B 115 25.09 -30.64 25.85
C PRO B 115 24.51 -29.67 26.87
N PHE B 116 23.51 -28.87 26.51
CA PHE B 116 22.97 -27.89 27.43
C PHE B 116 21.50 -28.18 27.74
N SER B 117 20.84 -28.97 26.90
CA SER B 117 19.44 -29.31 27.14
C SER B 117 19.27 -30.10 28.43
N GLU B 118 20.17 -31.03 28.71
CA GLU B 118 20.15 -31.80 29.95
C GLU B 118 21.18 -31.28 30.95
N GLN B 119 21.42 -29.97 30.93
CA GLN B 119 22.30 -29.25 31.86
C GLN B 119 23.58 -30.03 32.16
N LYS B 120 24.32 -30.34 31.10
CA LYS B 120 25.63 -30.96 31.22
C LYS B 120 26.78 -29.97 31.16
N ILE B 121 26.49 -28.69 30.87
CA ILE B 121 27.54 -27.71 30.65
C ILE B 121 26.93 -26.32 30.78
N SER B 122 27.76 -25.33 31.07
CA SER B 122 27.31 -24.01 31.47
C SER B 122 26.76 -23.22 30.30
N MET B 123 25.92 -22.22 30.62
CA MET B 123 25.32 -21.37 29.61
C MET B 123 26.34 -20.39 29.02
N GLN B 124 27.18 -19.79 29.87
CA GLN B 124 28.14 -18.80 29.39
C GLN B 124 29.13 -19.40 28.41
N GLU B 125 29.38 -20.71 28.51
CA GLU B 125 30.28 -21.40 27.60
C GLU B 125 29.56 -22.04 26.42
N ALA B 126 28.30 -22.46 26.63
CA ALA B 126 27.48 -22.93 25.52
C ALA B 126 27.22 -21.81 24.52
N LEU B 127 27.04 -20.58 25.00
CA LEU B 127 26.90 -19.44 24.10
C LEU B 127 28.15 -19.26 23.25
N ASP B 128 29.33 -19.44 23.86
CA ASP B 128 30.58 -19.38 23.11
C ASP B 128 30.62 -20.49 22.05
N LYS B 129 30.21 -21.70 22.44
CA LYS B 129 30.19 -22.80 21.48
C LYS B 129 29.20 -22.56 20.35
N GLY B 130 28.05 -21.97 20.66
CA GLY B 130 27.04 -21.74 19.64
C GLY B 130 27.39 -20.64 18.67
N ALA B 131 28.41 -19.83 19.00
CA ALA B 131 28.80 -18.72 18.14
C ALA B 131 29.98 -19.06 17.24
N GLN B 132 30.76 -20.09 17.55
CA GLN B 132 31.93 -20.41 16.74
C GLN B 132 31.58 -20.75 15.30
N PRO B 133 30.64 -21.65 15.00
CA PRO B 133 30.26 -21.85 13.59
C PRO B 133 29.68 -20.60 12.94
N LEU B 134 28.92 -19.79 13.69
CA LEU B 134 28.40 -18.55 13.14
C LEU B 134 29.53 -17.57 12.82
N ARG B 135 30.53 -17.48 13.71
CA ARG B 135 31.69 -16.64 13.44
C ARG B 135 32.44 -17.11 12.21
N ALA B 136 32.63 -18.43 12.07
CA ALA B 136 33.30 -18.96 10.90
C ALA B 136 32.52 -18.66 9.62
N PHE B 137 31.19 -18.81 9.68
CA PHE B 137 30.35 -18.50 8.53
C PHE B 137 30.49 -17.04 8.13
N MET B 138 30.38 -16.13 9.10
CA MET B 138 30.53 -14.71 8.80
C MET B 138 31.89 -14.39 8.22
N LEU B 139 32.96 -14.93 8.81
CA LEU B 139 34.29 -14.70 8.27
C LEU B 139 34.43 -15.25 6.86
N ARG B 140 33.73 -16.33 6.55
CA ARG B 140 33.70 -16.83 5.18
C ARG B 140 33.04 -15.84 4.23
N GLN B 141 31.93 -15.23 4.66
CA GLN B 141 31.22 -14.31 3.78
C GLN B 141 31.57 -12.84 3.96
N THR B 142 32.37 -12.48 4.97
CA THR B 142 32.69 -11.07 5.19
C THR B 142 33.85 -10.63 4.30
N ARG B 143 33.66 -9.52 3.61
CA ARG B 143 34.73 -8.95 2.80
C ARG B 143 35.80 -8.32 3.68
N GLU B 144 37.04 -8.34 3.19
CA GLU B 144 38.14 -7.77 3.96
C GLU B 144 38.03 -6.24 4.06
N ALA B 145 37.41 -5.61 3.06
CA ALA B 145 37.29 -4.15 3.09
C ALA B 145 36.44 -3.69 4.27
N ASP B 146 35.33 -4.38 4.54
CA ASP B 146 34.48 -4.02 5.67
C ASP B 146 35.20 -4.23 6.99
N LEU B 147 35.94 -5.33 7.12
CA LEU B 147 36.69 -5.59 8.34
C LEU B 147 37.73 -4.49 8.56
N ALA B 148 38.44 -4.11 7.50
CA ALA B 148 39.42 -3.03 7.62
C ALA B 148 38.75 -1.71 8.00
N LEU B 149 37.60 -1.42 7.38
CA LEU B 149 36.89 -0.18 7.70
C LEU B 149 36.49 -0.11 9.16
N PHE B 150 35.88 -1.19 9.68
CA PHE B 150 35.45 -1.16 11.07
C PHE B 150 36.62 -1.25 12.05
N ALA B 151 37.71 -1.92 11.68
CA ALA B 151 38.89 -1.90 12.53
C ALA B 151 39.48 -0.51 12.62
N ARG B 152 39.53 0.21 11.49
CA ARG B 152 40.00 1.59 11.51
C ARG B 152 39.07 2.48 12.33
N LEU B 153 37.75 2.28 12.19
CA LEU B 153 36.80 3.08 12.95
C LEU B 153 36.90 2.80 14.44
N ALA B 154 37.21 1.58 14.82
CA ALA B 154 37.30 1.19 16.23
C ALA B 154 38.69 1.36 16.81
N ASN B 155 39.67 1.77 16.00
CA ASN B 155 41.06 1.93 16.45
C ASN B 155 41.58 0.65 17.07
N SER B 156 41.29 -0.48 16.43
CA SER B 156 41.69 -1.78 16.95
C SER B 156 43.15 -2.05 16.61
N GLY B 157 43.63 -3.24 17.02
CA GLY B 157 45.00 -3.61 16.80
C GLY B 157 45.23 -4.23 15.44
N PRO B 158 46.16 -5.19 15.38
CA PRO B 158 46.47 -5.83 14.08
C PRO B 158 45.32 -6.68 13.55
N LEU B 159 44.72 -7.49 14.42
CA LEU B 159 43.64 -8.40 14.04
C LEU B 159 44.07 -9.33 12.90
N GLN B 160 45.31 -9.82 12.99
CA GLN B 160 45.83 -10.67 11.93
C GLN B 160 45.11 -12.01 11.86
N GLY B 161 44.72 -12.56 13.00
CA GLY B 161 44.07 -13.85 13.05
C GLY B 161 42.56 -13.73 13.13
N PRO B 162 41.85 -14.72 12.58
CA PRO B 162 40.39 -14.73 12.69
C PRO B 162 39.89 -14.75 14.13
N GLU B 163 40.59 -15.45 15.02
CA GLU B 163 40.19 -15.46 16.42
C GLU B 163 40.39 -14.09 17.06
N ALA B 164 41.36 -13.34 16.58
CA ALA B 164 41.62 -12.00 17.10
C ALA B 164 40.54 -10.99 16.70
N VAL B 165 39.67 -11.35 15.77
CA VAL B 165 38.61 -10.44 15.34
C VAL B 165 37.48 -10.46 16.36
N PRO B 166 37.16 -9.33 16.98
CA PRO B 166 36.05 -9.31 17.95
C PRO B 166 34.71 -9.41 17.25
N MET B 167 33.71 -9.82 18.01
CA MET B 167 32.35 -9.88 17.49
C MET B 167 31.84 -8.48 17.16
N ARG B 168 32.24 -7.47 17.93
CA ARG B 168 31.83 -6.10 17.67
C ARG B 168 32.35 -5.62 16.32
N ILE B 169 33.41 -6.24 15.81
CA ILE B 169 33.89 -5.90 14.48
C ILE B 169 33.25 -6.79 13.43
N LEU B 170 33.06 -8.07 13.76
CA LEU B 170 32.55 -9.03 12.78
C LEU B 170 31.10 -8.74 12.41
N LEU B 171 30.25 -8.40 13.40
CA LEU B 171 28.83 -8.26 13.12
C LEU B 171 28.52 -7.14 12.14
N PRO B 172 28.86 -5.87 12.40
CA PRO B 172 28.51 -4.82 11.44
C PRO B 172 29.18 -4.98 10.09
N ALA B 173 30.41 -5.48 10.05
CA ALA B 173 31.07 -5.71 8.77
C ALA B 173 30.35 -6.78 7.97
N TYR B 174 29.93 -7.87 8.63
CA TYR B 174 29.17 -8.90 7.95
C TYR B 174 27.85 -8.35 7.43
N VAL B 175 27.17 -7.54 8.23
CA VAL B 175 25.90 -6.96 7.78
C VAL B 175 26.11 -6.06 6.58
N THR B 176 27.16 -5.22 6.62
CA THR B 176 27.43 -4.33 5.49
C THR B 176 27.74 -5.12 4.23
N SER B 177 28.54 -6.18 4.35
CA SER B 177 28.85 -7.00 3.18
C SER B 177 27.59 -7.66 2.62
N GLU B 178 26.73 -8.17 3.50
CA GLU B 178 25.50 -8.79 3.04
C GLU B 178 24.59 -7.77 2.35
N LEU B 179 24.49 -6.57 2.91
CA LEU B 179 23.67 -5.54 2.28
C LEU B 179 24.21 -5.19 0.89
N LYS B 180 25.53 -5.01 0.78
CA LYS B 180 26.12 -4.68 -0.51
C LYS B 180 25.89 -5.79 -1.52
N THR B 181 26.08 -7.04 -1.10
CA THR B 181 25.89 -8.17 -2.02
C THR B 181 24.43 -8.28 -2.46
N ALA B 182 23.50 -8.09 -1.52
CA ALA B 182 22.08 -8.16 -1.87
C ALA B 182 21.71 -7.06 -2.85
N PHE B 183 22.23 -5.84 -2.63
CA PHE B 183 21.95 -4.75 -3.56
C PHE B 183 22.54 -5.03 -4.94
N GLN B 184 23.75 -5.60 -4.99
CA GLN B 184 24.35 -5.96 -6.27
C GLN B 184 23.49 -6.99 -7.01
N ILE B 185 23.05 -8.03 -6.30
CA ILE B 185 22.24 -9.07 -6.93
C ILE B 185 20.91 -8.50 -7.41
N GLY B 186 20.28 -7.65 -6.59
CA GLY B 186 19.03 -7.03 -7.00
C GLY B 186 19.19 -6.16 -8.23
N PHE B 187 20.25 -5.35 -8.27
CA PHE B 187 20.49 -4.51 -9.44
C PHE B 187 20.71 -5.35 -10.69
N THR B 188 21.45 -6.45 -10.56
CA THR B 188 21.61 -7.36 -11.70
C THR B 188 20.27 -7.95 -12.11
N ILE B 189 19.38 -8.20 -11.14
CA ILE B 189 18.08 -8.80 -11.43
C ILE B 189 17.20 -7.82 -12.22
N PHE B 190 17.19 -6.54 -11.82
CA PHE B 190 16.32 -5.57 -12.48
C PHE B 190 16.57 -5.43 -13.98
N ILE B 191 17.77 -5.74 -14.45
CA ILE B 191 18.16 -5.33 -15.81
C ILE B 191 17.27 -5.94 -16.89
N PRO B 192 17.04 -7.26 -16.94
CA PRO B 192 16.16 -7.79 -17.99
C PRO B 192 14.75 -7.24 -17.92
N PHE B 193 14.21 -7.04 -16.71
CA PHE B 193 12.87 -6.49 -16.59
C PHE B 193 12.84 -5.03 -17.02
N LEU B 194 13.90 -4.28 -16.73
CA LEU B 194 14.01 -2.92 -17.22
C LEU B 194 14.05 -2.89 -18.75
N ILE B 195 14.78 -3.83 -19.34
CA ILE B 195 14.84 -3.93 -20.80
C ILE B 195 13.45 -4.20 -21.36
N ILE B 196 12.73 -5.14 -20.77
CA ILE B 196 11.38 -5.46 -21.26
C ILE B 196 10.48 -4.24 -21.16
N ASP B 197 10.51 -3.55 -20.02
CA ASP B 197 9.67 -2.38 -19.83
C ASP B 197 9.99 -1.30 -20.84
N LEU B 198 11.29 -1.01 -21.04
CA LEU B 198 11.68 0.05 -21.95
C LEU B 198 11.30 -0.30 -23.39
N VAL B 199 11.53 -1.55 -23.80
CA VAL B 199 11.20 -1.95 -25.15
C VAL B 199 9.69 -1.86 -25.39
N ILE B 200 8.89 -2.32 -24.43
CA ILE B 200 7.44 -2.28 -24.61
C ILE B 200 6.95 -0.84 -24.64
N ALA B 201 7.48 0.01 -23.76
CA ALA B 201 7.09 1.42 -23.77
C ALA B 201 7.45 2.09 -25.09
N SER B 202 8.66 1.83 -25.60
CA SER B 202 9.08 2.42 -26.86
C SER B 202 8.20 1.94 -28.01
N VAL B 203 7.86 0.65 -28.03
CA VAL B 203 7.01 0.12 -29.09
C VAL B 203 5.63 0.76 -29.03
N LEU B 204 5.07 0.89 -27.82
CA LEU B 204 3.77 1.52 -27.67
C LEU B 204 3.81 2.97 -28.15
N MET B 205 4.86 3.71 -27.77
CA MET B 205 4.98 5.10 -28.21
C MET B 205 5.10 5.20 -29.73
N ALA B 206 5.85 4.28 -30.33
CA ALA B 206 5.95 4.25 -31.79
C ALA B 206 4.58 4.01 -32.42
N LEU B 207 3.81 3.09 -31.84
CA LEU B 207 2.45 2.85 -32.31
C LEU B 207 1.47 3.94 -31.91
N GLY B 208 1.89 4.89 -31.08
CA GLY B 208 0.98 5.87 -30.52
C GLY B 208 0.64 5.52 -29.09
N MET B 209 -0.62 5.16 -28.86
CA MET B 209 -1.08 4.53 -27.61
C MET B 209 -0.48 5.12 -26.34
N MET B 210 -0.38 6.45 -26.30
CA MET B 210 0.07 7.12 -25.09
C MET B 210 -0.87 6.95 -23.90
N MET B 211 -2.08 6.42 -24.13
CA MET B 211 -3.02 6.14 -23.04
C MET B 211 -2.85 4.74 -22.46
N VAL B 212 -2.21 3.83 -23.20
CA VAL B 212 -2.06 2.45 -22.75
C VAL B 212 -0.92 2.37 -21.74
N PRO B 213 -1.18 1.91 -20.52
CA PRO B 213 -0.10 1.71 -19.56
C PRO B 213 0.75 0.51 -19.93
N PRO B 214 2.07 0.70 -20.08
CA PRO B 214 2.92 -0.42 -20.51
C PRO B 214 3.00 -1.55 -19.50
N ALA B 215 2.63 -1.32 -18.24
CA ALA B 215 2.73 -2.35 -17.22
C ALA B 215 1.82 -3.53 -17.53
N THR B 216 0.61 -3.24 -18.02
CA THR B 216 -0.36 -4.31 -18.31
C THR B 216 0.14 -5.25 -19.41
N ILE B 217 1.04 -4.78 -20.27
CA ILE B 217 1.63 -5.66 -21.28
C ILE B 217 2.94 -6.27 -20.77
N ALA B 218 3.71 -5.51 -20.00
CA ALA B 218 5.01 -5.98 -19.54
C ALA B 218 4.86 -7.12 -18.54
N LEU B 219 3.90 -7.04 -17.61
CA LEU B 219 3.77 -8.06 -16.58
C LEU B 219 3.55 -9.45 -17.15
N PRO B 220 2.60 -9.68 -18.08
CA PRO B 220 2.52 -11.02 -18.69
C PRO B 220 3.78 -11.42 -19.42
N PHE B 221 4.46 -10.49 -20.08
CA PHE B 221 5.72 -10.82 -20.74
C PHE B 221 6.82 -11.09 -19.74
N LYS B 222 6.81 -10.36 -18.61
CA LYS B 222 7.77 -10.67 -17.55
C LYS B 222 7.55 -12.06 -17.00
N LEU B 223 6.30 -12.47 -16.81
CA LEU B 223 6.03 -13.84 -16.37
C LEU B 223 6.46 -14.85 -17.44
N MET B 224 6.20 -14.53 -18.71
CA MET B 224 6.65 -15.37 -19.81
C MET B 224 8.15 -15.60 -19.73
N LEU B 225 8.92 -14.52 -19.59
CA LEU B 225 10.38 -14.65 -19.47
C LEU B 225 10.76 -15.45 -18.23
N PHE B 226 10.17 -15.13 -17.08
CA PHE B 226 10.60 -15.74 -15.83
C PHE B 226 10.24 -17.21 -15.73
N VAL B 227 9.26 -17.68 -16.52
CA VAL B 227 8.98 -19.10 -16.57
C VAL B 227 9.66 -19.80 -17.75
N LEU B 228 9.99 -19.09 -18.83
CA LEU B 228 10.68 -19.72 -19.94
C LEU B 228 12.16 -19.92 -19.64
N VAL B 229 12.78 -18.93 -18.98
CA VAL B 229 14.18 -19.04 -18.60
C VAL B 229 14.36 -19.95 -17.39
N ASP B 230 13.26 -20.47 -16.83
CA ASP B 230 13.32 -21.25 -15.60
C ASP B 230 13.97 -20.43 -14.49
N GLY B 231 13.44 -19.23 -14.29
CA GLY B 231 14.13 -18.23 -13.49
C GLY B 231 14.25 -18.58 -12.02
N TRP B 232 13.24 -19.24 -11.47
CA TRP B 232 13.25 -19.52 -10.03
C TRP B 232 14.39 -20.46 -9.64
N GLN B 233 14.59 -21.53 -10.41
CA GLN B 233 15.68 -22.45 -10.10
C GLN B 233 17.03 -21.75 -10.21
N LEU B 234 17.20 -20.94 -11.27
CA LEU B 234 18.46 -20.25 -11.46
C LEU B 234 18.73 -19.27 -10.32
N LEU B 235 17.71 -18.53 -9.90
CA LEU B 235 17.88 -17.56 -8.82
C LEU B 235 18.19 -18.25 -7.51
N MET B 236 17.48 -19.34 -7.20
CA MET B 236 17.76 -20.08 -5.98
C MET B 236 19.15 -20.67 -5.98
N GLY B 237 19.57 -21.24 -7.11
CA GLY B 237 20.91 -21.80 -7.20
C GLY B 237 21.98 -20.74 -7.05
N SER B 238 21.78 -19.59 -7.69
CA SER B 238 22.74 -18.50 -7.56
C SER B 238 22.82 -18.00 -6.12
N LEU B 239 21.67 -17.84 -5.47
CA LEU B 239 21.67 -17.39 -4.08
C LEU B 239 22.36 -18.39 -3.17
N ALA B 240 22.10 -19.68 -3.36
CA ALA B 240 22.76 -20.70 -2.55
C ALA B 240 24.26 -20.74 -2.79
N GLN B 241 24.68 -20.66 -4.05
CA GLN B 241 26.10 -20.74 -4.37
C GLN B 241 26.84 -19.45 -4.02
N SER B 242 26.13 -18.35 -3.82
CA SER B 242 26.77 -17.09 -3.47
C SER B 242 27.26 -17.05 -2.02
N PHE B 243 26.91 -18.04 -1.20
CA PHE B 243 27.30 -18.05 0.19
C PHE B 243 28.51 -18.92 0.48
N TYR B 244 28.63 -20.07 -0.20
CA TYR B 244 29.82 -20.89 -0.02
C TYR B 244 31.08 -20.22 -0.55
N SER B 245 30.95 -19.24 -1.44
CA SER B 245 32.11 -18.51 -1.96
C SER B 245 32.44 -17.33 -1.07
N GLN C 22 2.06 -29.64 28.03
CA GLN C 22 2.03 -29.57 26.58
C GLN C 22 3.15 -28.67 26.05
N LEU C 23 2.76 -27.49 25.57
CA LEU C 23 3.74 -26.55 25.05
C LEU C 23 4.63 -26.03 26.19
N PRO C 24 5.91 -25.81 25.94
CA PRO C 24 6.78 -25.28 26.99
C PRO C 24 6.35 -23.89 27.43
N GLY C 25 6.50 -23.63 28.72
CA GLY C 25 6.11 -22.34 29.28
C GLY C 25 6.95 -21.91 30.46
N LEU C 26 6.30 -21.41 31.50
CA LEU C 26 6.96 -20.93 32.70
C LEU C 26 6.72 -21.91 33.84
N ILE C 27 7.76 -22.13 34.64
CA ILE C 27 7.71 -23.07 35.75
C ILE C 27 7.81 -22.28 37.06
N SER C 28 7.17 -22.82 38.09
CA SER C 28 7.14 -22.13 39.39
C SER C 28 7.21 -23.18 40.50
N GLN C 29 8.18 -23.02 41.39
CA GLN C 29 8.31 -23.86 42.58
C GLN C 29 8.25 -22.98 43.82
N PRO C 30 7.36 -23.27 44.77
CA PRO C 30 7.34 -22.49 46.03
C PRO C 30 8.65 -22.63 46.78
N LEU C 31 9.10 -21.53 47.37
CA LEU C 31 10.32 -21.49 48.18
C LEU C 31 10.07 -20.58 49.38
N ALA C 32 10.48 -21.07 50.55
CA ALA C 32 10.33 -20.29 51.80
C ALA C 32 8.86 -19.96 52.07
N GLY C 33 8.61 -18.90 52.84
CA GLY C 33 7.27 -18.50 53.19
C GLY C 33 6.58 -17.68 52.12
N GLY C 34 5.67 -18.31 51.39
CA GLY C 34 4.91 -17.64 50.34
C GLY C 34 5.77 -17.04 49.24
N GLY C 35 6.78 -17.79 48.79
CA GLY C 35 7.66 -17.35 47.73
C GLY C 35 7.39 -18.15 46.46
N GLN C 36 7.42 -17.45 45.32
CA GLN C 36 7.16 -18.07 44.02
C GLN C 36 8.35 -17.82 43.11
N SER C 37 9.05 -18.89 42.74
CA SER C 37 10.09 -18.80 41.73
C SER C 37 9.47 -18.81 40.34
N TRP C 38 10.22 -18.33 39.36
CA TRP C 38 9.74 -18.25 37.98
C TRP C 38 10.92 -18.44 37.04
N SER C 39 11.01 -19.61 36.42
CA SER C 39 12.11 -19.95 35.52
C SER C 39 11.55 -20.52 34.23
N LEU C 40 12.44 -20.76 33.28
CA LEU C 40 12.05 -21.29 31.97
C LEU C 40 13.23 -22.04 31.38
N SER C 41 12.94 -22.84 30.36
CA SER C 41 13.94 -23.66 29.70
C SER C 41 14.24 -23.11 28.31
N VAL C 42 15.16 -23.77 27.60
CA VAL C 42 15.50 -23.36 26.25
C VAL C 42 14.32 -23.56 25.31
N GLN C 43 13.53 -24.62 25.56
CA GLN C 43 12.34 -24.86 24.74
C GLN C 43 11.38 -23.68 24.80
N THR C 44 11.18 -23.10 25.98
CA THR C 44 10.30 -21.94 26.09
C THR C 44 10.81 -20.76 25.29
N LEU C 45 12.12 -20.47 25.35
CA LEU C 45 12.64 -19.31 24.64
C LEU C 45 12.67 -19.51 23.14
N VAL C 46 12.90 -20.73 22.65
CA VAL C 46 12.80 -20.94 21.21
C VAL C 46 11.33 -20.90 20.77
N PHE C 47 10.42 -21.39 21.63
CA PHE C 47 9.01 -21.42 21.29
C PHE C 47 8.43 -20.01 21.17
N ILE C 48 8.77 -19.14 22.13
CA ILE C 48 8.21 -17.79 22.12
C ILE C 48 8.69 -17.01 20.89
N THR C 49 9.93 -17.27 20.45
CA THR C 49 10.43 -16.61 19.26
C THR C 49 9.83 -17.23 18.00
N SER C 50 9.59 -18.54 18.01
CA SER C 50 8.99 -19.20 16.85
C SER C 50 7.51 -18.88 16.70
N LEU C 51 6.87 -18.34 17.75
CA LEU C 51 5.48 -17.92 17.63
C LEU C 51 5.26 -16.99 16.43
N THR C 52 6.19 -16.05 16.21
CA THR C 52 6.03 -15.10 15.13
C THR C 52 6.14 -15.76 13.76
N PHE C 53 7.00 -16.76 13.63
CA PHE C 53 7.34 -17.32 12.33
C PHE C 53 6.58 -18.58 11.98
N LEU C 54 6.05 -19.30 12.97
CA LEU C 54 5.34 -20.54 12.69
C LEU C 54 4.13 -20.37 11.76
N PRO C 55 3.29 -19.32 11.87
CA PRO C 55 2.20 -19.20 10.88
C PRO C 55 2.70 -19.08 9.46
N ALA C 56 3.80 -18.36 9.24
CA ALA C 56 4.35 -18.23 7.90
C ALA C 56 4.83 -19.57 7.37
N ILE C 57 5.53 -20.35 8.21
CA ILE C 57 6.03 -21.65 7.79
C ILE C 57 4.87 -22.59 7.47
N LEU C 58 3.85 -22.60 8.33
CA LEU C 58 2.68 -23.44 8.08
C LEU C 58 1.98 -23.04 6.78
N LEU C 59 1.87 -21.73 6.52
CA LEU C 59 1.30 -21.29 5.26
C LEU C 59 2.17 -21.72 4.07
N MET C 60 3.49 -21.74 4.26
CA MET C 60 4.38 -22.19 3.19
C MET C 60 4.14 -23.65 2.87
N MET C 61 3.96 -24.49 3.90
CA MET C 61 3.75 -25.91 3.66
C MET C 61 2.32 -26.24 3.25
N THR C 62 1.39 -25.31 3.36
CA THR C 62 0.00 -25.57 3.02
C THR C 62 -0.40 -24.99 1.66
N SER C 63 0.56 -24.76 0.76
CA SER C 63 0.31 -24.34 -0.62
C SER C 63 -0.47 -23.04 -0.72
N PHE C 64 -0.53 -22.26 0.35
CA PHE C 64 -1.13 -20.94 0.28
C PHE C 64 -0.43 -20.05 -0.73
N THR C 65 0.86 -20.28 -0.98
CA THR C 65 1.64 -19.41 -1.84
C THR C 65 1.11 -19.42 -3.26
N ARG C 66 0.94 -20.61 -3.84
CA ARG C 66 0.53 -20.71 -5.23
C ARG C 66 -0.84 -20.09 -5.44
N ILE C 67 -1.78 -20.39 -4.55
CA ILE C 67 -3.14 -19.87 -4.68
C ILE C 67 -3.16 -18.35 -4.53
N ILE C 68 -2.49 -17.82 -3.52
CA ILE C 68 -2.52 -16.37 -3.30
C ILE C 68 -1.81 -15.64 -4.43
N ILE C 69 -0.73 -16.22 -4.96
CA ILE C 69 0.00 -15.59 -6.05
C ILE C 69 -0.83 -15.59 -7.32
N VAL C 70 -1.50 -16.71 -7.61
CA VAL C 70 -2.35 -16.78 -8.80
C VAL C 70 -3.49 -15.77 -8.69
N PHE C 71 -4.08 -15.64 -7.50
CA PHE C 71 -5.19 -14.72 -7.35
C PHE C 71 -4.73 -13.27 -7.42
N GLY C 72 -3.55 -12.95 -6.88
CA GLY C 72 -3.01 -11.61 -7.04
C GLY C 72 -2.69 -11.29 -8.49
N LEU C 73 -2.16 -12.27 -9.23
CA LEU C 73 -1.92 -12.08 -10.65
C LEU C 73 -3.21 -11.87 -11.41
N LEU C 74 -4.27 -12.58 -11.04
CA LEU C 74 -5.58 -12.34 -11.64
C LEU C 74 -6.08 -10.93 -11.34
N ARG C 75 -5.90 -10.47 -10.09
CA ARG C 75 -6.30 -9.12 -9.73
C ARG C 75 -5.54 -8.08 -10.57
N ASN C 76 -4.24 -8.30 -10.78
CA ASN C 76 -3.49 -7.42 -11.65
C ASN C 76 -3.97 -7.50 -13.09
N ALA C 77 -4.33 -8.71 -13.56
CA ALA C 77 -4.77 -8.88 -14.93
C ALA C 77 -6.10 -8.20 -15.19
N LEU C 78 -6.94 -8.09 -14.16
CA LEU C 78 -8.21 -7.40 -14.32
C LEU C 78 -8.05 -5.90 -14.56
N GLY C 79 -6.86 -5.36 -14.37
CA GLY C 79 -6.64 -3.95 -14.58
C GLY C 79 -7.24 -3.06 -13.52
N THR C 80 -7.74 -3.65 -12.44
CA THR C 80 -8.36 -2.91 -11.35
C THR C 80 -7.76 -3.36 -10.03
N PRO C 81 -6.58 -2.83 -9.69
CA PRO C 81 -5.93 -3.24 -8.45
C PRO C 81 -6.80 -2.98 -7.23
N SER C 82 -6.80 -3.95 -6.31
CA SER C 82 -7.55 -3.87 -5.06
C SER C 82 -9.02 -3.57 -5.30
N ALA C 83 -9.59 -4.17 -6.35
CA ALA C 83 -11.05 -4.13 -6.48
C ALA C 83 -11.71 -5.09 -5.51
N PRO C 84 -11.27 -6.35 -5.39
CA PRO C 84 -11.51 -7.08 -4.15
C PRO C 84 -10.38 -6.82 -3.17
N PRO C 85 -10.70 -6.37 -1.96
CA PRO C 85 -9.64 -6.00 -1.01
C PRO C 85 -8.72 -7.16 -0.70
N ASN C 86 -7.56 -6.84 -0.14
CA ASN C 86 -6.60 -7.87 0.23
C ASN C 86 -7.18 -8.84 1.25
N GLN C 87 -8.08 -8.36 2.11
CA GLN C 87 -8.65 -9.23 3.14
C GLN C 87 -9.52 -10.32 2.53
N VAL C 88 -10.40 -9.97 1.59
CA VAL C 88 -11.29 -10.97 1.01
C VAL C 88 -10.50 -11.95 0.15
N LEU C 89 -9.50 -11.46 -0.59
CA LEU C 89 -8.67 -12.34 -1.40
C LEU C 89 -7.89 -13.31 -0.52
N LEU C 90 -7.31 -12.80 0.57
CA LEU C 90 -6.62 -13.63 1.53
C LEU C 90 -7.53 -14.67 2.16
N GLY C 91 -8.73 -14.30 2.57
CA GLY C 91 -9.68 -15.23 3.15
C GLY C 91 -10.13 -16.31 2.20
N LEU C 92 -10.40 -15.95 0.94
CA LEU C 92 -10.78 -16.97 -0.03
C LEU C 92 -9.62 -17.89 -0.36
N ALA C 93 -8.38 -17.38 -0.31
CA ALA C 93 -7.23 -18.26 -0.47
C ALA C 93 -7.17 -19.30 0.66
N LEU C 94 -7.39 -18.87 1.90
CA LEU C 94 -7.43 -19.82 3.00
C LEU C 94 -8.57 -20.82 2.85
N PHE C 95 -9.73 -20.35 2.39
CA PHE C 95 -10.85 -21.27 2.20
C PHE C 95 -10.53 -22.31 1.14
N LEU C 96 -9.92 -21.90 0.03
CA LEU C 96 -9.54 -22.85 -1.01
C LEU C 96 -8.51 -23.84 -0.50
N THR C 97 -7.51 -23.36 0.26
CA THR C 97 -6.51 -24.27 0.82
C THR C 97 -7.14 -25.25 1.79
N PHE C 98 -8.06 -24.78 2.63
CA PHE C 98 -8.73 -25.66 3.57
C PHE C 98 -9.55 -26.73 2.86
N PHE C 99 -10.25 -26.34 1.78
CA PHE C 99 -10.95 -27.33 0.99
C PHE C 99 -9.97 -28.34 0.40
N ILE C 100 -8.83 -27.86 -0.09
CA ILE C 100 -7.85 -28.75 -0.72
C ILE C 100 -7.29 -29.74 0.29
N MET C 101 -6.92 -29.27 1.47
CA MET C 101 -6.17 -30.07 2.43
C MET C 101 -7.00 -30.57 3.61
N SER C 102 -8.27 -30.89 3.39
CA SER C 102 -9.00 -31.67 4.39
C SER C 102 -8.35 -33.02 4.68
N PRO C 103 -7.89 -33.81 3.70
CA PRO C 103 -7.22 -35.07 4.07
C PRO C 103 -5.93 -34.84 4.84
N VAL C 104 -5.11 -33.86 4.44
CA VAL C 104 -3.89 -33.58 5.19
C VAL C 104 -4.23 -33.14 6.60
N ILE C 105 -5.20 -32.24 6.75
CA ILE C 105 -5.53 -31.70 8.06
C ILE C 105 -6.07 -32.80 8.98
N ASP C 106 -7.00 -33.64 8.48
CA ASP C 106 -7.56 -34.63 9.37
C ASP C 106 -6.59 -35.79 9.61
N LYS C 107 -5.70 -36.08 8.67
CA LYS C 107 -4.64 -37.05 8.92
C LYS C 107 -3.72 -36.55 10.04
N ILE C 108 -3.36 -35.27 9.99
CA ILE C 108 -2.57 -34.69 11.08
C ILE C 108 -3.33 -34.75 12.40
N TYR C 109 -4.64 -34.45 12.35
CA TYR C 109 -5.46 -34.48 13.55
C TYR C 109 -5.47 -35.85 14.19
N VAL C 110 -5.72 -36.89 13.39
CA VAL C 110 -5.82 -38.25 13.94
C VAL C 110 -4.44 -38.84 14.23
N ASP C 111 -3.38 -38.28 13.67
CA ASP C 111 -2.04 -38.82 13.89
C ASP C 111 -1.20 -37.99 14.84
N ALA C 112 -1.42 -36.68 14.93
CA ALA C 112 -0.61 -35.82 15.78
C ALA C 112 -1.42 -35.17 16.90
N TYR C 113 -2.52 -34.49 16.58
CA TYR C 113 -3.25 -33.76 17.60
C TYR C 113 -3.98 -34.70 18.55
N GLN C 114 -4.60 -35.76 18.03
CA GLN C 114 -5.31 -36.70 18.89
C GLN C 114 -4.40 -37.38 19.90
N PRO C 115 -3.24 -37.94 19.53
CA PRO C 115 -2.39 -38.57 20.55
C PRO C 115 -1.58 -37.60 21.38
N PHE C 116 -1.78 -36.29 21.22
CA PHE C 116 -1.00 -35.31 21.96
C PHE C 116 -1.90 -34.48 22.86
N SER C 117 -3.19 -34.39 22.53
CA SER C 117 -4.12 -33.62 23.34
C SER C 117 -4.26 -34.19 24.74
N GLU C 118 -4.35 -35.52 24.85
CA GLU C 118 -4.38 -36.19 26.14
C GLU C 118 -2.98 -36.69 26.53
N GLN C 119 -1.95 -36.01 26.06
CA GLN C 119 -0.53 -36.28 26.34
C GLN C 119 -0.23 -37.79 26.36
N LYS C 120 -0.48 -38.41 25.21
CA LYS C 120 -0.07 -39.80 24.99
C LYS C 120 1.29 -39.89 24.32
N ILE C 121 1.70 -38.87 23.57
CA ILE C 121 3.03 -38.79 22.99
C ILE C 121 3.57 -37.40 23.26
N SER C 122 4.90 -37.28 23.29
CA SER C 122 5.53 -36.00 23.53
C SER C 122 5.52 -35.14 22.27
N MET C 123 5.77 -33.85 22.45
CA MET C 123 5.72 -32.90 21.34
C MET C 123 6.83 -33.20 20.32
N GLN C 124 7.99 -33.65 20.79
CA GLN C 124 9.13 -33.84 19.90
C GLN C 124 8.84 -34.88 18.83
N GLU C 125 8.13 -35.95 19.18
CA GLU C 125 7.72 -36.94 18.18
C GLU C 125 6.40 -36.59 17.52
N ALA C 126 5.53 -35.84 18.21
CA ALA C 126 4.28 -35.42 17.60
C ALA C 126 4.51 -34.50 16.41
N LEU C 127 5.51 -33.63 16.49
CA LEU C 127 5.80 -32.72 15.39
C LEU C 127 6.20 -33.49 14.13
N ASP C 128 7.08 -34.49 14.28
CA ASP C 128 7.53 -35.23 13.11
C ASP C 128 6.50 -36.27 12.67
N LYS C 129 5.58 -36.63 13.57
CA LYS C 129 4.49 -37.51 13.17
C LYS C 129 3.46 -36.76 12.33
N GLY C 130 3.15 -35.52 12.72
CA GLY C 130 2.22 -34.72 11.95
C GLY C 130 2.82 -34.18 10.66
N ALA C 131 4.15 -34.11 10.59
CA ALA C 131 4.83 -33.62 9.40
C ALA C 131 5.01 -34.69 8.33
N GLN C 132 4.78 -35.95 8.67
CA GLN C 132 4.90 -37.01 7.66
C GLN C 132 3.90 -36.86 6.52
N PRO C 133 2.61 -36.65 6.76
CA PRO C 133 1.71 -36.38 5.63
C PRO C 133 2.10 -35.14 4.84
N LEU C 134 2.57 -34.09 5.51
CA LEU C 134 3.06 -32.92 4.79
C LEU C 134 4.29 -33.25 3.96
N ARG C 135 5.18 -34.09 4.50
CA ARG C 135 6.35 -34.50 3.74
C ARG C 135 5.96 -35.26 2.48
N ALA C 136 5.04 -36.22 2.61
CA ALA C 136 4.58 -36.97 1.45
C ALA C 136 3.89 -36.07 0.44
N PHE C 137 3.06 -35.15 0.93
CA PHE C 137 2.42 -34.18 0.05
C PHE C 137 3.45 -33.37 -0.74
N MET C 138 4.36 -32.70 -0.04
CA MET C 138 5.33 -31.86 -0.73
C MET C 138 6.22 -32.68 -1.67
N LEU C 139 6.49 -33.94 -1.32
CA LEU C 139 7.18 -34.82 -2.27
C LEU C 139 6.35 -35.06 -3.51
N ARG C 140 5.03 -35.23 -3.36
CA ARG C 140 4.17 -35.45 -4.51
C ARG C 140 4.14 -34.23 -5.44
N GLN C 141 4.01 -33.03 -4.89
CA GLN C 141 3.88 -31.86 -5.76
C GLN C 141 5.22 -31.36 -6.28
N THR C 142 6.31 -31.61 -5.55
CA THR C 142 7.61 -31.10 -5.97
C THR C 142 8.05 -31.75 -7.28
N ARG C 143 8.61 -30.93 -8.17
CA ARG C 143 9.17 -31.45 -9.41
C ARG C 143 10.47 -32.20 -9.13
N GLU C 144 10.82 -33.10 -10.05
CA GLU C 144 12.08 -33.83 -9.92
C GLU C 144 13.28 -32.92 -10.15
N ALA C 145 13.13 -31.93 -11.04
CA ALA C 145 14.26 -31.06 -11.38
C ALA C 145 14.72 -30.24 -10.17
N ASP C 146 13.78 -29.69 -9.40
CA ASP C 146 14.14 -28.93 -8.23
C ASP C 146 14.83 -29.81 -7.19
N LEU C 147 14.30 -31.03 -7.00
CA LEU C 147 14.91 -31.95 -6.05
C LEU C 147 16.34 -32.29 -6.46
N ALA C 148 16.57 -32.56 -7.75
CA ALA C 148 17.92 -32.85 -8.21
C ALA C 148 18.84 -31.64 -8.04
N LEU C 149 18.32 -30.44 -8.35
CA LEU C 149 19.13 -29.23 -8.23
C LEU C 149 19.57 -29.01 -6.79
N PHE C 150 18.65 -29.11 -5.85
CA PHE C 150 19.04 -28.90 -4.46
C PHE C 150 19.82 -30.08 -3.88
N ALA C 151 19.64 -31.29 -4.42
CA ALA C 151 20.48 -32.41 -4.00
C ALA C 151 21.93 -32.21 -4.42
N ARG C 152 22.16 -31.74 -5.65
CA ARG C 152 23.53 -31.47 -6.07
C ARG C 152 24.09 -30.20 -5.43
N LEU C 153 23.23 -29.25 -5.07
CA LEU C 153 23.70 -28.09 -4.32
C LEU C 153 24.10 -28.48 -2.90
N ALA C 154 23.40 -29.44 -2.31
CA ALA C 154 23.73 -29.90 -0.96
C ALA C 154 24.96 -30.81 -0.93
N ASN C 155 25.44 -31.27 -2.08
CA ASN C 155 26.60 -32.16 -2.17
C ASN C 155 26.39 -33.42 -1.33
N SER C 156 25.18 -33.96 -1.37
CA SER C 156 24.85 -35.16 -0.62
C SER C 156 25.44 -36.39 -1.31
N GLY C 157 25.42 -37.51 -0.59
CA GLY C 157 25.92 -38.76 -1.11
C GLY C 157 24.88 -39.51 -1.90
N PRO C 158 24.85 -40.84 -1.74
CA PRO C 158 23.88 -41.67 -2.47
C PRO C 158 22.49 -41.54 -1.87
N LEU C 159 21.60 -40.85 -2.58
CA LEU C 159 20.22 -40.67 -2.15
C LEU C 159 19.32 -41.39 -3.15
N GLN C 160 18.71 -42.49 -2.70
CA GLN C 160 17.86 -43.32 -3.55
C GLN C 160 16.41 -43.30 -3.10
N GLY C 161 16.13 -43.64 -1.85
CA GLY C 161 14.77 -43.75 -1.36
C GLY C 161 14.14 -42.41 -1.06
N PRO C 162 12.84 -42.30 -1.29
CA PRO C 162 12.13 -41.06 -0.93
C PRO C 162 12.20 -40.75 0.55
N GLU C 163 12.24 -41.76 1.42
CA GLU C 163 12.36 -41.51 2.85
C GLU C 163 13.72 -40.90 3.18
N ALA C 164 14.74 -41.22 2.36
CA ALA C 164 16.07 -40.64 2.57
C ALA C 164 16.11 -39.15 2.25
N VAL C 165 15.09 -38.62 1.59
CA VAL C 165 15.08 -37.19 1.27
C VAL C 165 14.86 -36.39 2.54
N PRO C 166 15.78 -35.49 2.90
CA PRO C 166 15.61 -34.71 4.13
C PRO C 166 14.69 -33.50 3.90
N MET C 167 14.23 -32.95 5.01
CA MET C 167 13.34 -31.80 4.94
C MET C 167 14.08 -30.57 4.40
N ARG C 168 15.38 -30.46 4.69
CA ARG C 168 16.17 -29.33 4.22
C ARG C 168 16.22 -29.30 2.69
N ILE C 169 16.15 -30.46 2.04
CA ILE C 169 16.10 -30.48 0.59
C ILE C 169 14.67 -30.33 0.09
N LEU C 170 13.72 -30.97 0.79
CA LEU C 170 12.34 -30.98 0.32
C LEU C 170 11.71 -29.59 0.33
N LEU C 171 11.96 -28.81 1.38
CA LEU C 171 11.24 -27.54 1.54
C LEU C 171 11.55 -26.55 0.42
N PRO C 172 12.80 -26.11 0.19
CA PRO C 172 13.02 -25.11 -0.85
C PRO C 172 12.69 -25.59 -2.25
N ALA C 173 12.92 -26.87 -2.56
CA ALA C 173 12.55 -27.40 -3.87
C ALA C 173 11.04 -27.34 -4.06
N TYR C 174 10.28 -27.69 -3.03
CA TYR C 174 8.83 -27.61 -3.10
C TYR C 174 8.37 -26.16 -3.30
N VAL C 175 9.01 -25.23 -2.59
CA VAL C 175 8.65 -23.81 -2.74
C VAL C 175 8.93 -23.34 -4.16
N THR C 176 10.07 -23.73 -4.73
CA THR C 176 10.39 -23.35 -6.10
C THR C 176 9.39 -23.93 -7.09
N SER C 177 9.02 -25.20 -6.92
CA SER C 177 8.04 -25.80 -7.81
C SER C 177 6.71 -25.10 -7.74
N GLU C 178 6.25 -24.78 -6.52
CA GLU C 178 4.98 -24.08 -6.37
C GLU C 178 5.05 -22.69 -6.97
N LEU C 179 6.16 -21.98 -6.78
CA LEU C 179 6.31 -20.65 -7.37
C LEU C 179 6.26 -20.71 -8.89
N LYS C 180 6.97 -21.68 -9.48
CA LYS C 180 6.98 -21.79 -10.94
C LYS C 180 5.59 -22.14 -11.47
N THR C 181 4.89 -23.07 -10.82
CA THR C 181 3.54 -23.42 -11.25
C THR C 181 2.60 -22.23 -11.12
N ALA C 182 2.69 -21.49 -10.02
CA ALA C 182 1.83 -20.32 -9.83
C ALA C 182 2.09 -19.28 -10.90
N PHE C 183 3.37 -19.04 -11.23
CA PHE C 183 3.68 -18.04 -12.24
C PHE C 183 3.21 -18.49 -13.62
N GLN C 184 3.34 -19.79 -13.92
CA GLN C 184 2.82 -20.29 -15.20
C GLN C 184 1.31 -20.11 -15.28
N ILE C 185 0.59 -20.44 -14.20
CA ILE C 185 -0.86 -20.30 -14.20
C ILE C 185 -1.25 -18.84 -14.35
N GLY C 186 -0.57 -17.94 -13.64
CA GLY C 186 -0.87 -16.53 -13.77
C GLY C 186 -0.59 -16.00 -15.17
N PHE C 187 0.51 -16.44 -15.78
CA PHE C 187 0.82 -16.04 -17.14
C PHE C 187 -0.25 -16.49 -18.10
N THR C 188 -0.74 -17.73 -17.95
CA THR C 188 -1.82 -18.18 -18.82
C THR C 188 -3.12 -17.42 -18.57
N ILE C 189 -3.39 -17.04 -17.32
CA ILE C 189 -4.58 -16.24 -17.01
C ILE C 189 -4.49 -14.87 -17.67
N PHE C 190 -3.29 -14.29 -17.70
CA PHE C 190 -3.11 -12.94 -18.24
C PHE C 190 -3.50 -12.80 -19.70
N ILE C 191 -3.56 -13.90 -20.45
CA ILE C 191 -3.65 -13.80 -21.91
C ILE C 191 -4.97 -13.19 -22.38
N PRO C 192 -6.15 -13.73 -22.03
CA PRO C 192 -7.38 -13.15 -22.58
C PRO C 192 -7.61 -11.69 -22.19
N PHE C 193 -7.24 -11.32 -20.97
CA PHE C 193 -7.39 -9.93 -20.55
C PHE C 193 -6.45 -9.02 -21.33
N LEU C 194 -5.23 -9.48 -21.60
CA LEU C 194 -4.32 -8.73 -22.45
C LEU C 194 -4.88 -8.58 -23.86
N ILE C 195 -5.52 -9.64 -24.37
CA ILE C 195 -6.13 -9.58 -25.70
C ILE C 195 -7.23 -8.51 -25.71
N ILE C 196 -8.07 -8.50 -24.68
CA ILE C 196 -9.16 -7.52 -24.60
C ILE C 196 -8.60 -6.11 -24.54
N ASP C 197 -7.58 -5.91 -23.69
CA ASP C 197 -6.97 -4.59 -23.56
C ASP C 197 -6.40 -4.11 -24.88
N LEU C 198 -5.65 -4.98 -25.57
CA LEU C 198 -5.04 -4.59 -26.83
C LEU C 198 -6.09 -4.29 -27.89
N VAL C 199 -7.15 -5.10 -27.95
CA VAL C 199 -8.19 -4.90 -28.95
C VAL C 199 -8.89 -3.56 -28.72
N ILE C 200 -9.26 -3.27 -27.47
CA ILE C 200 -9.97 -2.04 -27.18
C ILE C 200 -9.07 -0.83 -27.38
N ALA C 201 -7.79 -0.94 -27.00
CA ALA C 201 -6.87 0.16 -27.22
C ALA C 201 -6.70 0.44 -28.71
N SER C 202 -6.58 -0.61 -29.53
CA SER C 202 -6.45 -0.43 -30.96
C SER C 202 -7.71 0.20 -31.55
N VAL C 203 -8.88 -0.23 -31.08
CA VAL C 203 -10.12 0.36 -31.58
C VAL C 203 -10.19 1.84 -31.21
N LEU C 204 -9.83 2.19 -29.97
CA LEU C 204 -9.87 3.58 -29.55
C LEU C 204 -8.90 4.43 -30.37
N MET C 205 -7.70 3.91 -30.62
CA MET C 205 -6.73 4.64 -31.42
C MET C 205 -7.21 4.80 -32.87
N ALA C 206 -7.82 3.76 -33.43
CA ALA C 206 -8.34 3.84 -34.79
C ALA C 206 -9.46 4.87 -34.90
N LEU C 207 -10.36 4.91 -33.93
CA LEU C 207 -11.40 5.94 -33.93
C LEU C 207 -10.85 7.32 -33.61
N GLY C 208 -9.59 7.40 -33.19
CA GLY C 208 -8.97 8.69 -32.93
C GLY C 208 -9.12 9.19 -31.52
N MET C 209 -9.90 8.51 -30.69
CA MET C 209 -10.08 8.90 -29.30
C MET C 209 -8.78 8.56 -28.56
N MET C 210 -7.76 9.38 -28.77
CA MET C 210 -6.41 9.11 -28.29
C MET C 210 -6.12 9.70 -26.92
N MET C 211 -7.12 10.27 -26.25
CA MET C 211 -6.98 10.73 -24.87
C MET C 211 -7.83 9.93 -23.90
N VAL C 212 -8.67 9.03 -24.41
CA VAL C 212 -9.54 8.19 -23.59
C VAL C 212 -8.72 7.03 -23.02
N PRO C 213 -8.72 6.84 -21.70
CA PRO C 213 -7.99 5.69 -21.13
C PRO C 213 -8.70 4.39 -21.45
N PRO C 214 -8.02 3.46 -22.12
CA PRO C 214 -8.69 2.20 -22.51
C PRO C 214 -9.13 1.34 -21.34
N ALA C 215 -8.57 1.55 -20.16
CA ALA C 215 -8.89 0.70 -19.01
C ALA C 215 -10.36 0.87 -18.60
N THR C 216 -10.86 2.11 -18.65
CA THR C 216 -12.23 2.37 -18.23
C THR C 216 -13.26 1.69 -19.13
N ILE C 217 -12.89 1.35 -20.35
CA ILE C 217 -13.79 0.59 -21.22
C ILE C 217 -13.47 -0.90 -21.16
N ALA C 218 -12.22 -1.26 -20.91
CA ALA C 218 -11.84 -2.67 -20.88
C ALA C 218 -12.30 -3.39 -19.63
N LEU C 219 -12.34 -2.69 -18.49
CA LEU C 219 -12.76 -3.34 -17.25
C LEU C 219 -14.17 -3.91 -17.32
N PRO C 220 -15.20 -3.16 -17.76
CA PRO C 220 -16.52 -3.79 -17.88
C PRO C 220 -16.53 -4.97 -18.84
N PHE C 221 -15.79 -4.90 -19.94
CA PHE C 221 -15.73 -6.02 -20.87
C PHE C 221 -14.96 -7.19 -20.26
N LYS C 222 -13.92 -6.90 -19.48
CA LYS C 222 -13.22 -7.96 -18.77
C LYS C 222 -14.15 -8.70 -17.83
N LEU C 223 -14.96 -7.96 -17.06
CA LEU C 223 -15.89 -8.60 -16.14
C LEU C 223 -16.99 -9.33 -16.89
N MET C 224 -17.44 -8.78 -18.02
CA MET C 224 -18.44 -9.48 -18.83
C MET C 224 -17.90 -10.82 -19.29
N LEU C 225 -16.67 -10.84 -19.80
CA LEU C 225 -16.06 -12.11 -20.20
C LEU C 225 -15.91 -13.05 -19.01
N PHE C 226 -15.45 -12.55 -17.86
CA PHE C 226 -15.19 -13.38 -16.71
C PHE C 226 -16.46 -13.96 -16.08
N VAL C 227 -17.59 -13.29 -16.23
CA VAL C 227 -18.88 -13.85 -15.77
C VAL C 227 -19.57 -14.65 -16.85
N LEU C 228 -19.22 -14.47 -18.11
CA LEU C 228 -19.84 -15.22 -19.19
C LEU C 228 -19.14 -16.55 -19.46
N VAL C 229 -17.87 -16.67 -19.10
CA VAL C 229 -17.14 -17.91 -19.25
C VAL C 229 -17.19 -18.76 -17.98
N ASP C 230 -17.84 -18.25 -16.94
CA ASP C 230 -17.79 -18.85 -15.60
C ASP C 230 -16.35 -18.92 -15.12
N GLY C 231 -15.73 -17.74 -15.05
CA GLY C 231 -14.30 -17.68 -14.78
C GLY C 231 -13.93 -18.23 -13.42
N TRP C 232 -14.74 -17.93 -12.40
CA TRP C 232 -14.41 -18.39 -11.06
C TRP C 232 -14.51 -19.91 -10.93
N GLN C 233 -15.56 -20.50 -11.51
CA GLN C 233 -15.70 -21.96 -11.46
C GLN C 233 -14.51 -22.63 -12.14
N LEU C 234 -14.18 -22.17 -13.35
CA LEU C 234 -13.08 -22.77 -14.10
C LEU C 234 -11.75 -22.58 -13.37
N LEU C 235 -11.53 -21.40 -12.79
CA LEU C 235 -10.29 -21.13 -12.11
C LEU C 235 -10.14 -21.99 -10.86
N MET C 236 -11.21 -22.10 -10.06
CA MET C 236 -11.16 -22.95 -8.87
C MET C 236 -10.95 -24.41 -9.26
N GLY C 237 -11.67 -24.88 -10.28
CA GLY C 237 -11.51 -26.25 -10.72
C GLY C 237 -10.10 -26.54 -11.21
N SER C 238 -9.51 -25.58 -11.95
CA SER C 238 -8.13 -25.76 -12.40
C SER C 238 -7.17 -25.79 -11.24
N LEU C 239 -7.30 -24.84 -10.31
CA LEU C 239 -6.41 -24.80 -9.15
C LEU C 239 -6.54 -26.04 -8.28
N ALA C 240 -7.70 -26.70 -8.30
CA ALA C 240 -7.85 -27.94 -7.55
C ALA C 240 -7.30 -29.14 -8.32
N GLN C 241 -7.69 -29.31 -9.59
CA GLN C 241 -7.28 -30.49 -10.35
C GLN C 241 -5.79 -30.49 -10.65
N SER C 242 -5.20 -29.35 -10.99
CA SER C 242 -3.78 -29.27 -11.30
C SER C 242 -2.91 -29.43 -10.07
N PHE C 243 -3.47 -29.78 -8.92
CA PHE C 243 -2.73 -29.66 -7.68
C PHE C 243 -2.40 -31.03 -7.07
N TYR C 244 -3.30 -32.00 -7.16
CA TYR C 244 -3.01 -33.34 -6.68
C TYR C 244 -2.11 -34.08 -7.66
N SER C 245 -1.97 -33.55 -8.87
CA SER C 245 -1.16 -34.20 -9.90
C SER C 245 0.31 -34.22 -9.52
N GLN D 22 -15.88 -21.49 29.12
CA GLN D 22 -14.67 -22.31 29.07
C GLN D 22 -13.56 -21.58 28.33
N LEU D 23 -13.52 -21.77 27.01
CA LEU D 23 -12.61 -21.11 26.06
C LEU D 23 -11.18 -21.58 26.24
N PRO D 24 -10.32 -21.41 25.23
CA PRO D 24 -8.90 -21.74 25.40
C PRO D 24 -8.13 -20.56 25.96
N GLY D 25 -7.28 -20.84 26.94
CA GLY D 25 -6.48 -19.80 27.55
C GLY D 25 -5.16 -20.28 28.12
N LEU D 26 -4.83 -19.81 29.32
CA LEU D 26 -3.60 -20.17 30.01
C LEU D 26 -3.92 -21.25 31.04
N ILE D 27 -3.11 -22.30 31.07
CA ILE D 27 -3.32 -23.44 31.96
C ILE D 27 -2.20 -23.49 32.98
N SER D 28 -2.55 -23.93 34.19
CA SER D 28 -1.60 -24.09 35.28
C SER D 28 -1.72 -25.50 35.82
N GLN D 29 -0.68 -26.31 35.63
CA GLN D 29 -0.68 -27.71 36.04
C GLN D 29 0.38 -27.95 37.09
N PRO D 30 0.04 -28.51 38.25
CA PRO D 30 1.07 -28.88 39.23
C PRO D 30 1.96 -29.99 38.70
N LEU D 31 3.24 -29.93 39.05
CA LEU D 31 4.21 -30.96 38.67
C LEU D 31 5.06 -31.32 39.87
N ALA D 32 5.32 -32.61 40.03
CA ALA D 32 6.24 -33.14 41.04
C ALA D 32 5.90 -32.68 42.45
N GLY D 33 6.86 -32.06 43.13
CA GLY D 33 6.70 -31.66 44.51
C GLY D 33 6.09 -30.29 44.70
N GLY D 34 4.82 -30.14 44.32
CA GLY D 34 4.12 -28.89 44.51
C GLY D 34 4.55 -27.80 43.56
N GLY D 35 5.31 -28.15 42.53
CA GLY D 35 5.69 -27.18 41.53
C GLY D 35 4.61 -26.99 40.48
N GLN D 36 4.31 -25.72 40.19
CA GLN D 36 3.24 -25.38 39.27
C GLN D 36 3.83 -24.83 37.98
N SER D 37 3.37 -25.38 36.86
CA SER D 37 3.81 -24.96 35.54
C SER D 37 2.74 -24.08 34.89
N TRP D 38 3.14 -22.88 34.50
CA TRP D 38 2.23 -21.93 33.88
C TRP D 38 2.61 -21.76 32.41
N SER D 39 1.70 -22.17 31.53
CA SER D 39 1.94 -22.10 30.10
C SER D 39 0.61 -21.93 29.38
N LEU D 40 0.69 -21.43 28.15
CA LEU D 40 -0.50 -21.28 27.31
C LEU D 40 -0.89 -22.64 26.75
N SER D 41 -2.05 -22.70 26.12
CA SER D 41 -2.56 -23.93 25.53
C SER D 41 -2.30 -23.94 24.04
N VAL D 42 -2.22 -25.14 23.45
CA VAL D 42 -2.05 -25.26 22.01
C VAL D 42 -3.23 -24.64 21.29
N GLN D 43 -4.43 -24.78 21.85
CA GLN D 43 -5.61 -24.12 21.28
C GLN D 43 -5.47 -22.61 21.32
N THR D 44 -4.81 -22.05 22.34
CA THR D 44 -4.52 -20.62 22.36
C THR D 44 -3.54 -20.20 21.26
N LEU D 45 -2.51 -21.00 21.01
CA LEU D 45 -1.60 -20.73 19.90
C LEU D 45 -2.35 -20.75 18.57
N VAL D 46 -3.24 -21.74 18.40
CA VAL D 46 -4.05 -21.84 17.20
C VAL D 46 -4.93 -20.62 17.09
N PHE D 47 -5.47 -20.17 18.22
CA PHE D 47 -6.34 -19.00 18.24
C PHE D 47 -5.59 -17.76 17.79
N ILE D 48 -4.36 -17.57 18.26
CA ILE D 48 -3.58 -16.40 17.86
C ILE D 48 -3.21 -16.48 16.38
N THR D 49 -2.72 -17.65 15.94
CA THR D 49 -2.31 -17.82 14.55
C THR D 49 -3.48 -17.58 13.62
N SER D 50 -4.68 -17.98 14.06
CA SER D 50 -5.90 -17.71 13.24
C SER D 50 -6.16 -16.20 13.23
N LEU D 51 -6.05 -15.54 14.38
CA LEU D 51 -6.38 -14.09 14.48
C LEU D 51 -5.80 -13.31 13.30
N THR D 52 -4.60 -13.67 12.84
CA THR D 52 -3.96 -12.88 11.74
C THR D 52 -4.88 -12.84 10.52
N PHE D 53 -5.58 -13.94 10.24
CA PHE D 53 -6.49 -14.01 9.06
C PHE D 53 -7.91 -14.35 9.52
N LEU D 54 -8.07 -14.73 10.79
CA LEU D 54 -9.41 -15.12 11.30
C LEU D 54 -10.46 -14.10 10.84
N PRO D 55 -10.36 -12.81 11.21
CA PRO D 55 -11.39 -11.83 10.85
C PRO D 55 -11.85 -11.95 9.40
N ALA D 56 -10.92 -12.18 8.47
CA ALA D 56 -11.30 -12.29 7.06
C ALA D 56 -12.15 -13.52 6.80
N ILE D 57 -11.74 -14.67 7.33
CA ILE D 57 -12.50 -15.90 7.07
C ILE D 57 -13.86 -15.85 7.75
N LEU D 58 -13.94 -15.24 8.94
CA LEU D 58 -15.22 -15.12 9.62
C LEU D 58 -16.13 -14.12 8.90
N LEU D 59 -15.55 -13.09 8.30
CA LEU D 59 -16.36 -12.07 7.64
C LEU D 59 -16.80 -12.50 6.26
N MET D 60 -16.06 -13.40 5.60
CA MET D 60 -16.48 -13.86 4.29
C MET D 60 -17.65 -14.83 4.36
N MET D 61 -17.79 -15.56 5.47
CA MET D 61 -19.01 -16.35 5.65
C MET D 61 -20.24 -15.45 5.74
N THR D 62 -20.05 -14.17 6.02
CA THR D 62 -21.12 -13.20 6.03
C THR D 62 -21.28 -12.60 4.63
N SER D 63 -22.02 -11.50 4.52
CA SER D 63 -22.31 -10.87 3.25
C SER D 63 -21.24 -9.89 2.81
N PHE D 64 -20.11 -9.86 3.52
CA PHE D 64 -19.10 -8.83 3.27
C PHE D 64 -18.52 -8.94 1.87
N THR D 65 -18.28 -10.17 1.39
CA THR D 65 -17.53 -10.36 0.16
C THR D 65 -18.23 -9.70 -1.03
N ARG D 66 -19.49 -10.07 -1.28
CA ARG D 66 -20.20 -9.55 -2.43
C ARG D 66 -20.38 -8.04 -2.33
N ILE D 67 -20.75 -7.55 -1.14
CA ILE D 67 -21.01 -6.12 -0.98
C ILE D 67 -19.74 -5.32 -1.21
N ILE D 68 -18.62 -5.75 -0.64
CA ILE D 68 -17.39 -4.99 -0.78
C ILE D 68 -16.88 -5.04 -2.22
N ILE D 69 -17.04 -6.19 -2.89
CA ILE D 69 -16.60 -6.28 -4.28
C ILE D 69 -17.46 -5.37 -5.16
N VAL D 70 -18.78 -5.37 -4.94
CA VAL D 70 -19.66 -4.51 -5.73
C VAL D 70 -19.33 -3.05 -5.49
N PHE D 71 -19.05 -2.68 -4.24
CA PHE D 71 -18.73 -1.28 -3.94
C PHE D 71 -17.40 -0.88 -4.56
N GLY D 72 -16.40 -1.76 -4.54
CA GLY D 72 -15.14 -1.44 -5.21
C GLY D 72 -15.30 -1.30 -6.71
N LEU D 73 -16.10 -2.18 -7.32
CA LEU D 73 -16.36 -2.09 -8.74
C LEU D 73 -17.11 -0.80 -9.08
N LEU D 74 -18.07 -0.40 -8.23
CA LEU D 74 -18.74 0.88 -8.43
C LEU D 74 -17.78 2.05 -8.31
N ARG D 75 -16.86 2.00 -7.34
CA ARG D 75 -15.89 3.07 -7.19
C ARG D 75 -14.99 3.18 -8.41
N ASN D 76 -14.60 2.04 -8.99
CA ASN D 76 -13.88 2.07 -10.27
C ASN D 76 -14.78 2.58 -11.39
N ALA D 77 -16.07 2.28 -11.33
CA ALA D 77 -17.00 2.70 -12.38
C ALA D 77 -17.17 4.21 -12.41
N LEU D 78 -17.14 4.85 -11.24
CA LEU D 78 -17.30 6.29 -11.17
C LEU D 78 -16.16 7.05 -11.81
N GLY D 79 -15.12 6.36 -12.29
CA GLY D 79 -13.99 7.04 -12.89
C GLY D 79 -13.11 7.77 -11.91
N THR D 80 -13.40 7.63 -10.62
CA THR D 80 -12.65 8.33 -9.56
C THR D 80 -12.27 7.33 -8.48
N PRO D 81 -11.23 6.53 -8.71
CA PRO D 81 -10.79 5.56 -7.71
C PRO D 81 -10.41 6.24 -6.40
N SER D 82 -10.76 5.57 -5.30
CA SER D 82 -10.47 6.05 -3.95
C SER D 82 -11.05 7.44 -3.70
N ALA D 83 -12.21 7.73 -4.32
CA ALA D 83 -12.95 8.93 -3.92
C ALA D 83 -13.70 8.70 -2.62
N PRO D 84 -14.43 7.59 -2.43
CA PRO D 84 -14.70 7.12 -1.09
C PRO D 84 -13.59 6.20 -0.61
N PRO D 85 -12.97 6.50 0.53
CA PRO D 85 -11.79 5.73 0.94
C PRO D 85 -12.17 4.31 1.35
N ASN D 86 -11.15 3.45 1.43
CA ASN D 86 -11.38 2.06 1.78
C ASN D 86 -12.03 1.92 3.15
N GLN D 87 -11.78 2.87 4.06
CA GLN D 87 -12.42 2.81 5.37
C GLN D 87 -13.92 3.04 5.28
N VAL D 88 -14.35 3.99 4.47
CA VAL D 88 -15.78 4.25 4.31
C VAL D 88 -16.48 3.07 3.67
N LEU D 89 -15.87 2.50 2.62
CA LEU D 89 -16.45 1.32 1.99
C LEU D 89 -16.49 0.14 2.95
N LEU D 90 -15.44 -0.01 3.76
CA LEU D 90 -15.40 -1.03 4.79
C LEU D 90 -16.52 -0.88 5.82
N GLY D 91 -16.77 0.33 6.29
CA GLY D 91 -17.85 0.57 7.23
C GLY D 91 -19.22 0.34 6.59
N LEU D 92 -19.36 0.73 5.32
CA LEU D 92 -20.64 0.60 4.64
C LEU D 92 -20.98 -0.86 4.37
N ALA D 93 -20.01 -1.65 3.94
CA ALA D 93 -20.24 -3.07 3.74
C ALA D 93 -20.61 -3.75 5.05
N LEU D 94 -19.93 -3.39 6.14
CA LEU D 94 -20.27 -3.93 7.45
C LEU D 94 -21.68 -3.54 7.88
N PHE D 95 -22.09 -2.29 7.67
CA PHE D 95 -23.44 -1.86 8.02
C PHE D 95 -24.48 -2.64 7.22
N LEU D 96 -24.26 -2.79 5.91
CA LEU D 96 -25.21 -3.53 5.09
C LEU D 96 -25.25 -5.01 5.48
N THR D 97 -24.10 -5.60 5.80
CA THR D 97 -24.08 -6.98 6.26
C THR D 97 -24.83 -7.14 7.57
N PHE D 98 -24.64 -6.20 8.50
CA PHE D 98 -25.38 -6.24 9.76
C PHE D 98 -26.87 -6.14 9.52
N PHE D 99 -27.29 -5.28 8.59
CA PHE D 99 -28.71 -5.18 8.26
C PHE D 99 -29.23 -6.49 7.68
N ILE D 100 -28.48 -7.10 6.76
CA ILE D 100 -28.95 -8.30 6.08
C ILE D 100 -29.03 -9.47 7.06
N MET D 101 -28.00 -9.64 7.89
CA MET D 101 -27.88 -10.81 8.74
C MET D 101 -28.25 -10.55 10.19
N SER D 102 -29.15 -9.60 10.44
CA SER D 102 -29.74 -9.49 11.76
C SER D 102 -30.45 -10.77 12.21
N PRO D 103 -31.25 -11.46 11.38
CA PRO D 103 -31.85 -12.72 11.86
C PRO D 103 -30.81 -13.80 12.15
N VAL D 104 -29.79 -13.94 11.29
CA VAL D 104 -28.75 -14.94 11.52
C VAL D 104 -27.97 -14.61 12.79
N ILE D 105 -27.63 -13.33 12.98
CA ILE D 105 -26.91 -12.93 14.18
C ILE D 105 -27.75 -13.18 15.42
N ASP D 106 -29.05 -12.88 15.36
CA ASP D 106 -29.92 -13.13 16.50
C ASP D 106 -30.05 -14.61 16.80
N LYS D 107 -30.13 -15.45 15.77
CA LYS D 107 -30.20 -16.89 16.00
C LYS D 107 -28.92 -17.41 16.62
N ILE D 108 -27.77 -16.92 16.17
CA ILE D 108 -26.47 -17.30 16.73
C ILE D 108 -26.42 -16.87 18.20
N TYR D 109 -26.88 -15.65 18.47
CA TYR D 109 -26.88 -15.08 19.80
C TYR D 109 -27.72 -15.92 20.76
N VAL D 110 -28.95 -16.25 20.37
CA VAL D 110 -29.85 -16.97 21.26
C VAL D 110 -29.54 -18.46 21.31
N ASP D 111 -28.80 -18.99 20.32
CA ASP D 111 -28.49 -20.41 20.29
C ASP D 111 -27.07 -20.73 20.71
N ALA D 112 -26.12 -19.84 20.44
CA ALA D 112 -24.72 -20.06 20.80
C ALA D 112 -24.21 -19.06 21.83
N TYR D 113 -24.38 -17.76 21.59
CA TYR D 113 -23.82 -16.76 22.49
C TYR D 113 -24.47 -16.78 23.86
N GLN D 114 -25.80 -16.81 23.93
CA GLN D 114 -26.48 -16.81 25.22
C GLN D 114 -26.18 -18.06 26.05
N PRO D 115 -26.29 -19.29 25.54
CA PRO D 115 -26.03 -20.45 26.40
C PRO D 115 -24.56 -20.75 26.62
N PHE D 116 -23.65 -19.84 26.25
CA PHE D 116 -22.23 -20.12 26.35
C PHE D 116 -21.48 -18.94 26.96
N SER D 117 -22.14 -17.79 27.06
CA SER D 117 -21.53 -16.64 27.71
C SER D 117 -21.27 -16.92 29.19
N GLU D 118 -22.24 -17.50 29.88
CA GLU D 118 -22.05 -18.00 31.24
C GLU D 118 -22.09 -19.53 31.29
N GLN D 119 -21.56 -20.16 30.25
CA GLN D 119 -21.19 -21.58 30.19
C GLN D 119 -22.28 -22.50 30.74
N LYS D 120 -23.39 -22.57 29.99
CA LYS D 120 -24.30 -23.70 30.11
C LYS D 120 -23.94 -24.80 29.12
N ILE D 121 -22.92 -24.60 28.29
CA ILE D 121 -22.63 -25.51 27.19
C ILE D 121 -21.14 -25.44 26.91
N SER D 122 -20.61 -26.50 26.30
CA SER D 122 -19.20 -26.57 25.98
C SER D 122 -18.89 -25.84 24.67
N MET D 123 -17.60 -25.56 24.46
CA MET D 123 -17.19 -24.82 23.26
C MET D 123 -17.35 -25.67 22.00
N GLN D 124 -17.14 -26.98 22.11
CA GLN D 124 -17.15 -27.82 20.91
C GLN D 124 -18.48 -27.78 20.20
N GLU D 125 -19.58 -27.89 20.93
CA GLU D 125 -20.91 -27.80 20.33
C GLU D 125 -21.44 -26.38 20.27
N ALA D 126 -20.80 -25.43 20.97
CA ALA D 126 -21.15 -24.02 20.80
C ALA D 126 -20.86 -23.51 19.40
N LEU D 127 -19.75 -23.95 18.79
CA LEU D 127 -19.49 -23.60 17.40
C LEU D 127 -20.49 -24.26 16.46
N ASP D 128 -20.88 -25.51 16.75
CA ASP D 128 -21.87 -26.20 15.93
C ASP D 128 -23.21 -25.48 15.97
N LYS D 129 -23.63 -25.03 17.16
CA LYS D 129 -24.85 -24.26 17.27
C LYS D 129 -24.76 -22.95 16.50
N GLY D 130 -23.61 -22.28 16.56
CA GLY D 130 -23.42 -21.04 15.83
C GLY D 130 -23.14 -21.22 14.35
N ALA D 131 -22.92 -22.45 13.91
CA ALA D 131 -22.64 -22.71 12.50
C ALA D 131 -23.85 -23.17 11.72
N GLN D 132 -24.81 -23.85 12.36
CA GLN D 132 -25.97 -24.36 11.65
C GLN D 132 -26.76 -23.27 10.93
N PRO D 133 -27.09 -22.13 11.56
CA PRO D 133 -27.69 -21.04 10.77
C PRO D 133 -26.81 -20.59 9.62
N LEU D 134 -25.50 -20.48 9.85
CA LEU D 134 -24.59 -20.11 8.78
C LEU D 134 -24.55 -21.16 7.69
N ARG D 135 -24.52 -22.45 8.06
CA ARG D 135 -24.52 -23.50 7.06
C ARG D 135 -25.78 -23.45 6.21
N ALA D 136 -26.94 -23.33 6.85
CA ALA D 136 -28.20 -23.28 6.10
C ALA D 136 -28.25 -22.05 5.20
N PHE D 137 -27.78 -20.90 5.70
CA PHE D 137 -27.81 -19.68 4.91
C PHE D 137 -26.91 -19.79 3.68
N MET D 138 -25.65 -20.19 3.89
CA MET D 138 -24.74 -20.33 2.76
C MET D 138 -25.21 -21.42 1.79
N LEU D 139 -25.94 -22.42 2.28
CA LEU D 139 -26.59 -23.36 1.37
C LEU D 139 -27.66 -22.66 0.54
N ARG D 140 -28.42 -21.75 1.16
CA ARG D 140 -29.42 -20.99 0.43
C ARG D 140 -28.79 -20.13 -0.67
N GLN D 141 -27.66 -19.50 -0.38
CA GLN D 141 -27.04 -18.56 -1.30
C GLN D 141 -25.99 -19.19 -2.21
N THR D 142 -25.85 -20.51 -2.23
CA THR D 142 -24.85 -21.17 -3.07
C THR D 142 -25.53 -21.85 -4.25
N ARG D 143 -24.98 -21.62 -5.45
CA ARG D 143 -25.49 -22.29 -6.63
C ARG D 143 -25.22 -23.80 -6.55
N GLU D 144 -26.12 -24.57 -7.14
CA GLU D 144 -25.94 -26.02 -7.15
C GLU D 144 -24.75 -26.43 -8.00
N ALA D 145 -24.40 -25.62 -9.01
CA ALA D 145 -23.28 -25.96 -9.88
C ALA D 145 -21.96 -25.95 -9.11
N ASP D 146 -21.75 -24.95 -8.25
CA ASP D 146 -20.52 -24.91 -7.45
C ASP D 146 -20.45 -26.10 -6.49
N LEU D 147 -21.58 -26.43 -5.86
CA LEU D 147 -21.61 -27.59 -4.95
C LEU D 147 -21.28 -28.87 -5.70
N ALA D 148 -21.86 -29.06 -6.89
CA ALA D 148 -21.55 -30.24 -7.68
C ALA D 148 -20.08 -30.29 -8.08
N LEU D 149 -19.54 -29.13 -8.50
CA LEU D 149 -18.13 -29.08 -8.88
C LEU D 149 -17.23 -29.48 -7.73
N PHE D 150 -17.42 -28.90 -6.55
CA PHE D 150 -16.55 -29.22 -5.43
C PHE D 150 -16.80 -30.60 -4.87
N ALA D 151 -18.02 -31.14 -4.99
CA ALA D 151 -18.26 -32.52 -4.61
C ALA D 151 -17.53 -33.48 -5.53
N ARG D 152 -17.53 -33.20 -6.84
CA ARG D 152 -16.78 -34.04 -7.77
C ARG D 152 -15.28 -33.94 -7.52
N LEU D 153 -14.79 -32.73 -7.24
CA LEU D 153 -13.37 -32.57 -6.95
C LEU D 153 -12.97 -33.29 -5.67
N ALA D 154 -13.84 -33.25 -4.65
CA ALA D 154 -13.56 -33.93 -3.40
C ALA D 154 -13.86 -35.42 -3.45
N ASN D 155 -14.46 -35.91 -4.54
CA ASN D 155 -14.81 -37.33 -4.70
C ASN D 155 -15.68 -37.82 -3.54
N SER D 156 -16.63 -36.99 -3.13
CA SER D 156 -17.50 -37.31 -2.02
C SER D 156 -18.69 -38.15 -2.50
N GLY D 157 -19.68 -38.32 -1.62
CA GLY D 157 -20.83 -39.14 -1.90
C GLY D 157 -21.96 -38.40 -2.55
N PRO D 158 -23.19 -38.87 -2.34
CA PRO D 158 -24.37 -38.22 -2.96
C PRO D 158 -24.62 -36.81 -2.42
N LEU D 159 -24.44 -36.62 -1.12
CA LEU D 159 -24.71 -35.32 -0.47
C LEU D 159 -26.13 -34.85 -0.73
N GLN D 160 -27.09 -35.76 -0.59
CA GLN D 160 -28.48 -35.41 -0.85
C GLN D 160 -29.01 -34.42 0.19
N GLY D 161 -28.63 -34.60 1.45
CA GLY D 161 -29.15 -33.79 2.52
C GLY D 161 -28.20 -32.69 2.96
N PRO D 162 -28.75 -31.63 3.58
CA PRO D 162 -27.89 -30.56 4.11
C PRO D 162 -26.93 -31.06 5.18
N GLU D 163 -27.33 -32.10 5.92
CA GLU D 163 -26.43 -32.69 6.89
C GLU D 163 -25.27 -33.41 6.21
N ALA D 164 -25.49 -33.90 4.99
CA ALA D 164 -24.46 -34.68 4.32
C ALA D 164 -23.33 -33.79 3.81
N VAL D 165 -23.65 -32.61 3.30
CA VAL D 165 -22.64 -31.73 2.72
C VAL D 165 -21.75 -31.17 3.83
N PRO D 166 -20.43 -31.32 3.74
CA PRO D 166 -19.55 -30.83 4.79
C PRO D 166 -19.25 -29.34 4.62
N MET D 167 -18.63 -28.78 5.66
CA MET D 167 -18.15 -27.41 5.59
C MET D 167 -17.06 -27.27 4.54
N ARG D 168 -16.22 -28.31 4.40
CA ARG D 168 -15.12 -28.30 3.45
C ARG D 168 -15.60 -28.04 2.02
N ILE D 169 -16.76 -28.56 1.66
CA ILE D 169 -17.30 -28.35 0.32
C ILE D 169 -18.13 -27.07 0.26
N LEU D 170 -18.84 -26.76 1.35
CA LEU D 170 -19.77 -25.64 1.33
C LEU D 170 -19.04 -24.29 1.29
N LEU D 171 -17.90 -24.17 1.98
CA LEU D 171 -17.22 -22.88 2.05
C LEU D 171 -16.72 -22.39 0.70
N PRO D 172 -15.84 -23.12 -0.01
CA PRO D 172 -15.33 -22.58 -1.28
C PRO D 172 -16.40 -22.44 -2.34
N ALA D 173 -17.41 -23.32 -2.35
CA ALA D 173 -18.50 -23.17 -3.30
C ALA D 173 -19.28 -21.89 -3.03
N TYR D 174 -19.54 -21.59 -1.76
CA TYR D 174 -20.22 -20.35 -1.41
C TYR D 174 -19.38 -19.14 -1.82
N VAL D 175 -18.06 -19.21 -1.60
CA VAL D 175 -17.19 -18.09 -1.97
C VAL D 175 -17.20 -17.88 -3.47
N THR D 176 -17.13 -18.97 -4.25
CA THR D 176 -17.17 -18.86 -5.70
C THR D 176 -18.49 -18.28 -6.18
N SER D 177 -19.60 -18.72 -5.58
CA SER D 177 -20.91 -18.17 -5.93
C SER D 177 -20.97 -16.68 -5.64
N GLU D 178 -20.47 -16.26 -4.47
CA GLU D 178 -20.50 -14.85 -4.12
C GLU D 178 -19.64 -14.03 -5.07
N LEU D 179 -18.46 -14.54 -5.43
CA LEU D 179 -17.60 -13.82 -6.37
C LEU D 179 -18.26 -13.67 -7.73
N LYS D 180 -18.88 -14.74 -8.23
CA LYS D 180 -19.55 -14.68 -9.53
C LYS D 180 -20.70 -13.69 -9.50
N THR D 181 -21.52 -13.73 -8.45
CA THR D 181 -22.64 -12.80 -8.34
C THR D 181 -22.14 -11.36 -8.22
N ALA D 182 -21.06 -11.15 -7.46
CA ALA D 182 -20.54 -9.80 -7.29
C ALA D 182 -20.04 -9.23 -8.61
N PHE D 183 -19.33 -10.03 -9.40
CA PHE D 183 -18.89 -9.53 -10.70
C PHE D 183 -20.06 -9.35 -11.67
N GLN D 184 -21.08 -10.20 -11.59
CA GLN D 184 -22.26 -9.98 -12.42
C GLN D 184 -22.90 -8.62 -12.10
N ILE D 185 -23.09 -8.34 -10.81
CA ILE D 185 -23.68 -7.08 -10.40
C ILE D 185 -22.80 -5.91 -10.82
N GLY D 186 -21.49 -6.03 -10.61
CA GLY D 186 -20.60 -4.95 -10.99
C GLY D 186 -20.58 -4.68 -12.47
N PHE D 187 -20.58 -5.74 -13.29
CA PHE D 187 -20.63 -5.57 -14.73
C PHE D 187 -21.93 -4.88 -15.15
N THR D 188 -23.05 -5.25 -14.54
CA THR D 188 -24.29 -4.54 -14.83
C THR D 188 -24.21 -3.08 -14.39
N ILE D 189 -23.44 -2.80 -13.34
CA ILE D 189 -23.31 -1.44 -12.83
C ILE D 189 -22.51 -0.58 -13.81
N PHE D 190 -21.43 -1.13 -14.37
CA PHE D 190 -20.59 -0.37 -15.29
C PHE D 190 -21.35 0.13 -16.52
N ILE D 191 -22.47 -0.50 -16.88
CA ILE D 191 -23.09 -0.20 -18.18
C ILE D 191 -23.54 1.25 -18.31
N PRO D 192 -24.32 1.81 -17.38
CA PRO D 192 -24.68 3.24 -17.54
C PRO D 192 -23.48 4.17 -17.53
N PHE D 193 -22.49 3.89 -16.69
CA PHE D 193 -21.31 4.74 -16.66
C PHE D 193 -20.47 4.58 -17.92
N LEU D 194 -20.40 3.37 -18.46
CA LEU D 194 -19.75 3.18 -19.76
C LEU D 194 -20.46 3.97 -20.85
N ILE D 195 -21.79 3.96 -20.83
CA ILE D 195 -22.56 4.75 -21.80
C ILE D 195 -22.23 6.22 -21.65
N ILE D 196 -22.19 6.71 -20.42
CA ILE D 196 -21.89 8.12 -20.17
C ILE D 196 -20.52 8.48 -20.72
N ASP D 197 -19.52 7.66 -20.40
CA ASP D 197 -18.15 7.93 -20.85
C ASP D 197 -18.07 7.92 -22.37
N LEU D 198 -18.67 6.93 -23.02
CA LEU D 198 -18.60 6.85 -24.47
C LEU D 198 -19.31 8.03 -25.12
N VAL D 199 -20.48 8.41 -24.60
CA VAL D 199 -21.23 9.52 -25.18
C VAL D 199 -20.45 10.82 -25.05
N ILE D 200 -19.88 11.08 -23.87
CA ILE D 200 -19.16 12.33 -23.67
C ILE D 200 -17.89 12.36 -24.52
N ALA D 201 -17.18 11.23 -24.61
CA ALA D 201 -15.99 11.18 -25.45
C ALA D 201 -16.34 11.42 -26.91
N SER D 202 -17.44 10.82 -27.38
CA SER D 202 -17.86 11.02 -28.76
C SER D 202 -18.23 12.48 -29.02
N VAL D 203 -18.94 13.11 -28.08
CA VAL D 203 -19.31 14.51 -28.25
C VAL D 203 -18.06 15.39 -28.28
N LEU D 204 -17.12 15.14 -27.37
CA LEU D 204 -15.91 15.95 -27.34
C LEU D 204 -15.10 15.80 -28.62
N MET D 205 -15.00 14.57 -29.14
CA MET D 205 -14.33 14.40 -30.42
C MET D 205 -15.07 15.08 -31.57
N ALA D 206 -16.40 14.97 -31.61
CA ALA D 206 -17.17 15.61 -32.67
C ALA D 206 -17.11 17.12 -32.61
N LEU D 207 -16.81 17.69 -31.46
CA LEU D 207 -16.58 19.13 -31.34
C LEU D 207 -15.15 19.53 -31.67
N GLY D 208 -14.30 18.57 -32.01
CA GLY D 208 -12.89 18.86 -32.23
C GLY D 208 -12.09 18.91 -30.94
N MET D 209 -12.76 18.75 -29.80
CA MET D 209 -12.11 18.83 -28.49
C MET D 209 -11.40 17.50 -28.24
N MET D 210 -10.25 17.35 -28.88
CA MET D 210 -9.55 16.06 -28.88
C MET D 210 -8.65 15.92 -27.65
N MET D 211 -7.94 16.98 -27.27
CA MET D 211 -6.98 16.93 -26.19
C MET D 211 -7.60 17.06 -24.81
N VAL D 212 -8.89 17.36 -24.72
CA VAL D 212 -9.56 17.47 -23.42
C VAL D 212 -9.75 16.05 -22.88
N PRO D 213 -9.44 15.81 -21.60
CA PRO D 213 -9.65 14.48 -21.03
C PRO D 213 -11.10 14.26 -20.69
N PRO D 214 -11.73 13.24 -21.29
CA PRO D 214 -13.17 13.02 -21.06
C PRO D 214 -13.51 12.64 -19.64
N ALA D 215 -12.55 12.12 -18.85
CA ALA D 215 -12.86 11.73 -17.48
C ALA D 215 -13.21 12.95 -16.63
N THR D 216 -12.48 14.05 -16.81
CA THR D 216 -12.73 15.25 -16.01
C THR D 216 -14.11 15.82 -16.29
N ILE D 217 -14.56 15.76 -17.54
CA ILE D 217 -15.89 16.24 -17.89
C ILE D 217 -16.98 15.25 -17.54
N ALA D 218 -16.65 13.95 -17.48
CA ALA D 218 -17.64 12.92 -17.27
C ALA D 218 -17.90 12.61 -15.80
N LEU D 219 -16.92 12.85 -14.91
CA LEU D 219 -17.14 12.58 -13.50
C LEU D 219 -18.28 13.39 -12.91
N PRO D 220 -18.33 14.72 -13.06
CA PRO D 220 -19.49 15.46 -12.51
C PRO D 220 -20.81 15.04 -13.13
N PHE D 221 -20.83 14.73 -14.44
CA PHE D 221 -22.07 14.28 -15.05
C PHE D 221 -22.50 12.92 -14.50
N LYS D 222 -21.53 12.02 -14.28
CA LYS D 222 -21.86 10.72 -13.70
C LYS D 222 -22.44 10.88 -12.30
N LEU D 223 -21.84 11.76 -11.48
CA LEU D 223 -22.37 11.97 -10.14
C LEU D 223 -23.75 12.62 -10.19
N MET D 224 -23.96 13.55 -11.13
CA MET D 224 -25.27 14.18 -11.27
C MET D 224 -26.34 13.17 -11.65
N LEU D 225 -26.03 12.28 -12.58
CA LEU D 225 -26.97 11.21 -12.91
C LEU D 225 -27.20 10.30 -11.71
N PHE D 226 -26.14 9.98 -10.97
CA PHE D 226 -26.26 9.07 -9.85
C PHE D 226 -27.10 9.67 -8.73
N VAL D 227 -27.10 11.00 -8.59
CA VAL D 227 -27.92 11.62 -7.56
C VAL D 227 -29.34 11.89 -8.02
N LEU D 228 -29.56 12.14 -9.32
CA LEU D 228 -30.93 12.32 -9.79
C LEU D 228 -31.68 10.98 -9.82
N VAL D 229 -31.00 9.91 -10.21
CA VAL D 229 -31.63 8.60 -10.23
C VAL D 229 -31.80 8.11 -8.80
N ASP D 230 -31.11 8.76 -7.86
CA ASP D 230 -31.14 8.28 -6.45
C ASP D 230 -30.67 6.83 -6.48
N GLY D 231 -29.47 6.59 -7.01
CA GLY D 231 -28.98 5.21 -7.17
C GLY D 231 -28.52 4.58 -5.87
N TRP D 232 -28.17 5.37 -4.86
CA TRP D 232 -27.62 4.73 -3.67
C TRP D 232 -28.64 3.79 -3.03
N GLN D 233 -29.85 4.28 -2.78
CA GLN D 233 -30.87 3.40 -2.19
C GLN D 233 -31.26 2.31 -3.16
N LEU D 234 -31.20 2.58 -4.46
CA LEU D 234 -31.45 1.52 -5.44
C LEU D 234 -30.41 0.42 -5.31
N LEU D 235 -29.14 0.78 -5.14
CA LEU D 235 -28.10 -0.23 -4.97
C LEU D 235 -28.32 -1.04 -3.70
N MET D 236 -28.62 -0.35 -2.59
CA MET D 236 -28.84 -1.08 -1.34
C MET D 236 -30.03 -2.03 -1.45
N GLY D 237 -31.13 -1.56 -2.01
CA GLY D 237 -32.30 -2.42 -2.16
C GLY D 237 -32.05 -3.59 -3.09
N SER D 238 -31.38 -3.33 -4.22
CA SER D 238 -31.08 -4.42 -5.15
C SER D 238 -30.15 -5.45 -4.50
N LEU D 239 -29.14 -4.99 -3.78
CA LEU D 239 -28.24 -5.91 -3.11
C LEU D 239 -28.99 -6.76 -2.09
N ALA D 240 -29.83 -6.12 -1.26
CA ALA D 240 -30.57 -6.85 -0.24
C ALA D 240 -31.50 -7.88 -0.86
N GLN D 241 -32.28 -7.47 -1.88
CA GLN D 241 -33.24 -8.38 -2.49
C GLN D 241 -32.53 -9.53 -3.22
N SER D 242 -31.45 -9.23 -3.93
CA SER D 242 -30.74 -10.28 -4.65
C SER D 242 -30.00 -11.21 -3.70
N PHE D 243 -29.62 -10.71 -2.53
CA PHE D 243 -28.81 -11.53 -1.63
C PHE D 243 -29.68 -12.34 -0.68
N TYR D 244 -30.91 -11.89 -0.44
CA TYR D 244 -31.86 -12.70 0.30
C TYR D 244 -32.34 -13.93 -0.47
N SER D 245 -32.29 -13.89 -1.80
CA SER D 245 -32.76 -15.01 -2.61
C SER D 245 -31.87 -16.23 -2.44
N GLN E 22 -8.16 -12.43 38.55
CA GLN E 22 -9.53 -12.12 38.17
C GLN E 22 -9.57 -10.86 37.29
N LEU E 23 -8.97 -10.95 36.11
CA LEU E 23 -9.00 -9.84 35.18
C LEU E 23 -10.35 -9.73 34.50
N PRO E 24 -10.75 -8.53 34.07
CA PRO E 24 -12.06 -8.38 33.42
C PRO E 24 -12.23 -9.24 32.17
N GLY E 25 -11.16 -9.41 31.39
CA GLY E 25 -11.24 -10.19 30.18
C GLY E 25 -10.94 -11.67 30.37
N LEU E 26 -10.32 -12.01 31.49
CA LEU E 26 -9.90 -13.38 31.74
C LEU E 26 -10.91 -14.09 32.66
N ILE E 27 -11.25 -15.32 32.31
CA ILE E 27 -12.14 -16.15 33.10
C ILE E 27 -11.37 -17.38 33.56
N SER E 28 -11.44 -17.66 34.86
CA SER E 28 -10.70 -18.76 35.46
C SER E 28 -11.67 -19.81 35.99
N GLN E 29 -11.42 -21.07 35.65
CA GLN E 29 -12.23 -22.18 36.12
C GLN E 29 -11.32 -23.33 36.56
N PRO E 30 -11.52 -23.87 37.75
CA PRO E 30 -10.71 -25.03 38.17
C PRO E 30 -11.03 -26.27 37.36
N LEU E 31 -9.99 -27.00 36.98
CA LEU E 31 -10.12 -28.28 36.28
C LEU E 31 -9.20 -29.31 36.93
N ALA E 32 -9.70 -30.53 37.10
CA ALA E 32 -8.93 -31.68 37.57
C ALA E 32 -8.23 -31.40 38.89
N GLY E 33 -6.90 -31.57 38.91
CA GLY E 33 -6.13 -31.43 40.14
C GLY E 33 -5.66 -30.02 40.43
N GLY E 34 -6.59 -29.13 40.76
CA GLY E 34 -6.25 -27.77 41.10
C GLY E 34 -5.74 -26.95 39.92
N GLY E 35 -6.03 -27.43 38.71
CA GLY E 35 -5.65 -26.69 37.52
C GLY E 35 -6.69 -25.66 37.14
N GLN E 36 -6.25 -24.41 37.04
CA GLN E 36 -7.13 -23.28 36.72
C GLN E 36 -6.89 -22.88 35.28
N SER E 37 -7.95 -22.90 34.47
CA SER E 37 -7.87 -22.51 33.09
C SER E 37 -8.08 -21.01 32.96
N TRP E 38 -6.97 -20.25 32.96
CA TRP E 38 -7.02 -18.81 32.78
C TRP E 38 -7.31 -18.53 31.31
N SER E 39 -8.59 -18.46 30.96
CA SER E 39 -9.01 -18.32 29.58
C SER E 39 -9.63 -16.95 29.35
N LEU E 40 -9.71 -16.57 28.08
CA LEU E 40 -10.17 -15.26 27.66
C LEU E 40 -11.67 -15.29 27.37
N SER E 41 -12.38 -14.28 27.87
CA SER E 41 -13.84 -14.21 27.71
C SER E 41 -14.24 -14.04 26.25
N VAL E 42 -15.42 -14.53 25.90
CA VAL E 42 -15.87 -14.48 24.52
C VAL E 42 -16.11 -13.04 24.07
N GLN E 43 -16.59 -12.18 24.96
CA GLN E 43 -16.72 -10.77 24.65
C GLN E 43 -15.37 -10.15 24.34
N THR E 44 -14.36 -10.51 25.13
CA THR E 44 -13.00 -10.06 24.85
C THR E 44 -12.51 -10.63 23.52
N LEU E 45 -12.89 -11.86 23.19
CA LEU E 45 -12.54 -12.40 21.88
C LEU E 45 -13.13 -11.57 20.76
N VAL E 46 -14.42 -11.20 20.88
CA VAL E 46 -15.04 -10.37 19.86
C VAL E 46 -14.32 -9.03 19.73
N PHE E 47 -14.00 -8.41 20.86
CA PHE E 47 -13.32 -7.12 20.82
C PHE E 47 -11.95 -7.25 20.17
N ILE E 48 -11.20 -8.30 20.52
CA ILE E 48 -9.83 -8.45 20.00
C ILE E 48 -9.87 -8.86 18.52
N THR E 49 -10.96 -9.48 18.08
CA THR E 49 -11.09 -9.76 16.65
C THR E 49 -11.47 -8.51 15.87
N SER E 50 -12.29 -7.64 16.47
CA SER E 50 -12.87 -6.53 15.74
C SER E 50 -12.20 -5.18 16.02
N LEU E 51 -11.08 -5.15 16.76
CA LEU E 51 -10.52 -3.86 17.16
C LEU E 51 -10.14 -3.02 15.96
N THR E 52 -9.76 -3.66 14.85
CA THR E 52 -9.45 -2.93 13.63
C THR E 52 -10.69 -2.45 12.90
N PHE E 53 -11.88 -2.84 13.35
CA PHE E 53 -13.13 -2.42 12.74
C PHE E 53 -13.85 -1.32 13.52
N LEU E 54 -13.69 -1.29 14.84
CA LEU E 54 -14.36 -0.26 15.64
C LEU E 54 -14.13 1.16 15.14
N PRO E 55 -12.92 1.59 14.74
CA PRO E 55 -12.80 2.93 14.16
C PRO E 55 -13.70 3.13 12.96
N ALA E 56 -13.88 2.09 12.13
CA ALA E 56 -14.72 2.24 10.94
C ALA E 56 -16.18 2.49 11.32
N ILE E 57 -16.74 1.67 12.21
CA ILE E 57 -18.15 1.85 12.59
C ILE E 57 -18.33 3.17 13.33
N LEU E 58 -17.43 3.51 14.25
CA LEU E 58 -17.56 4.76 14.98
C LEU E 58 -17.46 5.97 14.05
N LEU E 59 -16.60 5.89 13.04
CA LEU E 59 -16.50 7.00 12.10
C LEU E 59 -17.68 7.04 11.14
N MET E 60 -18.30 5.89 10.86
CA MET E 60 -19.47 5.91 9.99
C MET E 60 -20.71 6.40 10.72
N MET E 61 -20.81 6.18 12.02
CA MET E 61 -21.97 6.68 12.76
C MET E 61 -21.93 8.19 12.94
N THR E 62 -20.79 8.84 12.70
CA THR E 62 -20.67 10.28 12.83
C THR E 62 -20.69 10.92 11.44
N SER E 63 -20.48 12.24 11.38
CA SER E 63 -20.52 13.04 10.17
C SER E 63 -19.28 12.84 9.27
N PHE E 64 -18.43 11.88 9.61
CA PHE E 64 -17.21 11.63 8.84
C PHE E 64 -17.53 11.20 7.41
N THR E 65 -18.59 10.41 7.23
CA THR E 65 -18.97 9.84 5.94
C THR E 65 -19.29 10.90 4.90
N ARG E 66 -19.76 12.07 5.30
CA ARG E 66 -20.10 13.13 4.35
C ARG E 66 -18.94 14.07 4.09
N ILE E 67 -18.22 14.46 5.14
CA ILE E 67 -17.09 15.35 4.99
C ILE E 67 -16.01 14.71 4.13
N ILE E 68 -15.74 13.42 4.33
CA ILE E 68 -14.68 12.77 3.55
C ILE E 68 -15.04 12.74 2.07
N ILE E 69 -16.28 12.38 1.74
CA ILE E 69 -16.69 12.36 0.34
C ILE E 69 -16.62 13.76 -0.26
N VAL E 70 -17.06 14.76 0.49
CA VAL E 70 -16.98 16.13 -0.01
C VAL E 70 -15.54 16.52 -0.29
N PHE E 71 -14.63 16.19 0.63
CA PHE E 71 -13.23 16.56 0.46
C PHE E 71 -12.61 15.85 -0.74
N GLY E 72 -12.90 14.56 -0.90
CA GLY E 72 -12.38 13.81 -2.04
C GLY E 72 -12.90 14.33 -3.37
N LEU E 73 -14.20 14.63 -3.41
CA LEU E 73 -14.78 15.16 -4.63
C LEU E 73 -14.24 16.56 -4.92
N LEU E 74 -13.92 17.34 -3.88
CA LEU E 74 -13.25 18.61 -4.10
C LEU E 74 -11.85 18.42 -4.67
N ARG E 75 -11.11 17.43 -4.17
CA ARG E 75 -9.81 17.12 -4.76
C ARG E 75 -9.94 16.79 -6.24
N ASN E 76 -10.91 15.95 -6.58
CA ASN E 76 -11.15 15.63 -7.99
C ASN E 76 -11.60 16.85 -8.78
N ALA E 77 -12.38 17.74 -8.16
CA ALA E 77 -12.86 18.93 -8.85
C ALA E 77 -11.72 19.89 -9.17
N LEU E 78 -10.74 19.99 -8.28
CA LEU E 78 -9.60 20.86 -8.54
C LEU E 78 -8.71 20.36 -9.67
N GLY E 79 -9.03 19.21 -10.27
CA GLY E 79 -8.21 18.68 -11.34
C GLY E 79 -6.83 18.25 -10.91
N THR E 80 -6.61 18.14 -9.61
CA THR E 80 -5.29 17.81 -9.05
C THR E 80 -5.43 16.72 -8.01
N PRO E 81 -5.56 15.46 -8.45
CA PRO E 81 -5.72 14.36 -7.50
C PRO E 81 -4.53 14.27 -6.55
N SER E 82 -4.85 13.97 -5.28
CA SER E 82 -3.85 13.85 -4.22
C SER E 82 -2.99 15.09 -4.10
N ALA E 83 -3.61 16.27 -4.25
CA ALA E 83 -2.85 17.51 -4.05
C ALA E 83 -2.62 17.78 -2.57
N PRO E 84 -3.64 17.79 -1.70
CA PRO E 84 -3.36 17.73 -0.27
C PRO E 84 -3.30 16.29 0.20
N PRO E 85 -2.36 15.96 1.08
CA PRO E 85 -2.19 14.57 1.49
C PRO E 85 -3.44 14.04 2.19
N ASN E 86 -3.65 12.72 2.07
CA ASN E 86 -4.81 12.10 2.67
C ASN E 86 -4.87 12.32 4.18
N GLN E 87 -3.71 12.35 4.84
CA GLN E 87 -3.69 12.49 6.30
C GLN E 87 -4.21 13.85 6.74
N VAL E 88 -3.82 14.92 6.06
CA VAL E 88 -4.24 16.25 6.50
C VAL E 88 -5.74 16.42 6.30
N LEU E 89 -6.31 15.85 5.25
CA LEU E 89 -7.74 15.95 5.04
C LEU E 89 -8.51 15.03 5.98
N LEU E 90 -7.93 13.87 6.31
CA LEU E 90 -8.52 13.02 7.34
C LEU E 90 -8.55 13.72 8.68
N GLY E 91 -7.54 14.53 8.99
CA GLY E 91 -7.56 15.31 10.21
C GLY E 91 -8.55 16.47 10.15
N LEU E 92 -8.63 17.12 8.98
CA LEU E 92 -9.55 18.24 8.81
C LEU E 92 -11.00 17.79 8.92
N ALA E 93 -11.34 16.64 8.33
CA ALA E 93 -12.70 16.12 8.38
C ALA E 93 -13.06 15.73 9.81
N LEU E 94 -12.07 15.29 10.58
CA LEU E 94 -12.26 14.97 11.99
C LEU E 94 -12.62 16.20 12.81
N PHE E 95 -11.99 17.33 12.54
CA PHE E 95 -12.32 18.57 13.24
C PHE E 95 -13.75 18.98 12.99
N LEU E 96 -14.21 18.87 11.74
CA LEU E 96 -15.60 19.20 11.43
C LEU E 96 -16.57 18.27 12.16
N THR E 97 -16.24 16.97 12.23
CA THR E 97 -17.11 16.05 12.97
C THR E 97 -17.15 16.41 14.45
N PHE E 98 -15.98 16.74 15.02
CA PHE E 98 -15.93 17.05 16.44
C PHE E 98 -16.70 18.33 16.76
N PHE E 99 -16.62 19.34 15.89
CA PHE E 99 -17.37 20.56 16.11
C PHE E 99 -18.86 20.36 15.88
N ILE E 100 -19.22 19.68 14.79
CA ILE E 100 -20.61 19.55 14.40
C ILE E 100 -21.39 18.75 15.43
N MET E 101 -20.83 17.63 15.90
CA MET E 101 -21.53 16.79 16.86
C MET E 101 -21.18 17.10 18.30
N SER E 102 -20.62 18.27 18.57
CA SER E 102 -20.40 18.70 19.94
C SER E 102 -21.72 18.76 20.73
N PRO E 103 -22.84 19.24 20.16
CA PRO E 103 -24.10 19.13 20.93
C PRO E 103 -24.49 17.70 21.25
N VAL E 104 -24.27 16.78 20.29
CA VAL E 104 -24.64 15.36 20.50
C VAL E 104 -23.87 14.81 21.69
N ILE E 105 -22.54 14.96 21.67
CA ILE E 105 -21.68 14.42 22.77
C ILE E 105 -22.08 15.11 24.08
N ASP E 106 -22.34 16.43 24.03
CA ASP E 106 -22.74 17.18 25.24
C ASP E 106 -24.00 16.53 25.82
N LYS E 107 -25.01 16.31 24.98
CA LYS E 107 -26.25 15.63 25.44
C LYS E 107 -25.86 14.29 26.07
N ILE E 108 -24.99 13.54 25.39
CA ILE E 108 -24.60 12.22 25.89
C ILE E 108 -23.98 12.37 27.28
N TYR E 109 -23.11 13.36 27.42
CA TYR E 109 -22.46 13.63 28.70
C TYR E 109 -23.47 13.95 29.79
N VAL E 110 -24.38 14.90 29.51
CA VAL E 110 -25.28 15.38 30.56
C VAL E 110 -26.47 14.46 30.77
N ASP E 111 -26.70 13.50 29.88
CA ASP E 111 -27.79 12.54 30.03
C ASP E 111 -27.32 11.15 30.42
N ALA E 112 -26.10 10.74 30.04
CA ALA E 112 -25.59 9.42 30.36
C ALA E 112 -24.50 9.44 31.42
N TYR E 113 -23.41 10.19 31.19
CA TYR E 113 -22.33 10.21 32.16
C TYR E 113 -22.62 11.04 33.40
N GLN E 114 -23.28 12.19 33.26
CA GLN E 114 -23.52 13.02 34.43
C GLN E 114 -24.35 12.31 35.48
N PRO E 115 -25.43 11.58 35.15
CA PRO E 115 -26.15 10.83 36.19
C PRO E 115 -25.57 9.46 36.49
N PHE E 116 -24.42 9.07 35.92
CA PHE E 116 -23.91 7.72 36.14
C PHE E 116 -22.55 7.74 36.83
N SER E 117 -21.81 8.85 36.70
CA SER E 117 -20.44 8.91 37.22
C SER E 117 -20.41 8.66 38.73
N GLU E 118 -21.47 9.03 39.43
CA GLU E 118 -21.57 8.83 40.87
C GLU E 118 -22.44 7.62 41.22
N GLN E 119 -22.57 6.68 40.28
CA GLN E 119 -23.40 5.49 40.43
C GLN E 119 -24.79 5.85 40.92
N LYS E 120 -25.42 6.78 40.18
CA LYS E 120 -26.75 7.27 40.50
C LYS E 120 -27.84 6.58 39.69
N ILE E 121 -27.48 5.87 38.63
CA ILE E 121 -28.46 5.26 37.74
C ILE E 121 -27.83 4.04 37.09
N SER E 122 -28.67 3.15 36.57
CA SER E 122 -28.26 1.79 36.23
C SER E 122 -27.55 1.71 34.88
N MET E 123 -26.96 0.54 34.63
CA MET E 123 -26.23 0.29 33.38
C MET E 123 -27.17 0.14 32.19
N GLN E 124 -28.24 -0.64 32.35
CA GLN E 124 -29.04 -1.05 31.19
C GLN E 124 -29.69 0.14 30.50
N GLU E 125 -30.21 1.09 31.27
CA GLU E 125 -30.81 2.30 30.71
C GLU E 125 -29.79 3.29 30.19
N ALA E 126 -28.53 3.19 30.65
CA ALA E 126 -27.49 4.13 30.23
C ALA E 126 -27.16 4.01 28.75
N LEU E 127 -27.13 2.79 28.20
CA LEU E 127 -26.91 2.64 26.76
C LEU E 127 -28.03 3.27 25.95
N ASP E 128 -29.28 3.11 26.41
CA ASP E 128 -30.39 3.78 25.74
C ASP E 128 -30.27 5.29 25.84
N LYS E 129 -29.92 5.81 27.02
CA LYS E 129 -29.71 7.25 27.17
C LYS E 129 -28.53 7.74 26.35
N GLY E 130 -27.53 6.89 26.15
CA GLY E 130 -26.40 7.26 25.30
C GLY E 130 -26.67 7.10 23.82
N ALA E 131 -27.76 6.43 23.45
CA ALA E 131 -28.09 6.20 22.05
C ALA E 131 -29.25 7.06 21.55
N GLN E 132 -30.15 7.47 22.44
CA GLN E 132 -31.29 8.30 22.01
C GLN E 132 -30.86 9.59 21.34
N PRO E 133 -29.95 10.40 21.89
CA PRO E 133 -29.48 11.57 21.13
C PRO E 133 -28.85 11.20 19.80
N LEU E 134 -28.08 10.12 19.76
CA LEU E 134 -27.50 9.67 18.50
C LEU E 134 -28.58 9.16 17.54
N ARG E 135 -29.58 8.44 18.07
CA ARG E 135 -30.66 7.97 17.23
C ARG E 135 -31.41 9.13 16.59
N ALA E 136 -31.74 10.16 17.39
CA ALA E 136 -32.42 11.33 16.87
C ALA E 136 -31.54 12.09 15.88
N PHE E 137 -30.25 12.17 16.17
CA PHE E 137 -29.32 12.85 15.28
C PHE E 137 -29.26 12.18 13.92
N MET E 138 -29.22 10.84 13.90
CA MET E 138 -29.24 10.11 12.63
C MET E 138 -30.58 10.29 11.93
N LEU E 139 -31.69 10.26 12.69
CA LEU E 139 -33.00 10.41 12.08
C LEU E 139 -33.19 11.77 11.43
N ARG E 140 -32.61 12.81 12.02
CA ARG E 140 -32.72 14.16 11.44
C ARG E 140 -32.03 14.29 10.10
N GLN E 141 -31.18 13.34 9.72
CA GLN E 141 -30.49 13.36 8.44
C GLN E 141 -31.01 12.36 7.42
N THR E 142 -31.62 11.27 7.87
CA THR E 142 -32.04 10.23 6.96
C THR E 142 -33.30 10.63 6.20
N ARG E 143 -33.31 10.38 4.89
CA ARG E 143 -34.50 10.58 4.10
C ARG E 143 -35.60 9.62 4.52
N GLU E 144 -36.85 10.04 4.35
CA GLU E 144 -37.97 9.15 4.63
C GLU E 144 -37.99 7.97 3.67
N ALA E 145 -37.55 8.19 2.43
CA ALA E 145 -37.56 7.12 1.43
C ALA E 145 -36.65 5.97 1.83
N ASP E 146 -35.45 6.28 2.32
CA ASP E 146 -34.52 5.21 2.73
C ASP E 146 -35.08 4.42 3.89
N LEU E 147 -35.66 5.10 4.89
CA LEU E 147 -36.25 4.40 6.02
C LEU E 147 -37.41 3.52 5.58
N ALA E 148 -38.27 4.02 4.70
CA ALA E 148 -39.38 3.22 4.20
C ALA E 148 -38.87 2.00 3.44
N LEU E 149 -37.86 2.19 2.59
CA LEU E 149 -37.30 1.08 1.82
C LEU E 149 -36.76 0.00 2.74
N PHE E 150 -35.94 0.39 3.73
CA PHE E 150 -35.33 -0.61 4.59
C PHE E 150 -36.32 -1.24 5.56
N ALA E 151 -37.35 -0.49 5.97
CA ALA E 151 -38.41 -1.10 6.77
C ALA E 151 -39.21 -2.11 5.96
N ARG E 152 -39.49 -1.80 4.69
CA ARG E 152 -40.21 -2.75 3.86
C ARG E 152 -39.39 -4.00 3.59
N LEU E 153 -38.08 -3.83 3.37
CA LEU E 153 -37.20 -4.98 3.22
C LEU E 153 -37.14 -5.80 4.50
N ALA E 154 -37.12 -5.13 5.65
CA ALA E 154 -37.10 -5.81 6.95
C ALA E 154 -38.44 -6.39 7.33
N ASN E 155 -39.51 -6.06 6.62
CA ASN E 155 -40.86 -6.54 6.93
C ASN E 155 -41.26 -6.20 8.37
N SER E 156 -40.98 -4.95 8.77
CA SER E 156 -41.25 -4.51 10.12
C SER E 156 -42.67 -3.95 10.22
N GLY E 157 -42.97 -3.33 11.36
CA GLY E 157 -44.29 -2.81 11.62
C GLY E 157 -44.47 -1.38 11.20
N PRO E 158 -45.32 -0.64 11.92
CA PRO E 158 -45.61 0.75 11.55
C PRO E 158 -44.43 1.69 11.78
N LEU E 159 -43.75 1.52 12.92
CA LEU E 159 -42.60 2.39 13.27
C LEU E 159 -43.02 3.86 13.34
N GLN E 160 -44.22 4.15 13.87
CA GLN E 160 -44.68 5.52 13.97
C GLN E 160 -43.77 6.42 14.79
N GLY E 161 -43.20 5.88 15.87
CA GLY E 161 -42.34 6.66 16.74
C GLY E 161 -40.87 6.44 16.47
N PRO E 162 -40.06 7.47 16.74
CA PRO E 162 -38.61 7.32 16.58
C PRO E 162 -38.02 6.21 17.45
N GLU E 163 -38.56 6.00 18.65
CA GLU E 163 -38.07 4.93 19.51
C GLU E 163 -38.33 3.57 18.90
N ALA E 164 -39.39 3.45 18.10
CA ALA E 164 -39.73 2.18 17.46
C ALA E 164 -38.77 1.81 16.34
N VAL E 165 -37.90 2.73 15.91
CA VAL E 165 -36.98 2.46 14.81
C VAL E 165 -35.75 1.75 15.35
N PRO E 166 -35.49 0.51 14.93
CA PRO E 166 -34.29 -0.18 15.41
C PRO E 166 -33.04 0.35 14.73
N MET E 167 -31.89 0.05 15.36
CA MET E 167 -30.61 0.36 14.74
C MET E 167 -30.44 -0.40 13.44
N ARG E 168 -31.01 -1.60 13.35
CA ARG E 168 -30.91 -2.41 12.15
C ARG E 168 -31.42 -1.67 10.92
N ILE E 169 -32.44 -0.84 11.08
CA ILE E 169 -32.99 -0.08 9.97
C ILE E 169 -32.34 1.29 9.85
N LEU E 170 -32.02 1.92 10.99
CA LEU E 170 -31.51 3.29 10.96
C LEU E 170 -30.07 3.36 10.47
N LEU E 171 -29.23 2.41 10.88
CA LEU E 171 -27.82 2.46 10.50
C LEU E 171 -27.59 2.43 9.00
N PRO E 172 -28.20 1.54 8.20
CA PRO E 172 -27.94 1.56 6.76
C PRO E 172 -28.63 2.72 6.08
N ALA E 173 -29.82 3.10 6.56
CA ALA E 173 -30.53 4.23 5.99
C ALA E 173 -29.74 5.51 6.17
N TYR E 174 -29.14 5.69 7.36
CA TYR E 174 -28.35 6.90 7.60
C TYR E 174 -27.19 7.02 6.63
N VAL E 175 -26.44 5.94 6.42
CA VAL E 175 -25.27 6.01 5.55
C VAL E 175 -25.70 6.15 4.10
N THR E 176 -26.79 5.49 3.68
CA THR E 176 -27.22 5.61 2.30
C THR E 176 -27.84 6.99 2.03
N SER E 177 -28.25 7.71 3.06
CA SER E 177 -28.64 9.10 2.87
C SER E 177 -27.45 10.05 2.88
N GLU E 178 -26.47 9.78 3.75
CA GLU E 178 -25.27 10.60 3.78
C GLU E 178 -24.49 10.50 2.48
N LEU E 179 -24.42 9.32 1.88
CA LEU E 179 -23.75 9.20 0.60
C LEU E 179 -24.42 10.04 -0.47
N LYS E 180 -25.74 10.01 -0.52
CA LYS E 180 -26.47 10.79 -1.53
C LYS E 180 -26.25 12.29 -1.33
N THR E 181 -26.37 12.76 -0.07
CA THR E 181 -26.20 14.19 0.15
C THR E 181 -24.77 14.64 -0.07
N ALA E 182 -23.78 13.81 0.28
CA ALA E 182 -22.39 14.14 0.01
C ALA E 182 -22.12 14.20 -1.49
N PHE E 183 -22.71 13.27 -2.24
CA PHE E 183 -22.55 13.30 -3.70
C PHE E 183 -23.18 14.55 -4.29
N GLN E 184 -24.35 14.95 -3.78
CA GLN E 184 -24.98 16.17 -4.27
C GLN E 184 -24.12 17.40 -3.98
N ILE E 185 -23.58 17.49 -2.77
CA ILE E 185 -22.71 18.62 -2.42
C ILE E 185 -21.46 18.60 -3.29
N GLY E 186 -20.88 17.43 -3.51
CA GLY E 186 -19.72 17.34 -4.36
C GLY E 186 -20.00 17.78 -5.78
N PHE E 187 -21.16 17.41 -6.33
CA PHE E 187 -21.52 17.85 -7.66
C PHE E 187 -21.67 19.37 -7.73
N THR E 188 -22.30 19.96 -6.71
CA THR E 188 -22.37 21.42 -6.64
C THR E 188 -20.97 22.02 -6.60
N ILE E 189 -20.02 21.30 -6.00
CA ILE E 189 -18.63 21.77 -5.99
C ILE E 189 -18.01 21.67 -7.38
N PHE E 190 -18.26 20.57 -8.09
CA PHE E 190 -17.73 20.43 -9.46
C PHE E 190 -18.25 21.49 -10.40
N ILE E 191 -19.50 21.93 -10.22
CA ILE E 191 -20.13 22.80 -11.23
C ILE E 191 -19.27 24.00 -11.60
N PRO E 192 -18.78 24.81 -10.64
CA PRO E 192 -17.94 25.96 -11.06
C PRO E 192 -16.64 25.54 -11.71
N PHE E 193 -15.97 24.51 -11.20
CA PHE E 193 -14.73 24.07 -11.81
C PHE E 193 -14.97 23.46 -13.20
N LEU E 194 -16.10 22.77 -13.38
CA LEU E 194 -16.45 22.28 -14.70
C LEU E 194 -16.64 23.44 -15.67
N ILE E 195 -17.32 24.50 -15.22
CA ILE E 195 -17.48 25.68 -16.07
C ILE E 195 -16.12 26.30 -16.41
N ILE E 196 -15.23 26.38 -15.42
CA ILE E 196 -13.90 26.95 -15.67
C ILE E 196 -13.16 26.14 -16.71
N ASP E 197 -13.15 24.82 -16.55
CA ASP E 197 -12.43 23.96 -17.49
C ASP E 197 -13.02 24.07 -18.90
N LEU E 198 -14.35 24.06 -19.00
CA LEU E 198 -14.99 24.17 -20.31
C LEU E 198 -14.68 25.51 -20.96
N VAL E 199 -14.70 26.60 -20.18
CA VAL E 199 -14.42 27.92 -20.74
C VAL E 199 -12.99 27.99 -21.24
N ILE E 200 -12.03 27.50 -20.44
CA ILE E 200 -10.63 27.54 -20.85
C ILE E 200 -10.41 26.70 -22.10
N ALA E 201 -10.97 25.50 -22.13
CA ALA E 201 -10.80 24.62 -23.29
C ALA E 201 -11.42 25.23 -24.54
N SER E 202 -12.62 25.81 -24.41
CA SER E 202 -13.26 26.44 -25.55
C SER E 202 -12.47 27.63 -26.06
N VAL E 203 -11.94 28.44 -25.14
CA VAL E 203 -11.12 29.58 -25.54
C VAL E 203 -9.88 29.11 -26.28
N LEU E 204 -9.23 28.07 -25.77
CA LEU E 204 -8.05 27.53 -26.46
C LEU E 204 -8.41 26.99 -27.84
N MET E 205 -9.54 26.30 -27.95
CA MET E 205 -9.87 25.63 -29.20
C MET E 205 -10.35 26.64 -30.26
N ALA E 206 -11.05 27.69 -29.83
CA ALA E 206 -11.48 28.72 -30.76
C ALA E 206 -10.32 29.45 -31.40
N LEU E 207 -9.18 29.56 -30.70
CA LEU E 207 -7.99 30.18 -31.24
C LEU E 207 -7.04 29.20 -31.90
N GLY E 208 -7.56 28.08 -32.41
CA GLY E 208 -6.75 27.15 -33.18
C GLY E 208 -5.68 26.43 -32.39
N MET E 209 -5.79 26.43 -31.07
CA MET E 209 -4.80 25.74 -30.23
C MET E 209 -5.28 24.34 -29.89
N MET E 210 -5.38 23.48 -30.90
CA MET E 210 -5.90 22.14 -30.68
C MET E 210 -4.96 21.29 -29.83
N MET E 211 -3.66 21.34 -30.14
CA MET E 211 -2.72 20.42 -29.52
C MET E 211 -2.50 20.71 -28.03
N VAL E 212 -2.76 21.93 -27.59
CA VAL E 212 -2.45 22.34 -26.22
C VAL E 212 -3.48 21.71 -25.28
N PRO E 213 -3.05 20.94 -24.28
CA PRO E 213 -4.00 20.35 -23.33
C PRO E 213 -4.58 21.41 -22.42
N PRO E 214 -5.91 21.51 -22.35
CA PRO E 214 -6.52 22.57 -21.53
C PRO E 214 -6.32 22.40 -20.04
N ALA E 215 -5.99 21.18 -19.57
CA ALA E 215 -5.88 20.95 -18.14
C ALA E 215 -4.72 21.75 -17.54
N THR E 216 -3.59 21.81 -18.23
CA THR E 216 -2.42 22.50 -17.71
C THR E 216 -2.70 23.99 -17.50
N ILE E 217 -3.38 24.62 -18.46
CA ILE E 217 -3.74 26.04 -18.32
C ILE E 217 -4.82 26.21 -17.27
N ALA E 218 -5.81 25.32 -17.26
CA ALA E 218 -6.97 25.47 -16.39
C ALA E 218 -6.66 25.27 -14.92
N LEU E 219 -5.67 24.44 -14.58
CA LEU E 219 -5.38 24.15 -13.18
C LEU E 219 -5.02 25.40 -12.38
N PRO E 220 -4.05 26.23 -12.79
CA PRO E 220 -3.77 27.44 -12.01
C PRO E 220 -4.96 28.38 -11.91
N PHE E 221 -5.75 28.50 -12.98
CA PHE E 221 -6.94 29.35 -12.91
C PHE E 221 -7.94 28.79 -11.90
N LYS E 222 -8.12 27.46 -11.88
CA LYS E 222 -9.01 26.86 -10.92
C LYS E 222 -8.55 27.12 -9.50
N LEU E 223 -7.25 26.96 -9.23
CA LEU E 223 -6.75 27.23 -7.87
C LEU E 223 -6.91 28.70 -7.50
N MET E 224 -6.57 29.61 -8.41
CA MET E 224 -6.70 31.03 -8.10
C MET E 224 -8.14 31.43 -7.86
N LEU E 225 -9.08 30.91 -8.65
CA LEU E 225 -10.48 31.27 -8.43
C LEU E 225 -11.01 30.64 -7.15
N PHE E 226 -10.53 29.43 -6.82
CA PHE E 226 -10.94 28.81 -5.56
C PHE E 226 -10.44 29.60 -4.36
N VAL E 227 -9.25 30.17 -4.45
CA VAL E 227 -8.69 30.92 -3.34
C VAL E 227 -9.28 32.34 -3.26
N LEU E 228 -9.45 33.01 -4.40
CA LEU E 228 -9.94 34.39 -4.39
C LEU E 228 -11.37 34.47 -3.85
N VAL E 229 -12.23 33.53 -4.26
CA VAL E 229 -13.60 33.53 -3.75
C VAL E 229 -13.63 33.01 -2.32
N ASP E 230 -12.46 32.62 -1.81
CA ASP E 230 -12.30 32.15 -0.43
C ASP E 230 -13.15 30.89 -0.24
N GLY E 231 -12.93 29.90 -1.12
CA GLY E 231 -13.87 28.81 -1.23
C GLY E 231 -13.85 27.85 -0.05
N TRP E 232 -12.71 27.76 0.64
CA TRP E 232 -12.62 26.82 1.75
C TRP E 232 -13.49 27.27 2.92
N GLN E 233 -13.49 28.57 3.21
CA GLN E 233 -14.38 29.10 4.25
C GLN E 233 -15.84 28.86 3.89
N LEU E 234 -16.20 29.06 2.62
CA LEU E 234 -17.57 28.81 2.17
C LEU E 234 -17.92 27.33 2.31
N LEU E 235 -16.96 26.45 2.00
CA LEU E 235 -17.21 25.01 2.13
C LEU E 235 -17.45 24.63 3.58
N MET E 236 -16.64 25.16 4.50
CA MET E 236 -16.86 24.90 5.92
C MET E 236 -18.21 25.44 6.38
N GLY E 237 -18.56 26.65 5.94
CA GLY E 237 -19.85 27.20 6.31
C GLY E 237 -21.01 26.36 5.79
N SER E 238 -20.93 25.91 4.54
CA SER E 238 -21.99 25.09 3.96
C SER E 238 -22.09 23.74 4.66
N LEU E 239 -20.95 23.11 4.93
CA LEU E 239 -20.97 21.80 5.59
C LEU E 239 -21.50 21.91 7.01
N ALA E 240 -21.19 23.00 7.71
CA ALA E 240 -21.74 23.19 9.05
C ALA E 240 -23.22 23.57 9.03
N GLN E 241 -23.67 24.31 8.02
CA GLN E 241 -25.02 24.83 7.99
C GLN E 241 -26.03 23.80 7.48
N SER E 242 -25.78 23.22 6.30
CA SER E 242 -26.73 22.30 5.69
C SER E 242 -26.82 20.97 6.43
N PHE E 243 -25.93 20.70 7.38
CA PHE E 243 -25.94 19.38 7.99
C PHE E 243 -26.99 19.26 9.09
N TYR E 244 -27.05 20.21 10.00
CA TYR E 244 -28.03 20.12 11.09
C TYR E 244 -29.43 20.48 10.65
N SER E 245 -29.57 21.22 9.55
CA SER E 245 -30.87 21.61 9.04
C SER E 245 -31.33 20.67 7.92
N MET F 1 19.12 -8.59 44.70
CA MET F 1 19.66 -7.72 43.63
C MET F 1 18.64 -6.62 43.32
N ILE F 2 18.30 -6.45 42.03
CA ILE F 2 17.27 -5.44 41.63
C ILE F 2 15.95 -5.80 42.32
N GLN F 3 15.28 -4.81 42.92
CA GLN F 3 14.02 -5.08 43.66
C GLN F 3 12.90 -4.18 43.11
N VAL F 4 11.80 -4.79 42.66
CA VAL F 4 10.64 -4.00 42.14
C VAL F 4 9.36 -4.57 42.74
N THR F 5 8.81 -3.90 43.76
CA THR F 5 7.58 -4.39 44.44
C THR F 5 6.36 -3.96 43.62
N SER F 6 5.16 -4.41 44.04
CA SER F 6 3.91 -3.98 43.35
C SER F 6 3.51 -2.51 43.31
N GLU F 7 3.57 -1.81 44.45
CA GLU F 7 3.10 -0.39 44.50
C GLU F 7 3.84 0.44 43.45
N GLN F 8 5.17 0.39 43.45
CA GLN F 8 5.97 1.20 42.50
C GLN F 8 5.58 0.83 41.07
N TRP F 9 5.51 -0.47 40.77
CA TRP F 9 5.19 -0.94 39.39
C TRP F 9 3.84 -0.37 38.94
N LEU F 10 2.84 -0.33 39.83
CA LEU F 10 1.49 0.14 39.42
C LEU F 10 1.44 1.67 39.37
N TYR F 11 1.70 2.33 40.50
CA TYR F 11 1.66 3.78 40.58
C TYR F 11 2.31 4.42 39.36
N TRP F 12 3.45 3.88 38.93
CA TRP F 12 4.12 4.39 37.73
C TRP F 12 3.24 4.22 36.50
N LEU F 13 2.56 3.08 36.39
CA LEU F 13 1.72 2.82 35.23
C LEU F 13 0.51 3.76 35.20
N HIS F 14 -0.17 3.90 36.34
CA HIS F 14 -1.41 4.67 36.36
C HIS F 14 -1.14 6.17 36.30
N LEU F 15 -0.10 6.63 37.01
CA LEU F 15 0.21 8.05 37.08
C LEU F 15 0.59 8.62 35.72
N TYR F 16 1.40 7.89 34.96
CA TYR F 16 1.93 8.37 33.69
C TYR F 16 0.93 8.25 32.55
N PHE F 17 -0.15 7.48 32.71
CA PHE F 17 -0.91 7.00 31.56
C PHE F 17 -1.54 8.14 30.76
N TRP F 18 -2.11 9.12 31.43
CA TRP F 18 -2.83 10.17 30.71
C TRP F 18 -1.89 11.16 30.01
N PRO F 19 -0.87 11.72 30.64
CA PRO F 19 0.11 12.51 29.88
C PRO F 19 0.79 11.68 28.81
N LEU F 20 1.04 10.40 29.08
CA LEU F 20 1.58 9.50 28.06
C LEU F 20 0.68 9.45 26.85
N LEU F 21 -0.64 9.32 27.07
CA LEU F 21 -1.57 9.21 25.96
C LEU F 21 -1.64 10.52 25.17
N ARG F 22 -1.66 11.66 25.88
CA ARG F 22 -1.69 12.94 25.16
C ARG F 22 -0.43 13.13 24.33
N VAL F 23 0.73 12.82 24.92
CA VAL F 23 1.98 12.99 24.18
C VAL F 23 2.03 12.05 22.98
N LEU F 24 1.58 10.80 23.14
CA LEU F 24 1.58 9.89 22.00
C LEU F 24 0.57 10.33 20.94
N ALA F 25 -0.54 10.93 21.35
CA ALA F 25 -1.46 11.50 20.38
C ALA F 25 -0.80 12.60 19.58
N LEU F 26 0.01 13.43 20.25
CA LEU F 26 0.76 14.46 19.51
C LEU F 26 1.79 13.82 18.58
N ILE F 27 2.50 12.80 19.06
CA ILE F 27 3.60 12.22 18.27
C ILE F 27 3.06 11.51 17.04
N SER F 28 1.99 10.73 17.20
CA SER F 28 1.49 9.88 16.12
C SER F 28 0.93 10.70 14.96
N THR F 29 0.63 11.97 15.18
CA THR F 29 0.23 12.89 14.11
C THR F 29 1.05 14.14 14.43
N ALA F 30 2.07 14.42 13.62
CA ALA F 30 2.95 15.55 13.84
C ALA F 30 3.88 15.67 12.64
N PRO F 31 4.45 16.87 12.39
CA PRO F 31 5.25 17.07 11.18
C PRO F 31 6.34 16.04 10.95
N ILE F 32 7.27 15.90 11.89
CA ILE F 32 8.31 14.88 11.79
C ILE F 32 8.10 13.75 12.78
N LEU F 33 7.40 13.99 13.89
CA LEU F 33 7.21 12.96 14.90
C LEU F 33 6.38 11.80 14.36
N SER F 34 5.53 12.05 13.37
CA SER F 34 4.71 11.02 12.75
C SER F 34 5.28 10.69 11.37
N GLU F 35 6.26 9.79 11.37
CA GLU F 35 6.85 9.29 10.13
C GLU F 35 6.98 7.78 10.23
N ARG F 36 6.63 7.08 9.15
CA ARG F 36 6.79 5.64 9.13
C ARG F 36 8.25 5.21 9.19
N ALA F 37 9.19 6.11 8.90
CA ALA F 37 10.60 5.81 9.13
C ALA F 37 10.87 5.59 10.60
N ILE F 38 10.26 6.40 11.46
CA ILE F 38 10.38 6.23 12.91
C ILE F 38 9.57 5.02 13.32
N PRO F 39 10.16 4.02 13.96
CA PRO F 39 9.37 2.86 14.40
C PRO F 39 8.50 3.21 15.59
N LYS F 40 7.44 2.42 15.77
CA LYS F 40 6.49 2.68 16.84
C LYS F 40 7.12 2.54 18.22
N ARG F 41 8.16 1.71 18.34
CA ARG F 41 8.88 1.61 19.61
C ARG F 41 9.54 2.94 19.97
N VAL F 42 10.19 3.58 18.99
CA VAL F 42 10.76 4.91 19.22
C VAL F 42 9.65 5.92 19.48
N LYS F 43 8.52 5.75 18.80
CA LYS F 43 7.39 6.66 18.99
C LYS F 43 6.89 6.62 20.44
N LEU F 44 6.82 5.42 21.02
CA LEU F 44 6.39 5.30 22.42
C LEU F 44 7.49 5.74 23.37
N GLY F 45 8.75 5.45 23.03
CA GLY F 45 9.85 5.82 23.90
C GLY F 45 9.99 7.33 24.05
N LEU F 46 9.90 8.06 22.94
CA LEU F 46 9.94 9.52 23.03
C LEU F 46 8.77 10.06 23.84
N GLY F 47 7.59 9.46 23.65
CA GLY F 47 6.43 9.88 24.42
C GLY F 47 6.63 9.72 25.91
N ILE F 48 7.23 8.60 26.32
CA ILE F 48 7.42 8.37 27.74
C ILE F 48 8.60 9.18 28.29
N MET F 49 9.60 9.49 27.46
CA MET F 49 10.60 10.48 27.87
C MET F 49 9.96 11.84 28.15
N ILE F 50 9.04 12.27 27.29
CA ILE F 50 8.35 13.53 27.55
C ILE F 50 7.49 13.43 28.81
N THR F 51 6.78 12.31 28.98
CA THR F 51 6.00 12.09 30.20
C THR F 51 6.86 12.13 31.45
N LEU F 52 8.15 11.74 31.34
CA LEU F 52 9.04 11.78 32.49
C LEU F 52 9.13 13.18 33.08
N VAL F 53 9.03 14.22 32.27
CA VAL F 53 9.03 15.60 32.76
C VAL F 53 7.62 16.17 32.91
N ILE F 54 6.64 15.67 32.16
CA ILE F 54 5.26 16.12 32.30
C ILE F 54 4.66 15.71 33.64
N ALA F 55 4.92 14.47 34.07
CA ALA F 55 4.27 13.92 35.26
C ALA F 55 4.57 14.71 36.53
N PRO F 56 5.82 15.08 36.85
CA PRO F 56 6.04 15.92 38.03
C PRO F 56 5.39 17.28 37.88
N SER F 57 4.97 17.84 39.02
CA SER F 57 4.28 19.13 39.05
C SER F 57 3.04 19.12 38.15
N LEU F 58 2.28 18.03 38.24
CA LEU F 58 1.06 17.85 37.47
C LEU F 58 0.02 17.25 38.40
N PRO F 59 -1.21 17.77 38.41
CA PRO F 59 -2.25 17.21 39.28
C PRO F 59 -2.47 15.73 39.05
N ALA F 60 -2.58 14.97 40.13
CA ALA F 60 -2.71 13.51 40.07
C ALA F 60 -4.19 13.15 39.92
N ASN F 61 -4.65 13.11 38.67
CA ASN F 61 -6.02 12.66 38.37
C ASN F 61 -5.98 11.16 38.05
N ASP F 62 -5.75 10.38 39.10
CA ASP F 62 -5.56 8.94 38.97
C ASP F 62 -6.91 8.25 39.17
N THR F 63 -7.57 7.94 38.05
CA THR F 63 -8.77 7.14 37.97
C THR F 63 -8.47 5.80 37.31
N PRO F 64 -9.25 4.74 37.62
CA PRO F 64 -9.00 3.44 37.00
C PRO F 64 -9.05 3.52 35.48
N LEU F 65 -8.12 2.83 34.81
CA LEU F 65 -8.01 2.90 33.35
C LEU F 65 -8.73 1.74 32.67
N PHE F 66 -9.64 1.07 33.37
CA PHE F 66 -10.50 0.06 32.76
C PHE F 66 -11.98 0.40 32.92
N SER F 67 -12.32 1.67 33.08
CA SER F 67 -13.71 2.10 33.24
C SER F 67 -14.08 3.08 32.13
N ILE F 68 -15.33 3.54 32.16
CA ILE F 68 -15.80 4.50 31.17
C ILE F 68 -15.14 5.86 31.39
N ALA F 69 -14.78 6.17 32.63
CA ALA F 69 -13.98 7.36 32.90
C ALA F 69 -12.69 7.34 32.09
N ALA F 70 -12.06 6.17 31.98
CA ALA F 70 -10.85 6.04 31.18
C ALA F 70 -11.13 6.38 29.73
N LEU F 71 -12.25 5.89 29.19
CA LEU F 71 -12.60 6.20 27.80
C LEU F 71 -12.82 7.69 27.61
N TRP F 72 -13.54 8.32 28.54
N TRP F 72 -13.53 8.33 28.55
CA TRP F 72 -13.83 9.76 28.40
CA TRP F 72 -13.82 9.76 28.39
C TRP F 72 -12.54 10.58 28.48
C TRP F 72 -12.54 10.59 28.49
N LEU F 73 -11.68 10.27 29.44
CA LEU F 73 -10.41 11.00 29.58
C LEU F 73 -9.53 10.78 28.37
N ALA F 74 -9.48 9.54 27.87
CA ALA F 74 -8.71 9.23 26.69
C ALA F 74 -9.22 10.01 25.48
N MET F 75 -10.55 10.18 25.38
CA MET F 75 -11.09 10.95 24.28
C MET F 75 -10.57 12.38 24.31
N GLN F 76 -10.61 13.03 25.47
CA GLN F 76 -10.13 14.40 25.56
C GLN F 76 -8.63 14.49 25.26
N GLN F 77 -7.87 13.53 25.77
CA GLN F 77 -6.42 13.56 25.54
C GLN F 77 -6.10 13.41 24.06
N ILE F 78 -6.76 12.46 23.39
CA ILE F 78 -6.56 12.26 21.96
C ILE F 78 -7.03 13.47 21.17
N LEU F 79 -8.15 14.07 21.56
CA LEU F 79 -8.60 15.29 20.91
C LEU F 79 -7.54 16.38 20.97
N ILE F 80 -6.96 16.61 22.15
CA ILE F 80 -5.96 17.66 22.29
C ILE F 80 -4.73 17.36 21.41
N GLY F 81 -4.21 16.14 21.51
CA GLY F 81 -3.02 15.79 20.74
C GLY F 81 -3.25 15.86 19.24
N ILE F 82 -4.37 15.30 18.78
CA ILE F 82 -4.71 15.33 17.36
C ILE F 82 -4.90 16.75 16.87
N ALA F 83 -5.59 17.58 17.67
CA ALA F 83 -5.78 18.97 17.27
C ALA F 83 -4.45 19.66 17.05
N LEU F 84 -3.55 19.57 18.03
CA LEU F 84 -2.24 20.21 17.88
C LEU F 84 -1.50 19.69 16.65
N GLY F 85 -1.38 18.37 16.54
CA GLY F 85 -0.56 17.81 15.49
C GLY F 85 -1.10 18.09 14.10
N PHE F 86 -2.40 17.86 13.90
CA PHE F 86 -2.98 18.07 12.58
C PHE F 86 -3.09 19.55 12.24
N THR F 87 -3.19 20.43 13.24
CA THR F 87 -3.13 21.86 12.93
C THR F 87 -1.74 22.24 12.43
N MET F 88 -0.70 21.64 13.01
CA MET F 88 0.65 21.93 12.52
C MET F 88 0.98 21.23 11.21
N GLN F 89 0.16 20.27 10.76
CA GLN F 89 0.34 19.67 9.45
C GLN F 89 0.11 20.65 8.30
N PHE F 90 -0.45 21.83 8.59
CA PHE F 90 -0.93 22.69 7.51
C PHE F 90 0.22 23.28 6.69
N ALA F 91 1.33 23.64 7.34
CA ALA F 91 2.45 24.24 6.61
C ALA F 91 3.03 23.29 5.58
N PHE F 92 3.25 22.04 5.97
CA PHE F 92 3.78 21.04 5.06
C PHE F 92 2.79 20.61 4.01
N ALA F 93 1.49 20.57 4.35
CA ALA F 93 0.48 20.34 3.33
C ALA F 93 0.50 21.47 2.29
N ALA F 94 0.67 22.71 2.75
CA ALA F 94 0.70 23.85 1.84
C ALA F 94 1.92 23.79 0.92
N VAL F 95 3.09 23.48 1.47
CA VAL F 95 4.27 23.42 0.61
C VAL F 95 4.19 22.23 -0.35
N ARG F 96 3.62 21.10 0.09
CA ARG F 96 3.41 19.98 -0.83
C ARG F 96 2.45 20.36 -1.94
N THR F 97 1.38 21.08 -1.60
CA THR F 97 0.43 21.52 -2.61
C THR F 97 1.09 22.44 -3.62
N ALA F 98 1.90 23.39 -3.14
CA ALA F 98 2.60 24.29 -4.05
C ALA F 98 3.55 23.53 -4.96
N GLY F 99 4.31 22.60 -4.40
CA GLY F 99 5.24 21.83 -5.21
C GLY F 99 4.54 20.97 -6.26
N GLU F 100 3.43 20.35 -5.88
CA GLU F 100 2.73 19.48 -6.81
C GLU F 100 2.03 20.29 -7.90
N PHE F 101 1.52 21.48 -7.55
CA PHE F 101 0.96 22.35 -8.58
C PHE F 101 2.03 22.84 -9.54
N ILE F 102 3.24 23.13 -9.04
CA ILE F 102 4.33 23.49 -9.93
C ILE F 102 4.67 22.33 -10.84
N GLY F 103 4.73 21.12 -10.28
CA GLY F 103 5.08 19.96 -11.08
C GLY F 103 4.06 19.64 -12.15
N LEU F 104 2.77 19.77 -11.83
CA LEU F 104 1.73 19.47 -12.81
C LEU F 104 1.80 20.43 -14.00
N GLN F 105 2.07 21.71 -13.74
CA GLN F 105 2.29 22.64 -14.84
C GLN F 105 3.54 22.27 -15.64
N MET F 106 4.59 21.81 -14.96
CA MET F 106 5.78 21.36 -15.66
C MET F 106 5.50 20.13 -16.53
N GLY F 107 4.51 19.34 -16.14
CA GLY F 107 4.17 18.13 -16.87
C GLY F 107 4.68 16.85 -16.25
N LEU F 108 5.23 16.89 -15.03
CA LEU F 108 5.80 15.71 -14.39
C LEU F 108 4.79 14.59 -14.27
N SER F 109 3.59 14.89 -13.78
CA SER F 109 2.53 13.91 -13.63
C SER F 109 1.37 14.30 -14.55
N PHE F 110 1.46 13.87 -15.81
CA PHE F 110 0.37 14.13 -16.74
C PHE F 110 -0.63 12.98 -16.78
N ALA F 111 -0.27 11.83 -16.23
CA ALA F 111 -1.20 10.71 -16.18
C ALA F 111 -2.37 11.02 -15.26
N THR F 112 -2.13 11.83 -14.22
CA THR F 112 -3.22 12.21 -13.33
C THR F 112 -4.27 13.04 -14.06
N PHE F 113 -3.83 13.88 -15.01
CA PHE F 113 -4.77 14.69 -15.78
C PHE F 113 -5.68 13.83 -16.63
N VAL F 114 -5.12 12.81 -17.28
CA VAL F 114 -5.90 12.02 -18.23
C VAL F 114 -6.76 10.96 -17.54
N ASP F 115 -6.26 10.35 -16.46
CA ASP F 115 -7.07 9.38 -15.73
C ASP F 115 -6.66 9.27 -14.27
N PRO F 116 -7.63 9.25 -13.35
CA PRO F 116 -7.28 9.06 -11.93
C PRO F 116 -6.83 7.66 -11.59
N GLY F 117 -7.11 6.67 -12.43
CA GLY F 117 -6.75 5.30 -12.12
C GLY F 117 -5.24 5.12 -12.14
N SER F 118 -4.76 4.36 -11.17
CA SER F 118 -3.33 4.07 -11.08
C SER F 118 -2.59 5.08 -10.22
N HIS F 119 -1.60 4.59 -9.48
CA HIS F 119 -0.76 5.44 -8.65
C HIS F 119 0.44 5.97 -9.43
N LEU F 120 0.16 6.77 -10.46
CA LEU F 120 1.19 7.31 -11.34
C LEU F 120 1.47 8.77 -11.04
N ASN F 121 1.16 9.21 -9.81
CA ASN F 121 1.37 10.64 -9.44
C ASN F 121 2.87 10.79 -9.18
N MET F 122 3.38 10.24 -8.07
CA MET F 122 4.81 10.41 -7.71
C MET F 122 5.20 11.89 -7.82
N PRO F 123 4.68 12.80 -6.96
CA PRO F 123 5.09 14.21 -6.98
C PRO F 123 6.49 14.43 -6.39
N VAL F 124 7.50 14.15 -7.22
CA VAL F 124 8.89 14.18 -6.75
C VAL F 124 9.28 15.59 -6.30
N LEU F 125 8.91 16.59 -7.11
CA LEU F 125 9.27 17.97 -6.77
C LEU F 125 8.59 18.40 -5.47
N ALA F 126 7.33 17.97 -5.29
CA ALA F 126 6.64 18.23 -4.02
C ALA F 126 7.37 17.57 -2.86
N ARG F 127 7.91 16.36 -3.08
CA ARG F 127 8.67 15.69 -2.04
C ARG F 127 9.94 16.47 -1.70
N ILE F 128 10.62 17.00 -2.71
CA ILE F 128 11.85 17.78 -2.46
C ILE F 128 11.51 19.03 -1.66
N MET F 129 10.45 19.73 -2.04
CA MET F 129 10.08 20.94 -1.32
C MET F 129 9.62 20.62 0.10
N ASP F 130 8.95 19.48 0.28
CA ASP F 130 8.55 19.07 1.62
C ASP F 130 9.77 18.74 2.47
N MET F 131 10.79 18.17 1.84
CA MET F 131 12.07 17.93 2.57
C MET F 131 12.59 19.28 3.04
N LEU F 132 12.70 20.23 2.11
CA LEU F 132 13.29 21.52 2.46
C LEU F 132 12.51 22.18 3.59
N ALA F 133 11.17 22.07 3.54
CA ALA F 133 10.34 22.62 4.61
C ALA F 133 10.62 21.92 5.94
N MET F 134 10.77 20.59 5.92
CA MET F 134 11.06 19.88 7.16
C MET F 134 12.44 20.22 7.71
N LEU F 135 13.43 20.38 6.83
CA LEU F 135 14.76 20.77 7.29
C LEU F 135 14.75 22.17 7.88
N LEU F 136 14.01 23.08 7.26
CA LEU F 136 13.87 24.42 7.84
C LEU F 136 13.14 24.35 9.19
N PHE F 137 12.13 23.49 9.29
CA PHE F 137 11.45 23.28 10.55
C PHE F 137 12.41 22.81 11.62
N LEU F 138 13.30 21.88 11.28
CA LEU F 138 14.32 21.44 12.22
C LEU F 138 15.25 22.57 12.62
N THR F 139 15.72 23.36 11.64
CA THR F 139 16.64 24.44 11.95
C THR F 139 15.97 25.52 12.80
N PHE F 140 14.66 25.66 12.71
CA PHE F 140 13.93 26.63 13.52
C PHE F 140 13.43 26.05 14.84
N ASN F 141 13.76 24.80 15.13
CA ASN F 141 13.35 24.13 16.37
C ASN F 141 11.83 24.15 16.54
N GLY F 142 11.13 23.82 15.44
CA GLY F 142 9.67 23.79 15.51
C GLY F 142 9.14 22.68 16.41
N HIS F 143 9.82 21.53 16.42
CA HIS F 143 9.40 20.43 17.29
C HIS F 143 9.52 20.82 18.76
N LEU F 144 10.58 21.56 19.12
CA LEU F 144 10.70 22.06 20.48
C LEU F 144 9.53 22.96 20.84
N TRP F 145 9.13 23.83 19.92
CA TRP F 145 7.99 24.71 20.17
C TRP F 145 6.70 23.90 20.31
N LEU F 146 6.56 22.84 19.52
CA LEU F 146 5.40 21.95 19.68
C LEU F 146 5.38 21.31 21.05
N ILE F 147 6.52 20.84 21.53
CA ILE F 147 6.56 20.23 22.85
C ILE F 147 6.22 21.24 23.94
N SER F 148 6.76 22.46 23.82
CA SER F 148 6.44 23.49 24.79
C SER F 148 4.95 23.84 24.76
N LEU F 149 4.36 23.90 23.57
CA LEU F 149 2.94 24.19 23.46
C LEU F 149 2.10 23.07 24.06
N LEU F 150 2.55 21.82 23.90
CA LEU F 150 1.85 20.72 24.54
C LEU F 150 1.91 20.83 26.06
N VAL F 151 3.07 21.22 26.59
CA VAL F 151 3.19 21.46 28.03
C VAL F 151 2.24 22.56 28.47
N ASP F 152 2.13 23.62 27.65
CA ASP F 152 1.21 24.70 27.96
C ASP F 152 -0.24 24.21 27.95
N THR F 153 -0.58 23.31 27.04
CA THR F 153 -1.92 22.72 27.04
C THR F 153 -2.16 21.90 28.30
N PHE F 154 -1.15 21.15 28.74
CA PHE F 154 -1.26 20.47 30.03
C PHE F 154 -1.54 21.45 31.16
N HIS F 155 -0.83 22.58 31.17
CA HIS F 155 -0.98 23.53 32.26
C HIS F 155 -2.35 24.21 32.24
N THR F 156 -2.77 24.71 31.07
CA THR F 156 -3.99 25.50 31.00
C THR F 156 -5.22 24.65 31.25
N LEU F 157 -5.33 23.52 30.57
CA LEU F 157 -6.44 22.59 30.78
C LEU F 157 -5.90 21.26 31.30
N PRO F 158 -6.18 20.92 32.55
CA PRO F 158 -5.64 19.69 33.13
C PRO F 158 -6.44 18.47 32.67
N ILE F 159 -5.94 17.30 33.06
CA ILE F 159 -6.64 16.05 32.79
C ILE F 159 -7.86 15.99 33.71
N GLY F 160 -9.05 16.11 33.12
CA GLY F 160 -10.26 16.15 33.92
C GLY F 160 -11.47 15.79 33.09
N SER F 161 -12.64 15.93 33.72
CA SER F 161 -13.91 15.62 33.10
C SER F 161 -14.54 16.80 32.37
N ASN F 162 -13.85 17.93 32.31
CA ASN F 162 -14.38 19.11 31.63
C ASN F 162 -14.33 18.92 30.12
N PRO F 163 -15.45 19.03 29.41
CA PRO F 163 -15.42 18.92 27.95
C PRO F 163 -14.63 20.05 27.31
N VAL F 164 -13.98 19.73 26.19
CA VAL F 164 -13.21 20.72 25.45
C VAL F 164 -14.16 21.54 24.57
N ASN F 165 -13.92 22.84 24.52
CA ASN F 165 -14.74 23.71 23.68
C ASN F 165 -14.55 23.38 22.20
N SER F 166 -15.67 23.36 21.48
CA SER F 166 -15.67 22.97 20.08
C SER F 166 -15.57 24.14 19.11
N ASN F 167 -15.73 25.38 19.59
CA ASN F 167 -15.55 26.53 18.71
C ASN F 167 -14.12 26.62 18.21
N ALA F 168 -13.16 26.25 19.06
CA ALA F 168 -11.76 26.22 18.66
C ALA F 168 -11.53 25.20 17.55
N PHE F 169 -12.16 24.03 17.66
CA PHE F 169 -12.02 23.01 16.62
C PHE F 169 -12.57 23.52 15.28
N MET F 170 -13.73 24.17 15.31
CA MET F 170 -14.27 24.72 14.07
C MET F 170 -13.38 25.83 13.52
N ALA F 171 -12.82 26.66 14.40
CA ALA F 171 -11.94 27.72 13.94
C ALA F 171 -10.68 27.17 13.28
N LEU F 172 -10.08 26.13 13.85
CA LEU F 172 -8.88 25.55 13.25
C LEU F 172 -9.18 24.67 12.05
N ALA F 173 -10.41 24.18 11.92
CA ALA F 173 -10.81 23.51 10.67
C ALA F 173 -11.03 24.54 9.57
N ARG F 174 -11.68 25.65 9.89
CA ARG F 174 -11.81 26.78 9.00
C ARG F 174 -10.48 27.38 8.60
N ALA F 175 -9.47 27.28 9.47
CA ALA F 175 -8.13 27.74 9.13
C ALA F 175 -7.46 26.83 8.11
N GLY F 176 -8.08 25.70 7.78
CA GLY F 176 -7.56 24.79 6.78
C GLY F 176 -7.42 25.42 5.40
N GLY F 177 -8.05 26.57 5.19
CA GLY F 177 -7.92 27.28 3.95
C GLY F 177 -6.54 27.84 3.68
N LEU F 178 -5.65 27.83 4.66
CA LEU F 178 -4.30 28.35 4.47
C LEU F 178 -3.50 27.50 3.51
N ILE F 179 -3.88 26.23 3.32
CA ILE F 179 -3.15 25.34 2.42
C ILE F 179 -3.06 25.94 1.03
N PHE F 180 -4.21 26.18 0.40
CA PHE F 180 -4.23 26.65 -0.98
C PHE F 180 -3.71 28.07 -1.10
N LEU F 181 -4.02 28.92 -0.11
CA LEU F 181 -3.53 30.29 -0.15
C LEU F 181 -2.01 30.34 -0.15
N ASN F 182 -1.39 29.59 0.78
CA ASN F 182 0.07 29.57 0.83
C ASN F 182 0.66 28.82 -0.36
N GLY F 183 -0.06 27.83 -0.90
CA GLY F 183 0.40 27.16 -2.10
C GLY F 183 0.49 28.11 -3.28
N LEU F 184 -0.53 28.96 -3.46
CA LEU F 184 -0.43 29.99 -4.48
C LEU F 184 0.69 30.97 -4.17
N MET F 185 0.71 31.54 -2.97
CA MET F 185 1.68 32.59 -2.65
C MET F 185 3.11 32.09 -2.81
N LEU F 186 3.34 30.79 -2.59
CA LEU F 186 4.67 30.25 -2.78
C LEU F 186 4.98 29.98 -4.25
N ALA F 187 3.94 29.69 -5.04
CA ALA F 187 4.15 29.22 -6.40
C ALA F 187 3.71 30.20 -7.48
N LEU F 188 3.37 31.44 -7.13
CA LEU F 188 2.95 32.40 -8.15
C LEU F 188 3.98 32.61 -9.26
N PRO F 189 5.27 32.85 -8.97
CA PRO F 189 6.19 33.15 -10.09
C PRO F 189 6.33 32.01 -11.09
N VAL F 190 6.57 30.79 -10.62
CA VAL F 190 6.73 29.66 -11.54
C VAL F 190 5.43 29.39 -12.29
N ILE F 191 4.29 29.46 -11.60
CA ILE F 191 3.02 29.22 -12.26
C ILE F 191 2.79 30.23 -13.37
N THR F 192 3.02 31.52 -13.09
CA THR F 192 2.81 32.54 -14.11
C THR F 192 3.79 32.37 -15.27
N LEU F 193 5.06 32.08 -14.98
CA LEU F 193 6.04 31.92 -16.05
C LEU F 193 5.72 30.72 -16.92
N LEU F 194 5.30 29.61 -16.31
CA LEU F 194 4.95 28.43 -17.09
C LEU F 194 3.65 28.63 -17.86
N LEU F 195 2.71 29.42 -17.32
CA LEU F 195 1.51 29.75 -18.08
C LEU F 195 1.87 30.57 -19.31
N THR F 196 2.75 31.55 -19.15
CA THR F 196 3.19 32.34 -20.31
C THR F 196 3.92 31.46 -21.31
N LEU F 197 4.73 30.52 -20.83
CA LEU F 197 5.43 29.61 -21.73
C LEU F 197 4.46 28.72 -22.49
N ASN F 198 3.42 28.23 -21.81
CA ASN F 198 2.43 27.39 -22.49
C ASN F 198 1.63 28.20 -23.52
N LEU F 199 1.33 29.47 -23.20
CA LEU F 199 0.67 30.33 -24.17
C LEU F 199 1.58 30.59 -25.37
N ALA F 200 2.88 30.75 -25.13
CA ALA F 200 3.82 30.89 -26.24
C ALA F 200 3.86 29.63 -27.09
N LEU F 201 3.79 28.47 -26.46
CA LEU F 201 3.72 27.22 -27.21
C LEU F 201 2.45 27.14 -28.04
N GLY F 202 1.33 27.62 -27.49
CA GLY F 202 0.11 27.69 -28.28
C GLY F 202 0.23 28.64 -29.46
N LEU F 203 0.90 29.77 -29.27
CA LEU F 203 1.14 30.69 -30.38
C LEU F 203 2.02 30.06 -31.45
N LEU F 204 3.00 29.26 -31.03
CA LEU F 204 3.77 28.48 -31.99
C LEU F 204 2.90 27.45 -32.71
N ASN F 205 1.96 26.83 -31.99
CA ASN F 205 1.02 25.91 -32.61
C ASN F 205 0.15 26.63 -33.64
N ARG F 206 -0.11 27.93 -33.42
CA ARG F 206 -0.90 28.70 -34.37
C ARG F 206 -0.32 28.64 -35.78
N MET F 207 0.98 28.96 -35.92
CA MET F 207 1.57 29.03 -37.24
C MET F 207 1.79 27.64 -37.82
N ALA F 208 1.96 26.64 -36.96
CA ALA F 208 2.15 25.27 -37.42
C ALA F 208 1.39 24.31 -36.52
N PRO F 209 0.26 23.76 -36.98
CA PRO F 209 -0.42 22.73 -36.19
C PRO F 209 0.40 21.48 -36.00
N GLN F 210 1.43 21.27 -36.83
CA GLN F 210 2.28 20.09 -36.68
C GLN F 210 3.08 20.13 -35.38
N LEU F 211 3.42 21.33 -34.91
CA LEU F 211 4.02 21.44 -33.59
C LEU F 211 3.02 20.97 -32.55
N SER F 212 3.46 20.06 -31.67
CA SER F 212 2.58 19.47 -30.68
C SER F 212 3.16 19.68 -29.30
N ILE F 213 2.30 19.61 -28.29
CA ILE F 213 2.76 19.77 -26.91
C ILE F 213 3.71 18.62 -26.55
N PHE F 214 3.37 17.39 -26.96
CA PHE F 214 4.25 16.25 -26.71
C PHE F 214 5.59 16.40 -27.40
N VAL F 215 5.58 16.87 -28.65
CA VAL F 215 6.81 16.92 -29.45
C VAL F 215 7.76 18.00 -28.92
N ILE F 216 7.23 19.17 -28.58
CA ILE F 216 8.04 20.35 -28.33
C ILE F 216 7.84 20.88 -26.92
N GLY F 217 6.59 21.04 -26.48
CA GLY F 217 6.34 21.75 -25.25
C GLY F 217 6.92 21.06 -24.03
N PHE F 218 6.70 19.74 -23.91
CA PHE F 218 7.09 19.03 -22.70
C PHE F 218 8.59 19.11 -22.42
N PRO F 219 9.49 18.84 -23.37
CA PRO F 219 10.92 19.01 -23.05
C PRO F 219 11.28 20.42 -22.64
N LEU F 220 10.87 21.40 -23.43
CA LEU F 220 11.19 22.79 -23.12
C LEU F 220 10.55 23.25 -21.82
N THR F 221 9.28 22.89 -21.60
CA THR F 221 8.61 23.28 -20.37
C THR F 221 9.27 22.65 -19.15
N LEU F 222 9.67 21.37 -19.26
CA LEU F 222 10.35 20.72 -18.15
C LEU F 222 11.69 21.38 -17.86
N THR F 223 12.46 21.70 -18.91
CA THR F 223 13.75 22.35 -18.70
C THR F 223 13.57 23.73 -18.05
N VAL F 224 12.61 24.52 -18.53
CA VAL F 224 12.38 25.83 -17.97
C VAL F 224 11.90 25.72 -16.53
N GLY F 225 11.04 24.75 -16.24
CA GLY F 225 10.58 24.57 -14.87
C GLY F 225 11.69 24.17 -13.93
N ILE F 226 12.59 23.29 -14.39
CA ILE F 226 13.73 22.91 -13.56
C ILE F 226 14.62 24.12 -13.30
N MET F 227 14.87 24.93 -14.32
CA MET F 227 15.67 26.14 -14.11
C MET F 227 14.99 27.09 -13.13
N LEU F 228 13.67 27.27 -13.26
CA LEU F 228 12.96 28.17 -12.36
C LEU F 228 12.99 27.67 -10.93
N MET F 229 12.78 26.37 -10.73
CA MET F 229 12.83 25.82 -9.38
C MET F 229 14.24 25.93 -8.80
N ALA F 230 15.27 25.78 -9.63
CA ALA F 230 16.62 26.05 -9.17
C ALA F 230 16.77 27.50 -8.74
N ALA F 231 16.11 28.41 -9.46
CA ALA F 231 16.16 29.82 -9.12
C ALA F 231 15.18 30.22 -8.02
N LEU F 232 14.10 29.45 -7.84
CA LEU F 232 13.09 29.80 -6.84
C LEU F 232 13.48 29.38 -5.42
N MET F 233 14.46 28.49 -5.27
CA MET F 233 14.81 28.02 -3.93
C MET F 233 15.10 29.13 -2.94
N PRO F 234 15.92 30.14 -3.22
CA PRO F 234 16.23 31.15 -2.18
C PRO F 234 14.99 31.82 -1.59
N LEU F 235 13.86 31.81 -2.31
CA LEU F 235 12.63 32.36 -1.76
C LEU F 235 12.03 31.49 -0.65
N ILE F 236 12.44 30.22 -0.57
CA ILE F 236 11.80 29.29 0.37
C ILE F 236 12.07 29.67 1.82
N ALA F 237 13.28 30.12 2.13
CA ALA F 237 13.65 30.33 3.53
C ALA F 237 12.77 31.35 4.25
N PRO F 238 12.55 32.57 3.74
CA PRO F 238 11.69 33.51 4.49
C PRO F 238 10.22 33.10 4.46
N PHE F 239 9.82 32.44 3.37
CA PHE F 239 8.43 31.98 3.26
C PHE F 239 8.13 30.95 4.34
N CYS F 240 9.06 30.02 4.59
CA CYS F 240 8.86 29.04 5.65
C CYS F 240 8.86 29.71 7.03
N GLU F 241 9.73 30.71 7.21
CA GLU F 241 9.73 31.45 8.48
C GLU F 241 8.37 32.07 8.75
N HIS F 242 7.78 32.70 7.74
CA HIS F 242 6.45 33.28 7.90
C HIS F 242 5.41 32.18 8.12
N LEU F 243 5.53 31.07 7.37
CA LEU F 243 4.49 30.05 7.37
C LEU F 243 4.40 29.34 8.72
N PHE F 244 5.55 28.90 9.26
CA PHE F 244 5.53 28.27 10.57
C PHE F 244 5.11 29.24 11.67
N SER F 245 5.57 30.49 11.57
CA SER F 245 5.28 31.48 12.61
C SER F 245 3.79 31.77 12.69
N GLU F 246 3.14 31.94 11.54
CA GLU F 246 1.71 32.25 11.56
C GLU F 246 0.91 31.08 12.11
N ILE F 247 1.30 29.85 11.78
CA ILE F 247 0.59 28.68 12.29
C ILE F 247 0.81 28.54 13.80
N PHE F 248 2.02 28.86 14.26
CA PHE F 248 2.29 28.82 15.69
C PHE F 248 1.44 29.84 16.44
N ASN F 249 1.32 31.05 15.89
CA ASN F 249 0.47 32.07 16.50
C ASN F 249 -0.99 31.62 16.52
N LEU F 250 -1.45 31.01 15.42
CA LEU F 250 -2.80 30.50 15.34
C LEU F 250 -3.07 29.44 16.39
N LEU F 251 -2.11 28.51 16.55
CA LEU F 251 -2.25 27.46 17.55
C LEU F 251 -2.25 28.04 18.96
N ALA F 252 -1.40 29.02 19.23
CA ALA F 252 -1.39 29.65 20.54
C ALA F 252 -2.73 30.31 20.85
N ASP F 253 -3.29 31.02 19.87
CA ASP F 253 -4.59 31.66 20.07
C ASP F 253 -5.68 30.63 20.30
N ILE F 254 -5.68 29.54 19.52
CA ILE F 254 -6.71 28.52 19.66
C ILE F 254 -6.60 27.84 21.02
N VAL F 255 -5.39 27.53 21.46
CA VAL F 255 -5.19 26.90 22.76
C VAL F 255 -5.64 27.83 23.88
N SER F 256 -5.32 29.12 23.78
CA SER F 256 -5.80 30.09 24.75
C SER F 256 -7.31 30.25 24.73
N GLU F 257 -7.95 29.95 23.60
CA GLU F 257 -9.41 30.03 23.48
C GLU F 257 -10.14 28.78 23.91
N MET F 258 -9.46 27.63 23.96
CA MET F 258 -10.13 26.38 24.33
C MET F 258 -10.71 26.38 25.74
N PRO F 259 -9.96 26.71 26.80
CA PRO F 259 -10.43 26.34 28.15
C PRO F 259 -11.44 27.28 28.76
N ILE F 260 -11.81 28.37 28.08
CA ILE F 260 -12.78 29.29 28.66
C ILE F 260 -14.18 28.66 28.68
N ASN F 261 -14.49 27.81 27.70
CA ASN F 261 -15.85 27.29 27.53
C ASN F 261 -15.95 25.80 27.82
N ASN F 262 -15.30 25.33 28.89
CA ASN F 262 -15.46 23.93 29.27
C ASN F 262 -16.80 23.69 29.95
N MET G 1 23.97 23.66 11.63
CA MET G 1 23.11 23.47 10.47
C MET G 1 22.25 24.72 10.29
N THR G 2 22.84 25.76 9.71
CA THR G 2 22.12 27.01 9.52
C THR G 2 21.12 26.87 8.36
N PRO G 3 20.05 27.67 8.37
CA PRO G 3 19.12 27.63 7.23
C PRO G 3 19.78 27.94 5.90
N GLU G 4 20.77 28.83 5.88
CA GLU G 4 21.49 29.12 4.63
C GLU G 4 22.18 27.87 4.09
N SER G 5 22.68 27.01 4.98
CA SER G 5 23.30 25.78 4.53
C SER G 5 22.30 24.88 3.83
N VAL G 6 21.09 24.75 4.41
CA VAL G 6 20.05 23.95 3.77
C VAL G 6 19.67 24.55 2.43
N MET G 7 19.60 25.88 2.36
CA MET G 7 19.20 26.56 1.15
C MET G 7 20.22 26.33 0.04
N MET G 8 21.51 26.45 0.38
CA MET G 8 22.58 26.18 -0.57
C MET G 8 22.58 24.73 -1.00
N MET G 9 22.30 23.81 -0.07
CA MET G 9 22.20 22.40 -0.41
C MET G 9 21.09 22.16 -1.43
N GLY G 10 19.93 22.80 -1.23
CA GLY G 10 18.85 22.65 -2.18
C GLY G 10 19.19 23.23 -3.55
N THR G 11 19.83 24.40 -3.58
CA THR G 11 20.22 24.99 -4.85
C THR G 11 21.23 24.11 -5.58
N GLU G 12 22.20 23.56 -4.85
CA GLU G 12 23.18 22.65 -5.45
C GLU G 12 22.50 21.39 -5.97
N ALA G 13 21.52 20.87 -5.23
CA ALA G 13 20.79 19.69 -5.68
C ALA G 13 20.06 19.97 -6.98
N MET G 14 19.40 21.12 -7.08
CA MET G 14 18.68 21.44 -8.30
C MET G 14 19.64 21.72 -9.46
N LYS G 15 20.80 22.29 -9.17
CA LYS G 15 21.82 22.48 -10.20
C LYS G 15 22.30 21.15 -10.74
N VAL G 16 22.54 20.18 -9.85
CA VAL G 16 22.95 18.85 -10.28
C VAL G 16 21.85 18.18 -11.10
N ALA G 17 20.60 18.31 -10.65
CA ALA G 17 19.49 17.73 -11.40
C ALA G 17 19.38 18.35 -12.79
N LEU G 18 19.53 19.66 -12.89
CA LEU G 18 19.50 20.31 -14.19
C LEU G 18 20.65 19.84 -15.08
N ALA G 19 21.86 19.76 -14.52
CA ALA G 19 23.00 19.30 -15.31
C ALA G 19 22.81 17.85 -15.76
N LEU G 20 22.08 17.05 -14.99
CA LEU G 20 21.81 15.68 -15.41
C LEU G 20 20.79 15.63 -16.54
N ALA G 21 19.75 16.47 -16.45
CA ALA G 21 18.63 16.38 -17.38
C ALA G 21 18.74 17.33 -18.57
N ALA G 22 19.54 18.40 -18.46
CA ALA G 22 19.66 19.33 -19.57
C ALA G 22 20.14 18.69 -20.87
N PRO G 23 21.17 17.80 -20.88
CA PRO G 23 21.56 17.18 -22.15
C PRO G 23 20.43 16.42 -22.82
N LEU G 24 19.80 15.50 -22.10
CA LEU G 24 18.76 14.66 -22.70
C LEU G 24 17.55 15.49 -23.11
N LEU G 25 17.10 16.39 -22.25
CA LEU G 25 15.94 17.22 -22.58
C LEU G 25 16.23 18.10 -23.79
N LEU G 26 17.43 18.71 -23.84
CA LEU G 26 17.78 19.57 -24.96
C LEU G 26 17.90 18.76 -26.25
N VAL G 27 18.46 17.55 -26.19
CA VAL G 27 18.56 16.72 -27.38
C VAL G 27 17.18 16.33 -27.88
N ALA G 28 16.29 15.96 -26.96
CA ALA G 28 14.92 15.62 -27.36
C ALA G 28 14.23 16.82 -28.00
N LEU G 29 14.40 18.01 -27.40
CA LEU G 29 13.81 19.22 -27.96
C LEU G 29 14.35 19.51 -29.35
N ILE G 30 15.68 19.38 -29.53
CA ILE G 30 16.30 19.69 -30.80
C ILE G 30 15.81 18.73 -31.89
N THR G 31 15.77 17.43 -31.58
CA THR G 31 15.34 16.46 -32.59
C THR G 31 13.85 16.62 -32.89
N GLY G 32 13.04 16.94 -31.87
CA GLY G 32 11.64 17.22 -32.14
C GLY G 32 11.45 18.43 -33.03
N LEU G 33 12.21 19.49 -32.77
CA LEU G 33 12.15 20.68 -33.63
C LEU G 33 12.57 20.34 -35.05
N ILE G 34 13.63 19.55 -35.22
CA ILE G 34 14.10 19.20 -36.55
C ILE G 34 13.05 18.41 -37.31
N ILE G 35 12.45 17.41 -36.65
CA ILE G 35 11.43 16.60 -37.31
C ILE G 35 10.21 17.45 -37.64
N SER G 36 9.81 18.33 -36.72
CA SER G 36 8.64 19.18 -36.97
C SER G 36 8.89 20.13 -38.13
N ILE G 37 10.08 20.71 -38.22
CA ILE G 37 10.39 21.62 -39.33
C ILE G 37 10.44 20.84 -40.64
N LEU G 38 11.01 19.63 -40.62
CA LEU G 38 11.02 18.82 -41.83
C LEU G 38 9.61 18.47 -42.28
N GLN G 39 8.72 18.18 -41.33
CA GLN G 39 7.33 17.94 -41.67
C GLN G 39 6.65 19.18 -42.23
N ALA G 40 6.96 20.35 -41.65
CA ALA G 40 6.35 21.59 -42.10
C ALA G 40 6.78 21.95 -43.52
N ALA G 41 8.05 21.70 -43.85
CA ALA G 41 8.52 21.95 -45.21
C ALA G 41 7.76 21.09 -46.21
N THR G 42 7.52 19.84 -45.88
CA THR G 42 6.72 18.94 -46.70
C THR G 42 5.26 19.02 -46.22
N GLN G 43 4.42 18.12 -46.71
CA GLN G 43 3.03 18.07 -46.32
C GLN G 43 2.69 16.94 -45.35
N ILE G 44 3.67 16.09 -45.00
CA ILE G 44 3.43 14.97 -44.10
C ILE G 44 3.19 15.49 -42.70
N ASN G 45 2.24 14.89 -41.99
CA ASN G 45 1.91 15.34 -40.64
C ASN G 45 1.21 14.23 -39.85
N GLU G 46 1.89 13.70 -38.84
CA GLU G 46 1.23 12.88 -37.83
C GLU G 46 2.03 13.01 -36.53
N MET G 47 1.38 12.63 -35.43
CA MET G 47 1.96 12.86 -34.12
C MET G 47 3.14 11.94 -33.85
N THR G 48 3.07 10.69 -34.30
CA THR G 48 4.02 9.67 -33.91
C THR G 48 5.27 9.64 -34.78
N LEU G 49 5.37 10.52 -35.78
CA LEU G 49 6.54 10.49 -36.66
C LEU G 49 7.81 10.92 -35.93
N SER G 50 7.69 11.84 -34.98
CA SER G 50 8.85 12.36 -34.25
C SER G 50 9.20 11.55 -33.02
N PHE G 51 8.32 10.65 -32.57
CA PHE G 51 8.58 9.93 -31.32
C PHE G 51 9.78 9.00 -31.45
N ILE G 52 9.83 8.22 -32.52
CA ILE G 52 10.96 7.29 -32.71
C ILE G 52 12.29 8.02 -32.86
N PRO G 53 12.40 9.08 -33.67
CA PRO G 53 13.66 9.85 -33.67
C PRO G 53 14.00 10.43 -32.32
N LYS G 54 13.02 10.87 -31.53
CA LYS G 54 13.30 11.37 -30.19
C LYS G 54 13.89 10.27 -29.31
N ILE G 55 13.30 9.07 -29.38
CA ILE G 55 13.82 7.94 -28.61
C ILE G 55 15.25 7.63 -29.03
N VAL G 56 15.51 7.60 -30.35
CA VAL G 56 16.84 7.26 -30.84
C VAL G 56 17.84 8.33 -30.39
N ALA G 57 17.47 9.60 -30.50
CA ALA G 57 18.37 10.68 -30.11
C ALA G 57 18.67 10.63 -28.61
N VAL G 58 17.67 10.37 -27.78
CA VAL G 58 17.90 10.29 -26.35
C VAL G 58 18.77 9.10 -26.01
N PHE G 59 18.55 7.97 -26.70
CA PHE G 59 19.40 6.80 -26.49
C PHE G 59 20.85 7.09 -26.86
N ILE G 60 21.07 7.77 -27.99
CA ILE G 60 22.42 8.13 -28.41
C ILE G 60 23.07 9.08 -27.40
N ALA G 61 22.30 10.07 -26.93
CA ALA G 61 22.84 11.02 -25.95
C ALA G 61 23.19 10.31 -24.66
N ILE G 62 22.37 9.35 -24.23
CA ILE G 62 22.67 8.57 -23.03
C ILE G 62 23.96 7.79 -23.22
N ILE G 63 24.15 7.19 -24.39
CA ILE G 63 25.39 6.47 -24.65
C ILE G 63 26.58 7.41 -24.60
N VAL G 64 26.48 8.57 -25.26
CA VAL G 64 27.63 9.47 -25.39
C VAL G 64 27.94 10.14 -24.06
N ALA G 65 26.93 10.70 -23.41
CA ALA G 65 27.13 11.50 -22.20
C ALA G 65 26.86 10.72 -20.92
N GLY G 66 26.84 9.40 -21.01
CA GLY G 66 26.59 8.56 -19.85
C GLY G 66 27.67 8.62 -18.80
N PRO G 67 28.93 8.36 -19.20
CA PRO G 67 30.03 8.44 -18.22
C PRO G 67 30.15 9.79 -17.53
N TRP G 68 29.91 10.88 -18.25
CA TRP G 68 30.05 12.21 -17.64
C TRP G 68 28.98 12.45 -16.59
N MET G 69 27.72 12.10 -16.89
CA MET G 69 26.67 12.24 -15.90
C MET G 69 26.90 11.31 -14.71
N LEU G 70 27.39 10.10 -14.98
CA LEU G 70 27.70 9.18 -13.88
C LEU G 70 28.78 9.73 -12.98
N ASN G 71 29.83 10.31 -13.57
CA ASN G 71 30.89 10.90 -12.76
C ASN G 71 30.36 12.07 -11.95
N LEU G 72 29.50 12.90 -12.54
CA LEU G 72 28.89 13.98 -11.77
C LEU G 72 28.12 13.44 -10.58
N LEU G 73 27.28 12.42 -10.81
CA LEU G 73 26.48 11.87 -9.71
C LEU G 73 27.35 11.27 -8.62
N LEU G 74 28.36 10.49 -9.02
CA LEU G 74 29.23 9.85 -8.04
C LEU G 74 30.01 10.88 -7.24
N ASP G 75 30.54 11.91 -7.90
CA ASP G 75 31.26 12.96 -7.18
C ASP G 75 30.33 13.70 -6.23
N TYR G 76 29.10 13.99 -6.66
CA TYR G 76 28.15 14.68 -5.79
C TYR G 76 27.83 13.85 -4.56
N VAL G 77 27.58 12.55 -4.75
CA VAL G 77 27.25 11.68 -3.63
C VAL G 77 28.43 11.56 -2.68
N ARG G 78 29.64 11.40 -3.23
CA ARG G 78 30.82 11.28 -2.38
C ARG G 78 31.08 12.55 -1.59
N THR G 79 30.90 13.71 -2.22
CA THR G 79 31.07 14.97 -1.49
C THR G 79 30.01 15.11 -0.41
N LEU G 80 28.77 14.71 -0.70
CA LEU G 80 27.72 14.76 0.31
C LEU G 80 28.08 13.89 1.51
N PHE G 81 28.53 12.67 1.26
CA PHE G 81 28.90 11.77 2.35
C PHE G 81 30.09 12.31 3.13
N SER G 82 31.08 12.89 2.44
CA SER G 82 32.25 13.42 3.12
C SER G 82 31.90 14.63 3.98
N ASN G 83 31.01 15.49 3.51
CA ASN G 83 30.64 16.70 4.24
C ASN G 83 29.50 16.48 5.22
N LEU G 84 28.91 15.28 5.23
CA LEU G 84 27.86 14.99 6.21
C LEU G 84 28.28 15.23 7.65
N PRO G 85 29.45 14.75 8.12
CA PRO G 85 29.83 15.06 9.51
C PRO G 85 30.01 16.55 9.78
N TYR G 86 30.43 17.32 8.78
CA TYR G 86 30.69 18.74 9.01
C TYR G 86 29.41 19.54 9.14
N ILE G 87 28.33 19.10 8.49
CA ILE G 87 27.08 19.86 8.52
C ILE G 87 26.30 19.62 9.80
N ILE G 88 26.63 18.59 10.57
CA ILE G 88 25.90 18.29 11.80
C ILE G 88 26.33 19.26 12.89
N GLY G 89 25.34 19.84 13.56
CA GLY G 89 25.59 20.77 14.65
C GLY G 89 25.53 20.11 16.02
N MET H 1 32.89 -5.00 -7.48
CA MET H 1 32.10 -4.70 -8.67
C MET H 1 32.49 -3.33 -9.21
N THR H 2 33.53 -3.29 -10.03
CA THR H 2 34.09 -2.04 -10.49
C THR H 2 33.12 -1.33 -11.45
N PRO H 3 33.22 0.00 -11.56
CA PRO H 3 32.38 0.71 -12.53
C PRO H 3 32.60 0.28 -13.96
N GLU H 4 33.78 -0.22 -14.32
CA GLU H 4 34.00 -0.72 -15.67
C GLU H 4 33.12 -1.94 -15.95
N SER H 5 32.99 -2.84 -14.98
CA SER H 5 32.08 -3.97 -15.14
C SER H 5 30.64 -3.50 -15.30
N VAL H 6 30.25 -2.48 -14.54
CA VAL H 6 28.90 -1.94 -14.67
C VAL H 6 28.69 -1.37 -16.06
N MET H 7 29.69 -0.64 -16.58
CA MET H 7 29.57 -0.06 -17.91
C MET H 7 29.48 -1.13 -18.99
N MET H 8 30.33 -2.16 -18.93
CA MET H 8 30.26 -3.19 -19.96
C MET H 8 28.94 -3.95 -19.89
N MET H 9 28.48 -4.26 -18.67
CA MET H 9 27.19 -4.91 -18.51
C MET H 9 26.05 -4.04 -19.03
N GLY H 10 26.11 -2.74 -18.76
CA GLY H 10 25.07 -1.84 -19.24
C GLY H 10 25.05 -1.71 -20.75
N THR H 11 26.23 -1.62 -21.37
CA THR H 11 26.28 -1.56 -22.83
C THR H 11 25.78 -2.85 -23.46
N GLU H 12 26.11 -4.00 -22.86
CA GLU H 12 25.59 -5.26 -23.38
C GLU H 12 24.06 -5.32 -23.25
N ALA H 13 23.54 -4.83 -22.12
CA ALA H 13 22.09 -4.77 -21.94
C ALA H 13 21.44 -3.84 -22.95
N MET H 14 22.06 -2.70 -23.23
CA MET H 14 21.52 -1.78 -24.24
C MET H 14 21.57 -2.41 -25.62
N LYS H 15 22.62 -3.20 -25.90
CA LYS H 15 22.67 -3.94 -27.16
C LYS H 15 21.51 -4.90 -27.27
N VAL H 16 21.23 -5.65 -26.20
CA VAL H 16 20.09 -6.58 -26.21
C VAL H 16 18.78 -5.83 -26.41
N ALA H 17 18.61 -4.71 -25.71
CA ALA H 17 17.38 -3.94 -25.82
C ALA H 17 17.21 -3.39 -27.24
N LEU H 18 18.29 -2.88 -27.83
CA LEU H 18 18.23 -2.38 -29.19
C LEU H 18 17.89 -3.48 -30.17
N ALA H 19 18.51 -4.66 -30.02
CA ALA H 19 18.18 -5.78 -30.89
C ALA H 19 16.72 -6.19 -30.75
N LEU H 20 16.18 -6.11 -29.52
CA LEU H 20 14.76 -6.40 -29.33
C LEU H 20 13.87 -5.37 -30.01
N ALA H 21 14.25 -4.09 -29.94
CA ALA H 21 13.38 -3.01 -30.37
C ALA H 21 13.66 -2.51 -31.79
N ALA H 22 14.86 -2.77 -32.32
CA ALA H 22 15.19 -2.23 -33.64
C ALA H 22 14.23 -2.68 -34.73
N PRO H 23 13.88 -3.96 -34.88
CA PRO H 23 12.96 -4.33 -35.97
C PRO H 23 11.58 -3.69 -35.84
N LEU H 24 11.00 -3.73 -34.64
CA LEU H 24 9.64 -3.22 -34.46
C LEU H 24 9.58 -1.71 -34.71
N LEU H 25 10.47 -0.96 -34.05
CA LEU H 25 10.48 0.48 -34.26
C LEU H 25 10.83 0.84 -35.70
N LEU H 26 11.74 0.09 -36.32
CA LEU H 26 12.12 0.36 -37.70
C LEU H 26 10.95 0.18 -38.64
N VAL H 27 10.23 -0.94 -38.52
CA VAL H 27 9.12 -1.20 -39.44
C VAL H 27 7.98 -0.21 -39.16
N ALA H 28 7.75 0.13 -37.89
CA ALA H 28 6.71 1.10 -37.57
C ALA H 28 7.03 2.46 -38.19
N LEU H 29 8.28 2.91 -38.06
CA LEU H 29 8.69 4.17 -38.66
C LEU H 29 8.58 4.12 -40.18
N ILE H 30 8.97 3.00 -40.79
CA ILE H 30 8.95 2.91 -42.24
C ILE H 30 7.51 2.97 -42.76
N THR H 31 6.61 2.21 -42.15
CA THR H 31 5.22 2.22 -42.62
C THR H 31 4.55 3.56 -42.34
N GLY H 32 4.87 4.18 -41.19
CA GLY H 32 4.33 5.50 -40.92
C GLY H 32 4.81 6.53 -41.93
N LEU H 33 6.09 6.49 -42.28
CA LEU H 33 6.62 7.42 -43.27
C LEU H 33 6.02 7.18 -44.65
N ILE H 34 5.83 5.91 -45.03
CA ILE H 34 5.23 5.61 -46.32
C ILE H 34 3.80 6.13 -46.38
N ILE H 35 3.03 5.89 -45.32
CA ILE H 35 1.65 6.41 -45.29
C ILE H 35 1.65 7.93 -45.29
N SER H 36 2.65 8.54 -44.63
CA SER H 36 2.74 10.00 -44.64
C SER H 36 3.02 10.52 -46.05
N ILE H 37 3.90 9.84 -46.79
CA ILE H 37 4.16 10.23 -48.17
C ILE H 37 2.89 10.10 -49.00
N LEU H 38 2.11 9.06 -48.75
CA LEU H 38 0.82 8.92 -49.43
C LEU H 38 -0.13 10.06 -49.07
N GLN H 39 -0.16 10.44 -47.79
CA GLN H 39 -0.97 11.57 -47.33
C GLN H 39 -0.52 12.88 -47.95
N ALA H 40 0.75 13.01 -48.28
CA ALA H 40 1.28 14.23 -48.89
C ALA H 40 1.04 14.29 -50.40
N ALA H 41 1.22 13.17 -51.10
CA ALA H 41 1.02 13.16 -52.54
C ALA H 41 -0.43 13.44 -52.90
N THR H 42 -1.36 12.72 -52.28
CA THR H 42 -2.78 12.95 -52.45
C THR H 42 -3.32 13.73 -51.25
N GLN H 43 -4.13 14.74 -51.52
CA GLN H 43 -4.55 15.70 -50.50
C GLN H 43 -5.53 15.03 -49.54
N ILE H 44 -5.00 14.10 -48.76
CA ILE H 44 -5.75 13.37 -47.74
C ILE H 44 -5.29 13.87 -46.38
N ASN H 45 -6.22 14.37 -45.58
CA ASN H 45 -5.91 14.96 -44.28
C ASN H 45 -6.39 14.10 -43.12
N GLU H 46 -6.54 12.79 -43.33
CA GLU H 46 -6.97 11.91 -42.25
C GLU H 46 -5.84 11.72 -41.25
N MET H 47 -6.18 11.82 -39.96
CA MET H 47 -5.16 11.80 -38.92
C MET H 47 -4.75 10.37 -38.57
N THR H 48 -5.70 9.51 -38.22
CA THR H 48 -5.42 8.16 -37.76
C THR H 48 -5.49 7.13 -38.86
N LEU H 49 -5.24 7.52 -40.11
CA LEU H 49 -5.28 6.55 -41.19
C LEU H 49 -4.05 5.65 -41.18
N SER H 50 -2.94 6.13 -40.61
CA SER H 50 -1.70 5.37 -40.58
C SER H 50 -1.64 4.37 -39.43
N PHE H 51 -2.56 4.46 -38.47
CA PHE H 51 -2.47 3.62 -37.28
C PHE H 51 -2.64 2.14 -37.63
N ILE H 52 -3.67 1.81 -38.42
CA ILE H 52 -3.91 0.41 -38.77
C ILE H 52 -2.76 -0.19 -39.56
N PRO H 53 -2.21 0.47 -40.59
CA PRO H 53 -1.01 -0.11 -41.25
C PRO H 53 0.16 -0.28 -40.30
N LYS H 54 0.35 0.64 -39.35
CA LYS H 54 1.45 0.48 -38.39
C LYS H 54 1.22 -0.74 -37.50
N ILE H 55 -0.02 -0.95 -37.05
CA ILE H 55 -0.34 -2.13 -36.26
C ILE H 55 -0.09 -3.39 -37.07
N VAL H 56 -0.50 -3.39 -38.35
CA VAL H 56 -0.30 -4.56 -39.19
C VAL H 56 1.20 -4.84 -39.37
N ALA H 57 1.98 -3.79 -39.61
CA ALA H 57 3.41 -3.97 -39.81
C ALA H 57 4.10 -4.49 -38.55
N VAL H 58 3.73 -3.96 -37.39
CA VAL H 58 4.31 -4.44 -36.13
C VAL H 58 3.88 -5.88 -35.87
N PHE H 59 2.64 -6.22 -36.19
CA PHE H 59 2.16 -7.60 -36.05
C PHE H 59 2.98 -8.54 -36.92
N ILE H 60 3.22 -8.17 -38.18
CA ILE H 60 4.00 -9.01 -39.08
C ILE H 60 5.43 -9.14 -38.59
N ALA H 61 6.01 -8.03 -38.10
CA ALA H 61 7.37 -8.08 -37.59
C ALA H 61 7.48 -9.01 -36.39
N ILE H 62 6.50 -8.96 -35.49
CA ILE H 62 6.52 -9.84 -34.32
C ILE H 62 6.35 -11.30 -34.75
N ILE H 63 5.45 -11.55 -35.70
CA ILE H 63 5.23 -12.92 -36.17
C ILE H 63 6.49 -13.48 -36.82
N VAL H 64 7.14 -12.70 -37.67
CA VAL H 64 8.29 -13.19 -38.41
C VAL H 64 9.50 -13.31 -37.49
N ALA H 65 9.93 -12.19 -36.90
CA ALA H 65 11.15 -12.22 -36.05
C ALA H 65 10.86 -12.52 -34.58
N GLY H 66 9.75 -13.18 -34.30
CA GLY H 66 9.43 -13.60 -32.91
C GLY H 66 10.38 -14.54 -32.21
N PRO H 67 10.65 -15.74 -32.76
CA PRO H 67 11.51 -16.72 -32.09
C PRO H 67 12.93 -16.20 -31.97
N TRP H 68 13.39 -15.37 -32.91
CA TRP H 68 14.76 -14.85 -32.82
C TRP H 68 14.93 -13.95 -31.60
N MET H 69 14.03 -12.98 -31.42
CA MET H 69 14.11 -12.12 -30.25
C MET H 69 13.90 -12.91 -28.97
N LEU H 70 12.96 -13.87 -28.98
CA LEU H 70 12.73 -14.67 -27.79
C LEU H 70 13.97 -15.46 -27.40
N ASN H 71 14.62 -16.10 -28.37
CA ASN H 71 15.82 -16.88 -28.08
C ASN H 71 16.95 -15.98 -27.60
N LEU H 72 17.12 -14.82 -28.24
CA LEU H 72 18.16 -13.89 -27.82
C LEU H 72 17.96 -13.45 -26.38
N LEU H 73 16.73 -13.06 -26.04
CA LEU H 73 16.46 -12.60 -24.69
C LEU H 73 16.62 -13.72 -23.67
N LEU H 74 16.15 -14.93 -24.01
CA LEU H 74 16.30 -16.05 -23.09
C LEU H 74 17.77 -16.39 -22.85
N ASP H 75 18.57 -16.39 -23.92
CA ASP H 75 20.00 -16.67 -23.76
C ASP H 75 20.67 -15.61 -22.91
N TYR H 76 20.31 -14.34 -23.13
CA TYR H 76 20.88 -13.27 -22.32
C TYR H 76 20.54 -13.44 -20.85
N VAL H 77 19.28 -13.76 -20.55
CA VAL H 77 18.86 -13.92 -19.16
C VAL H 77 19.53 -15.13 -18.53
N ARG H 78 19.68 -16.22 -19.29
CA ARG H 78 20.38 -17.39 -18.78
C ARG H 78 21.82 -17.06 -18.44
N THR H 79 22.50 -16.34 -19.33
CA THR H 79 23.89 -15.97 -19.07
C THR H 79 23.99 -15.07 -17.84
N LEU H 80 23.07 -14.10 -17.72
CA LEU H 80 23.11 -13.19 -16.58
C LEU H 80 22.88 -13.93 -15.27
N PHE H 81 21.90 -14.84 -15.24
CA PHE H 81 21.61 -15.56 -14.01
C PHE H 81 22.68 -16.60 -13.69
N SER H 82 23.39 -17.09 -14.72
CA SER H 82 24.49 -18.02 -14.46
C SER H 82 25.71 -17.29 -13.93
N ASN H 83 25.95 -16.07 -14.40
CA ASN H 83 27.07 -15.26 -13.92
C ASN H 83 26.74 -14.49 -12.65
N LEU H 84 25.48 -14.51 -12.21
CA LEU H 84 25.10 -13.84 -10.96
C LEU H 84 25.96 -14.25 -9.77
N PRO H 85 26.22 -15.54 -9.49
CA PRO H 85 27.00 -15.87 -8.30
C PRO H 85 28.50 -15.66 -8.46
N TYR H 86 28.91 -15.08 -9.59
CA TYR H 86 30.32 -14.83 -9.86
C TYR H 86 30.66 -13.36 -10.04
N ILE H 87 29.73 -12.54 -10.53
CA ILE H 87 30.01 -11.11 -10.68
C ILE H 87 29.98 -10.38 -9.35
N ILE H 88 29.43 -10.99 -8.30
CA ILE H 88 29.33 -10.34 -7.00
C ILE H 88 30.54 -10.61 -6.12
N GLY H 89 31.41 -11.53 -6.50
CA GLY H 89 32.59 -11.84 -5.70
C GLY H 89 32.73 -13.31 -5.38
N MET I 1 6.48 -26.75 -20.95
CA MET I 1 6.41 -25.30 -20.97
C MET I 1 7.59 -24.77 -21.79
N THR I 2 7.87 -25.47 -22.89
CA THR I 2 8.99 -25.14 -23.77
C THR I 2 8.69 -23.83 -24.52
N PRO I 3 9.73 -23.11 -24.97
CA PRO I 3 9.47 -21.90 -25.75
C PRO I 3 8.64 -22.13 -27.00
N GLU I 4 8.71 -23.33 -27.61
CA GLU I 4 7.86 -23.61 -28.76
C GLU I 4 6.39 -23.62 -28.37
N SER I 5 6.06 -24.22 -27.23
CA SER I 5 4.68 -24.21 -26.76
C SER I 5 4.21 -22.80 -26.42
N VAL I 6 5.10 -21.99 -25.83
CA VAL I 6 4.76 -20.61 -25.52
C VAL I 6 4.49 -19.84 -26.80
N MET I 7 5.32 -20.05 -27.83
CA MET I 7 5.09 -19.39 -29.12
C MET I 7 3.79 -19.85 -29.75
N MET I 8 3.47 -21.13 -29.62
CA MET I 8 2.20 -21.63 -30.16
C MET I 8 1.01 -20.98 -29.45
N MET I 9 1.06 -20.89 -28.12
CA MET I 9 -0.01 -20.22 -27.40
C MET I 9 -0.09 -18.74 -27.79
N GLY I 10 1.07 -18.10 -27.95
CA GLY I 10 1.08 -16.69 -28.32
C GLY I 10 0.48 -16.45 -29.70
N THR I 11 0.80 -17.32 -30.66
CA THR I 11 0.26 -17.14 -32.00
C THR I 11 -1.23 -17.49 -32.05
N GLU I 12 -1.67 -18.46 -31.25
CA GLU I 12 -3.10 -18.72 -31.14
C GLU I 12 -3.84 -17.51 -30.57
N ALA I 13 -3.28 -16.91 -29.51
CA ALA I 13 -3.87 -15.72 -28.92
C ALA I 13 -3.86 -14.56 -29.90
N MET I 14 -2.79 -14.43 -30.67
CA MET I 14 -2.70 -13.36 -31.66
C MET I 14 -3.73 -13.55 -32.76
N LYS I 15 -3.94 -14.79 -33.21
CA LYS I 15 -4.98 -15.05 -34.20
C LYS I 15 -6.36 -14.72 -33.63
N VAL I 16 -6.61 -15.10 -32.37
CA VAL I 16 -7.90 -14.80 -31.75
C VAL I 16 -8.10 -13.30 -31.66
N ALA I 17 -7.07 -12.56 -31.26
CA ALA I 17 -7.17 -11.10 -31.16
C ALA I 17 -7.39 -10.47 -32.53
N LEU I 18 -6.69 -10.96 -33.55
CA LEU I 18 -6.86 -10.42 -34.89
C LEU I 18 -8.28 -10.65 -35.40
N ALA I 19 -8.79 -11.88 -35.27
CA ALA I 19 -10.16 -12.15 -35.69
C ALA I 19 -11.16 -11.37 -34.83
N LEU I 20 -10.78 -11.04 -33.60
CA LEU I 20 -11.66 -10.29 -32.72
C LEU I 20 -11.74 -8.82 -33.13
N ALA I 21 -10.64 -8.26 -33.62
CA ALA I 21 -10.57 -6.84 -33.94
C ALA I 21 -10.52 -6.55 -35.42
N ALA I 22 -10.46 -7.57 -36.29
CA ALA I 22 -10.44 -7.33 -37.73
C ALA I 22 -11.68 -6.59 -38.21
N PRO I 23 -12.91 -7.00 -37.87
CA PRO I 23 -14.07 -6.26 -38.42
C PRO I 23 -14.07 -4.79 -38.03
N LEU I 24 -13.90 -4.49 -36.74
CA LEU I 24 -13.95 -3.10 -36.30
C LEU I 24 -12.87 -2.26 -36.96
N LEU I 25 -11.62 -2.74 -36.94
CA LEU I 25 -10.52 -1.97 -37.49
C LEU I 25 -10.66 -1.78 -38.99
N LEU I 26 -11.01 -2.84 -39.73
CA LEU I 26 -11.14 -2.71 -41.17
C LEU I 26 -12.30 -1.80 -41.55
N VAL I 27 -13.43 -1.90 -40.86
CA VAL I 27 -14.56 -1.02 -41.17
C VAL I 27 -14.22 0.43 -40.86
N ALA I 28 -13.56 0.67 -39.72
CA ALA I 28 -13.17 2.04 -39.38
C ALA I 28 -12.19 2.59 -40.41
N LEU I 29 -11.22 1.77 -40.83
CA LEU I 29 -10.26 2.20 -41.84
C LEU I 29 -10.94 2.53 -43.15
N ILE I 30 -11.87 1.67 -43.59
CA ILE I 30 -12.55 1.91 -44.85
C ILE I 30 -13.38 3.18 -44.79
N THR I 31 -14.11 3.37 -43.69
CA THR I 31 -14.94 4.56 -43.54
C THR I 31 -14.09 5.83 -43.53
N GLY I 32 -12.99 5.81 -42.77
CA GLY I 32 -12.11 6.96 -42.77
C GLY I 32 -11.53 7.25 -44.13
N LEU I 33 -11.11 6.21 -44.85
CA LEU I 33 -10.53 6.40 -46.17
C LEU I 33 -11.54 6.99 -47.14
N ILE I 34 -12.78 6.48 -47.15
CA ILE I 34 -13.76 6.97 -48.10
C ILE I 34 -14.18 8.39 -47.75
N ILE I 35 -14.31 8.70 -46.46
CA ILE I 35 -14.68 10.07 -46.08
C ILE I 35 -13.57 11.04 -46.44
N SER I 36 -12.31 10.64 -46.23
CA SER I 36 -11.18 11.49 -46.60
C SER I 36 -11.12 11.70 -48.11
N ILE I 37 -11.39 10.65 -48.88
CA ILE I 37 -11.40 10.79 -50.34
C ILE I 37 -12.50 11.74 -50.77
N LEU I 38 -13.69 11.63 -50.16
CA LEU I 38 -14.78 12.53 -50.50
C LEU I 38 -14.43 13.97 -50.15
N GLN I 39 -13.79 14.18 -49.00
CA GLN I 39 -13.36 15.53 -48.62
C GLN I 39 -12.34 16.08 -49.61
N ALA I 40 -11.39 15.23 -50.04
CA ALA I 40 -10.39 15.68 -51.00
C ALA I 40 -11.04 16.05 -52.33
N ALA I 41 -12.01 15.26 -52.79
CA ALA I 41 -12.67 15.54 -54.05
C ALA I 41 -13.49 16.83 -53.97
N THR I 42 -14.03 17.13 -52.80
CA THR I 42 -14.88 18.29 -52.60
C THR I 42 -14.06 19.52 -52.19
N GLN I 43 -12.74 19.38 -52.13
CA GLN I 43 -11.79 20.42 -51.70
C GLN I 43 -12.27 21.18 -50.46
N ILE I 44 -12.97 20.50 -49.56
CA ILE I 44 -13.25 21.01 -48.22
C ILE I 44 -12.77 19.97 -47.23
N ASN I 45 -12.31 20.44 -46.07
CA ASN I 45 -11.70 19.51 -45.11
C ASN I 45 -11.97 19.94 -43.67
N GLU I 46 -12.70 19.10 -42.95
CA GLU I 46 -12.75 19.17 -41.49
C GLU I 46 -12.29 17.82 -40.94
N MET I 47 -11.27 17.84 -40.08
CA MET I 47 -10.69 16.58 -39.61
C MET I 47 -11.68 15.78 -38.78
N THR I 48 -12.50 16.45 -37.97
CA THR I 48 -13.46 15.76 -37.13
C THR I 48 -14.76 15.46 -37.86
N LEU I 49 -14.83 15.74 -39.16
CA LEU I 49 -16.00 15.36 -39.94
C LEU I 49 -16.09 13.84 -40.08
N SER I 50 -14.94 13.17 -40.19
CA SER I 50 -14.93 11.73 -40.41
C SER I 50 -15.17 10.94 -39.13
N PHE I 51 -15.13 11.58 -37.96
CA PHE I 51 -15.28 10.85 -36.70
C PHE I 51 -16.67 10.25 -36.57
N ILE I 52 -17.71 11.02 -36.91
CA ILE I 52 -19.07 10.51 -36.77
C ILE I 52 -19.35 9.33 -37.69
N PRO I 53 -19.00 9.36 -38.98
CA PRO I 53 -19.18 8.13 -39.79
C PRO I 53 -18.37 6.96 -39.28
N LYS I 54 -17.17 7.20 -38.74
CA LYS I 54 -16.39 6.13 -38.16
C LYS I 54 -17.10 5.50 -36.97
N ILE I 55 -17.66 6.34 -36.09
CA ILE I 55 -18.38 5.84 -34.93
C ILE I 55 -19.61 5.05 -35.37
N VAL I 56 -20.34 5.57 -36.36
CA VAL I 56 -21.53 4.88 -36.83
C VAL I 56 -21.16 3.52 -37.42
N ALA I 57 -20.09 3.49 -38.22
CA ALA I 57 -19.65 2.24 -38.85
C ALA I 57 -19.23 1.21 -37.80
N VAL I 58 -18.46 1.66 -36.79
CA VAL I 58 -18.04 0.74 -35.73
C VAL I 58 -19.25 0.25 -34.94
N PHE I 59 -20.21 1.14 -34.67
CA PHE I 59 -21.42 0.77 -33.96
C PHE I 59 -22.21 -0.28 -34.73
N ILE I 60 -22.31 -0.13 -36.05
CA ILE I 60 -23.00 -1.12 -36.87
C ILE I 60 -22.23 -2.44 -36.86
N ALA I 61 -20.90 -2.37 -36.97
CA ALA I 61 -20.09 -3.58 -37.02
C ALA I 61 -20.21 -4.38 -35.73
N ILE I 62 -20.26 -3.69 -34.58
CA ILE I 62 -20.43 -4.39 -33.31
C ILE I 62 -21.76 -5.12 -33.26
N ILE I 63 -22.82 -4.51 -33.80
CA ILE I 63 -24.12 -5.18 -33.83
C ILE I 63 -24.06 -6.40 -34.75
N VAL I 64 -23.49 -6.24 -35.94
CA VAL I 64 -23.50 -7.31 -36.93
C VAL I 64 -22.57 -8.46 -36.55
N ALA I 65 -21.37 -8.15 -36.06
CA ALA I 65 -20.36 -9.17 -35.79
C ALA I 65 -20.19 -9.47 -34.30
N GLY I 66 -21.07 -8.95 -33.45
CA GLY I 66 -20.95 -9.13 -32.02
C GLY I 66 -21.02 -10.57 -31.55
N PRO I 67 -22.10 -11.29 -31.91
CA PRO I 67 -22.22 -12.68 -31.44
C PRO I 67 -21.07 -13.58 -31.85
N TRP I 68 -20.56 -13.42 -33.08
CA TRP I 68 -19.48 -14.28 -33.55
C TRP I 68 -18.20 -14.01 -32.77
N MET I 69 -17.88 -12.73 -32.55
CA MET I 69 -16.70 -12.38 -31.77
C MET I 69 -16.83 -12.87 -30.33
N LEU I 70 -18.02 -12.72 -29.74
CA LEU I 70 -18.25 -13.17 -28.38
C LEU I 70 -18.09 -14.69 -28.27
N ASN I 71 -18.60 -15.42 -29.27
CA ASN I 71 -18.45 -16.87 -29.27
C ASN I 71 -16.99 -17.28 -29.39
N LEU I 72 -16.23 -16.57 -30.24
CA LEU I 72 -14.80 -16.85 -30.35
C LEU I 72 -14.10 -16.66 -29.01
N LEU I 73 -14.36 -15.53 -28.36
CA LEU I 73 -13.73 -15.24 -27.08
C LEU I 73 -14.10 -16.29 -26.03
N LEU I 74 -15.38 -16.62 -25.94
CA LEU I 74 -15.83 -17.60 -24.96
C LEU I 74 -15.20 -18.97 -25.22
N ASP I 75 -15.18 -19.44 -26.46
CA ASP I 75 -14.57 -20.73 -26.77
C ASP I 75 -13.08 -20.74 -26.44
N TYR I 76 -12.36 -19.69 -26.82
CA TYR I 76 -10.92 -19.68 -26.60
C TYR I 76 -10.59 -19.63 -25.11
N VAL I 77 -11.34 -18.84 -24.34
CA VAL I 77 -11.08 -18.75 -22.90
C VAL I 77 -11.43 -20.06 -22.21
N ARG I 78 -12.52 -20.71 -22.65
CA ARG I 78 -12.84 -22.03 -22.11
C ARG I 78 -11.75 -23.04 -22.41
N THR I 79 -11.19 -23.03 -23.63
CA THR I 79 -10.09 -23.94 -23.94
C THR I 79 -8.89 -23.66 -23.05
N LEU I 80 -8.56 -22.39 -22.83
CA LEU I 80 -7.43 -22.06 -21.96
C LEU I 80 -7.66 -22.58 -20.54
N PHE I 81 -8.83 -22.31 -19.98
CA PHE I 81 -9.09 -22.71 -18.60
C PHE I 81 -9.24 -24.22 -18.45
N SER I 82 -9.63 -24.91 -19.52
CA SER I 82 -9.68 -26.37 -19.48
C SER I 82 -8.30 -26.99 -19.59
N ASN I 83 -7.41 -26.40 -20.40
CA ASN I 83 -6.07 -26.91 -20.58
C ASN I 83 -5.10 -26.46 -19.49
N LEU I 84 -5.50 -25.52 -18.65
CA LEU I 84 -4.62 -25.06 -17.56
C LEU I 84 -4.06 -26.20 -16.72
N PRO I 85 -4.85 -27.12 -16.17
CA PRO I 85 -4.26 -28.20 -15.36
C PRO I 85 -3.37 -29.13 -16.15
N TYR I 86 -3.49 -29.15 -17.48
CA TYR I 86 -2.63 -29.97 -18.31
C TYR I 86 -1.42 -29.22 -18.84
N ILE I 87 -1.46 -27.89 -18.85
CA ILE I 87 -0.30 -27.11 -19.28
C ILE I 87 0.48 -26.52 -18.11
N ILE I 88 0.10 -26.81 -16.86
CA ILE I 88 0.97 -26.46 -15.74
C ILE I 88 2.33 -27.11 -15.90
N GLY I 89 2.37 -28.31 -16.46
CA GLY I 89 3.61 -29.05 -16.63
C GLY I 89 3.43 -30.55 -16.51
N MET J 1 -26.57 -17.02 -16.65
CA MET J 1 -26.17 -15.75 -17.21
C MET J 1 -25.76 -16.00 -18.66
N THR J 2 -26.75 -16.31 -19.50
CA THR J 2 -26.47 -16.79 -20.85
C THR J 2 -25.92 -15.67 -21.73
N PRO J 3 -25.11 -16.02 -22.74
CA PRO J 3 -24.60 -14.99 -23.66
C PRO J 3 -25.69 -14.24 -24.40
N GLU J 4 -26.84 -14.87 -24.67
CA GLU J 4 -27.93 -14.15 -25.32
C GLU J 4 -28.47 -13.04 -24.44
N SER J 5 -28.58 -13.28 -23.12
CA SER J 5 -28.99 -12.22 -22.21
C SER J 5 -28.00 -11.07 -22.22
N VAL J 6 -26.70 -11.38 -22.22
CA VAL J 6 -25.68 -10.35 -22.28
C VAL J 6 -25.80 -9.55 -23.57
N MET J 7 -26.03 -10.23 -24.69
CA MET J 7 -26.14 -9.54 -25.97
C MET J 7 -27.37 -8.65 -26.02
N MET J 8 -28.50 -9.12 -25.49
CA MET J 8 -29.69 -8.28 -25.45
C MET J 8 -29.49 -7.07 -24.55
N MET J 9 -28.85 -7.26 -23.40
CA MET J 9 -28.57 -6.14 -22.51
C MET J 9 -27.64 -5.13 -23.17
N GLY J 10 -26.62 -5.62 -23.86
CA GLY J 10 -25.72 -4.72 -24.58
C GLY J 10 -26.42 -4.00 -25.72
N THR J 11 -27.33 -4.68 -26.41
CA THR J 11 -28.09 -4.04 -27.48
C THR J 11 -28.96 -2.92 -26.92
N GLU J 12 -29.63 -3.17 -25.78
CA GLU J 12 -30.42 -2.12 -25.15
C GLU J 12 -29.54 -0.95 -24.72
N ALA J 13 -28.37 -1.25 -24.15
CA ALA J 13 -27.46 -0.19 -23.73
C ALA J 13 -26.99 0.63 -24.92
N MET J 14 -26.66 -0.03 -26.04
CA MET J 14 -26.21 0.67 -27.22
C MET J 14 -27.33 1.50 -27.84
N LYS J 15 -28.56 1.00 -27.79
CA LYS J 15 -29.69 1.78 -28.26
C LYS J 15 -29.88 3.03 -27.42
N VAL J 16 -29.77 2.90 -26.09
CA VAL J 16 -29.87 4.08 -25.23
C VAL J 16 -28.75 5.06 -25.52
N ALA J 17 -27.52 4.56 -25.70
CA ALA J 17 -26.39 5.43 -25.98
C ALA J 17 -26.57 6.16 -27.30
N LEU J 18 -27.07 5.46 -28.33
CA LEU J 18 -27.34 6.12 -29.60
C LEU J 18 -28.42 7.17 -29.45
N ALA J 19 -29.47 6.87 -28.67
CA ALA J 19 -30.51 7.87 -28.42
C ALA J 19 -29.93 9.10 -27.74
N LEU J 20 -28.95 8.90 -26.85
CA LEU J 20 -28.30 10.03 -26.20
C LEU J 20 -27.52 10.88 -27.19
N ALA J 21 -26.67 10.25 -28.00
CA ALA J 21 -25.71 10.98 -28.81
C ALA J 21 -26.20 11.34 -30.19
N ALA J 22 -27.30 10.74 -30.66
CA ALA J 22 -27.79 11.04 -32.01
C ALA J 22 -28.06 12.53 -32.22
N PRO J 23 -28.79 13.24 -31.35
CA PRO J 23 -29.01 14.66 -31.61
C PRO J 23 -27.75 15.50 -31.56
N LEU J 24 -26.92 15.33 -30.53
CA LEU J 24 -25.71 16.13 -30.39
C LEU J 24 -24.73 15.88 -31.54
N LEU J 25 -24.44 14.60 -31.80
CA LEU J 25 -23.54 14.29 -32.91
C LEU J 25 -24.10 14.72 -34.25
N LEU J 26 -25.41 14.54 -34.48
CA LEU J 26 -26.01 14.93 -35.74
C LEU J 26 -25.93 16.44 -35.95
N VAL J 27 -26.25 17.22 -34.92
CA VAL J 27 -26.20 18.67 -35.09
C VAL J 27 -24.77 19.15 -35.25
N ALA J 28 -23.82 18.55 -34.53
CA ALA J 28 -22.43 18.93 -34.69
C ALA J 28 -21.94 18.62 -36.11
N LEU J 29 -22.28 17.44 -36.63
CA LEU J 29 -21.89 17.08 -37.98
C LEU J 29 -22.52 18.00 -39.02
N ILE J 30 -23.80 18.33 -38.85
CA ILE J 30 -24.49 19.20 -39.81
C ILE J 30 -23.87 20.60 -39.79
N THR J 31 -23.62 21.13 -38.60
CA THR J 31 -23.02 22.45 -38.49
C THR J 31 -21.62 22.47 -39.09
N GLY J 32 -20.82 21.43 -38.83
CA GLY J 32 -19.50 21.35 -39.42
C GLY J 32 -19.54 21.27 -40.94
N LEU J 33 -20.46 20.47 -41.48
CA LEU J 33 -20.60 20.40 -42.93
C LEU J 33 -21.00 21.74 -43.52
N ILE J 34 -21.94 22.43 -42.87
CA ILE J 34 -22.39 23.73 -43.37
C ILE J 34 -21.24 24.73 -43.39
N ILE J 35 -20.46 24.77 -42.31
CA ILE J 35 -19.36 25.71 -42.24
C ILE J 35 -18.27 25.35 -43.24
N SER J 36 -18.01 24.04 -43.42
CA SER J 36 -17.02 23.63 -44.40
C SER J 36 -17.44 24.02 -45.81
N ILE J 37 -18.73 23.88 -46.12
CA ILE J 37 -19.23 24.30 -47.42
C ILE J 37 -19.09 25.81 -47.59
N LEU J 38 -19.44 26.57 -46.54
CA LEU J 38 -19.34 28.03 -46.62
C LEU J 38 -17.90 28.49 -46.75
N GLN J 39 -16.95 27.75 -46.18
CA GLN J 39 -15.54 28.12 -46.28
C GLN J 39 -15.03 28.05 -47.71
N ALA J 40 -15.65 27.22 -48.56
CA ALA J 40 -15.25 27.16 -49.95
C ALA J 40 -15.50 28.49 -50.65
N ALA J 41 -16.62 29.13 -50.35
CA ALA J 41 -16.91 30.44 -50.95
C ALA J 41 -15.92 31.51 -50.50
N THR J 42 -15.54 31.49 -49.22
CA THR J 42 -14.71 32.55 -48.65
C THR J 42 -13.21 32.28 -48.80
N GLN J 43 -12.81 31.05 -49.09
CA GLN J 43 -11.40 30.68 -49.21
C GLN J 43 -10.61 31.05 -47.96
N ILE J 44 -11.19 30.74 -46.80
CA ILE J 44 -10.54 31.01 -45.52
C ILE J 44 -9.85 29.73 -45.06
N ASN J 45 -8.60 29.90 -44.61
CA ASN J 45 -7.78 28.79 -44.17
C ASN J 45 -7.60 28.88 -42.65
N GLU J 46 -8.67 29.28 -41.96
CA GLU J 46 -8.71 29.27 -40.50
C GLU J 46 -9.22 27.90 -40.08
N MET J 47 -8.31 27.08 -39.54
CA MET J 47 -8.55 25.65 -39.37
C MET J 47 -9.75 25.40 -38.46
N THR J 48 -9.74 26.00 -37.26
CA THR J 48 -10.84 25.77 -36.28
C THR J 48 -11.99 26.78 -36.38
N LEU J 49 -12.27 27.30 -37.57
CA LEU J 49 -13.37 28.25 -37.77
C LEU J 49 -14.76 27.75 -37.45
N SER J 50 -14.98 26.44 -37.53
CA SER J 50 -16.29 25.83 -37.28
C SER J 50 -16.53 25.52 -35.81
N PHE J 51 -15.59 25.79 -34.92
CA PHE J 51 -15.69 25.33 -33.55
C PHE J 51 -16.77 26.09 -32.78
N ILE J 52 -16.79 27.42 -32.91
CA ILE J 52 -17.77 28.21 -32.17
C ILE J 52 -19.21 27.91 -32.59
N PRO J 53 -19.55 27.87 -33.88
CA PRO J 53 -20.92 27.46 -34.23
C PRO J 53 -21.25 26.04 -33.82
N LYS J 54 -20.27 25.13 -33.85
CA LYS J 54 -20.50 23.79 -33.33
C LYS J 54 -20.86 23.81 -31.86
N ILE J 55 -20.13 24.62 -31.08
CA ILE J 55 -20.39 24.72 -29.65
C ILE J 55 -21.77 25.29 -29.39
N VAL J 56 -22.14 26.36 -30.10
CA VAL J 56 -23.45 26.96 -29.83
C VAL J 56 -24.57 26.03 -30.27
N ALA J 57 -24.37 25.29 -31.38
CA ALA J 57 -25.39 24.34 -31.82
C ALA J 57 -25.55 23.20 -30.81
N VAL J 58 -24.44 22.68 -30.28
CA VAL J 58 -24.52 21.62 -29.29
C VAL J 58 -25.18 22.13 -28.01
N PHE J 59 -24.86 23.36 -27.61
CA PHE J 59 -25.49 23.94 -26.43
C PHE J 59 -26.99 24.11 -26.64
N ILE J 60 -27.40 24.55 -27.83
CA ILE J 60 -28.83 24.70 -28.13
C ILE J 60 -29.51 23.34 -28.08
N ALA J 61 -28.89 22.32 -28.67
CA ALA J 61 -29.47 20.98 -28.65
C ALA J 61 -29.59 20.46 -27.22
N ILE J 62 -28.59 20.74 -26.39
CA ILE J 62 -28.63 20.29 -25.00
C ILE J 62 -29.74 20.98 -24.24
N ILE J 63 -29.88 22.30 -24.41
CA ILE J 63 -30.91 23.04 -23.69
C ILE J 63 -32.30 22.83 -24.28
N VAL J 64 -32.40 22.21 -25.45
CA VAL J 64 -33.70 21.91 -26.07
C VAL J 64 -34.08 20.45 -25.87
N ALA J 65 -33.16 19.53 -26.13
CA ALA J 65 -33.41 18.10 -26.01
C ALA J 65 -32.75 17.50 -24.78
N GLY J 66 -32.62 18.29 -23.71
CA GLY J 66 -31.98 17.84 -22.49
C GLY J 66 -32.88 16.98 -21.60
N PRO J 67 -34.06 17.49 -21.24
CA PRO J 67 -34.95 16.70 -20.39
C PRO J 67 -35.32 15.34 -20.98
N TRP J 68 -35.42 15.24 -22.31
CA TRP J 68 -35.71 13.95 -22.92
C TRP J 68 -34.58 12.95 -22.66
N MET J 69 -33.33 13.37 -22.85
CA MET J 69 -32.20 12.48 -22.58
C MET J 69 -32.14 12.13 -21.10
N LEU J 70 -32.39 13.12 -20.23
CA LEU J 70 -32.38 12.85 -18.79
C LEU J 70 -33.44 11.82 -18.41
N ASN J 71 -34.64 11.96 -18.97
CA ASN J 71 -35.70 11.00 -18.69
C ASN J 71 -35.34 9.61 -19.20
N LEU J 72 -34.76 9.53 -20.40
CA LEU J 72 -34.34 8.24 -20.93
C LEU J 72 -33.32 7.57 -20.02
N LEU J 73 -32.30 8.32 -19.61
CA LEU J 73 -31.28 7.76 -18.73
C LEU J 73 -31.86 7.35 -17.39
N LEU J 74 -32.72 8.19 -16.80
CA LEU J 74 -33.31 7.85 -15.52
C LEU J 74 -34.13 6.57 -15.61
N ASP J 75 -34.96 6.46 -16.66
CA ASP J 75 -35.78 5.26 -16.82
C ASP J 75 -34.91 4.02 -17.02
N TYR J 76 -33.88 4.13 -17.86
CA TYR J 76 -33.05 2.96 -18.15
C TYR J 76 -32.28 2.50 -16.92
N VAL J 77 -31.69 3.45 -16.18
CA VAL J 77 -30.95 3.09 -14.97
C VAL J 77 -31.89 2.55 -13.91
N ARG J 78 -33.11 3.12 -13.81
CA ARG J 78 -34.07 2.60 -12.85
C ARG J 78 -34.47 1.16 -13.18
N THR J 79 -34.68 0.85 -14.46
CA THR J 79 -34.98 -0.52 -14.84
C THR J 79 -33.82 -1.45 -14.53
N LEU J 80 -32.59 -1.03 -14.81
CA LEU J 80 -31.44 -1.87 -14.49
C LEU J 80 -31.35 -2.14 -13.00
N PHE J 81 -31.50 -1.11 -12.17
CA PHE J 81 -31.35 -1.29 -10.74
C PHE J 81 -32.54 -2.04 -10.14
N SER J 82 -33.69 -2.00 -10.82
CA SER J 82 -34.84 -2.76 -10.36
C SER J 82 -34.72 -4.24 -10.71
N ASN J 83 -34.20 -4.57 -11.89
CA ASN J 83 -34.08 -5.97 -12.27
C ASN J 83 -32.71 -6.56 -11.95
N LEU J 84 -31.84 -5.82 -11.27
CA LEU J 84 -30.62 -6.41 -10.71
C LEU J 84 -30.87 -7.68 -9.92
N PRO J 85 -31.86 -7.77 -9.01
CA PRO J 85 -32.08 -9.03 -8.30
C PRO J 85 -32.47 -10.18 -9.21
N TYR J 86 -32.96 -9.91 -10.42
CA TYR J 86 -33.47 -10.97 -11.29
C TYR J 86 -32.43 -11.50 -12.28
N ILE J 87 -31.41 -10.71 -12.61
CA ILE J 87 -30.43 -11.15 -13.60
C ILE J 87 -29.62 -12.32 -13.06
N ILE J 88 -29.34 -12.32 -11.76
CA ILE J 88 -28.61 -13.43 -11.15
C ILE J 88 -29.50 -14.66 -11.14
N GLY J 89 -28.98 -15.77 -11.66
CA GLY J 89 -29.72 -17.02 -11.70
C GLY J 89 -28.96 -18.17 -11.07
#